data_5XC3
# 
_entry.id   5XC3 
# 
_audit_conform.dict_name       mmcif_pdbx.dic 
_audit_conform.dict_version    5.380 
_audit_conform.dict_location   http://mmcif.pdb.org/dictionaries/ascii/mmcif_pdbx.dic 
# 
loop_
_database_2.database_id 
_database_2.database_code 
_database_2.pdbx_database_accession 
_database_2.pdbx_DOI 
PDB   5XC3         pdb_00005xc3 10.2210/pdb5xc3/pdb 
WWPDB D_1300003267 ?            ?                   
# 
_pdbx_database_related.content_type   unspecified 
_pdbx_database_related.db_id          5XC5 
_pdbx_database_related.db_name        PDB 
_pdbx_database_related.details        . 
# 
_pdbx_database_status.status_code                     REL 
_pdbx_database_status.status_code_sf                  REL 
_pdbx_database_status.status_code_mr                  ? 
_pdbx_database_status.entry_id                        5XC3 
_pdbx_database_status.recvd_initial_deposition_date   2017-03-22 
_pdbx_database_status.SG_entry                        N 
_pdbx_database_status.deposit_site                    PDBJ 
_pdbx_database_status.process_site                    PDBJ 
_pdbx_database_status.status_code_cs                  ? 
_pdbx_database_status.methods_development_category    ? 
_pdbx_database_status.pdb_format_compatible           Y 
_pdbx_database_status.status_code_nmr_data            ? 
# 
loop_
_audit_author.name 
_audit_author.pdbx_ordinal 
_audit_author.identifier_ORCID 
'Ku, B.'    1 ? 
'You, J.A.' 2 ? 
'Kim, S.J.' 3 ? 
# 
_citation.abstract                  ? 
_citation.abstract_id_CAS           ? 
_citation.book_id_ISBN              ? 
_citation.book_publisher            ? 
_citation.book_publisher_city       ? 
_citation.book_title                ? 
_citation.coordinate_linkage        ? 
_citation.country                   ? 
_citation.database_id_Medline       ? 
_citation.details                   ? 
_citation.id                        primary 
_citation.journal_abbrev            'Arch. Virol.' 
_citation.journal_id_ASTM           ? 
_citation.journal_id_CSD            ? 
_citation.journal_id_ISSN           1432-8798 
_citation.journal_full              ? 
_citation.journal_issue             ? 
_citation.journal_volume            162 
_citation.language                  ? 
_citation.page_first                3407 
_citation.page_last                 3416 
_citation.title                     'Crystal structures of two forms of the Acanthamoeba polyphaga mimivirus Rab GTPase' 
_citation.year                      2017 
_citation.database_id_CSD           ? 
_citation.pdbx_database_id_DOI      10.1007/s00705-017-3510-2 
_citation.pdbx_database_id_PubMed   28779233 
_citation.unpublished_flag          ? 
# 
loop_
_citation_author.citation_id 
_citation_author.name 
_citation_author.ordinal 
_citation_author.identifier_ORCID 
primary 'Ku, B.'     1 ? 
primary 'You, J.A.'  2 ? 
primary 'Oh, K.J.'   3 ? 
primary 'Yun, H.Y.'  4 ? 
primary 'Lee, H.S.'  5 ? 
primary 'Shin, H.C.' 6 ? 
primary 'Jung, J.'   7 ? 
primary 'Shin, Y.B.' 8 ? 
primary 'Kim, S.J.'  9 ? 
# 
_cell.angle_alpha                  90.00 
_cell.angle_alpha_esd              ? 
_cell.angle_beta                   90.00 
_cell.angle_beta_esd               ? 
_cell.angle_gamma                  90.00 
_cell.angle_gamma_esd              ? 
_cell.entry_id                     5XC3 
_cell.details                      ? 
_cell.formula_units_Z              ? 
_cell.length_a                     35.575 
_cell.length_a_esd                 ? 
_cell.length_b                     66.726 
_cell.length_b_esd                 ? 
_cell.length_c                     69.754 
_cell.length_c_esd                 ? 
_cell.volume                       ? 
_cell.volume_esd                   ? 
_cell.Z_PDB                        4 
_cell.reciprocal_angle_alpha       ? 
_cell.reciprocal_angle_beta        ? 
_cell.reciprocal_angle_gamma       ? 
_cell.reciprocal_angle_alpha_esd   ? 
_cell.reciprocal_angle_beta_esd    ? 
_cell.reciprocal_angle_gamma_esd   ? 
_cell.reciprocal_length_a          ? 
_cell.reciprocal_length_b          ? 
_cell.reciprocal_length_c          ? 
_cell.reciprocal_length_a_esd      ? 
_cell.reciprocal_length_b_esd      ? 
_cell.reciprocal_length_c_esd      ? 
_cell.pdbx_unique_axis             ? 
# 
_symmetry.entry_id                         5XC3 
_symmetry.cell_setting                     ? 
_symmetry.Int_Tables_number                19 
_symmetry.space_group_name_Hall            ? 
_symmetry.space_group_name_H-M             'P 21 21 21' 
_symmetry.pdbx_full_space_group_name_H-M   ? 
# 
loop_
_entity.id 
_entity.type 
_entity.src_method 
_entity.pdbx_description 
_entity.formula_weight 
_entity.pdbx_number_of_molecules 
_entity.pdbx_ec 
_entity.pdbx_mutation 
_entity.pdbx_fragment 
_entity.details 
1 polymer     man 'Probable Rab-related GTPase' 20209.949 1  ? ? 'UNP residues 9-184' ? 
2 non-polymer syn "GUANOSINE-5'-DIPHOSPHATE"    443.201   1  ? ? ?                    ? 
3 non-polymer syn 'MAGNESIUM ION'               24.305    1  ? ? ?                    ? 
4 water       nat water                         18.015    98 ? ? ?                    ? 
# 
_entity_poly.entity_id                      1 
_entity_poly.type                           'polypeptide(L)' 
_entity_poly.nstd_linkage                   no 
_entity_poly.nstd_monomer                   no 
_entity_poly.pdbx_seq_one_letter_code       
;MENNGYKIILIGSSGVGKSSIVHQFLFNRKISNVSPTIGAAFASKQVIAKNGKTLKLNIWDTAGQERFRSITKMYYTNSL
GCLVVFDVTDRESFDDVYYWINDLRINCHTTYYILVVANKIDIDKNNWRVSENEIKKFCRDNDCDYVFASSFESDTVNNL
FGKMIDKMSEIKINPD
;
_entity_poly.pdbx_seq_one_letter_code_can   
;MENNGYKIILIGSSGVGKSSIVHQFLFNRKISNVSPTIGAAFASKQVIAKNGKTLKLNIWDTAGQERFRSITKMYYTNSL
GCLVVFDVTDRESFDDVYYWINDLRINCHTTYYILVVANKIDIDKNNWRVSENEIKKFCRDNDCDYVFASSFESDTVNNL
FGKMIDKMSEIKINPD
;
_entity_poly.pdbx_strand_id                 A 
_entity_poly.pdbx_target_identifier         ? 
# 
loop_
_entity_poly_seq.entity_id 
_entity_poly_seq.num 
_entity_poly_seq.mon_id 
_entity_poly_seq.hetero 
1 1   MET n 
1 2   GLU n 
1 3   ASN n 
1 4   ASN n 
1 5   GLY n 
1 6   TYR n 
1 7   LYS n 
1 8   ILE n 
1 9   ILE n 
1 10  LEU n 
1 11  ILE n 
1 12  GLY n 
1 13  SER n 
1 14  SER n 
1 15  GLY n 
1 16  VAL n 
1 17  GLY n 
1 18  LYS n 
1 19  SER n 
1 20  SER n 
1 21  ILE n 
1 22  VAL n 
1 23  HIS n 
1 24  GLN n 
1 25  PHE n 
1 26  LEU n 
1 27  PHE n 
1 28  ASN n 
1 29  ARG n 
1 30  LYS n 
1 31  ILE n 
1 32  SER n 
1 33  ASN n 
1 34  VAL n 
1 35  SER n 
1 36  PRO n 
1 37  THR n 
1 38  ILE n 
1 39  GLY n 
1 40  ALA n 
1 41  ALA n 
1 42  PHE n 
1 43  ALA n 
1 44  SER n 
1 45  LYS n 
1 46  GLN n 
1 47  VAL n 
1 48  ILE n 
1 49  ALA n 
1 50  LYS n 
1 51  ASN n 
1 52  GLY n 
1 53  LYS n 
1 54  THR n 
1 55  LEU n 
1 56  LYS n 
1 57  LEU n 
1 58  ASN n 
1 59  ILE n 
1 60  TRP n 
1 61  ASP n 
1 62  THR n 
1 63  ALA n 
1 64  GLY n 
1 65  GLN n 
1 66  GLU n 
1 67  ARG n 
1 68  PHE n 
1 69  ARG n 
1 70  SER n 
1 71  ILE n 
1 72  THR n 
1 73  LYS n 
1 74  MET n 
1 75  TYR n 
1 76  TYR n 
1 77  THR n 
1 78  ASN n 
1 79  SER n 
1 80  LEU n 
1 81  GLY n 
1 82  CYS n 
1 83  LEU n 
1 84  VAL n 
1 85  VAL n 
1 86  PHE n 
1 87  ASP n 
1 88  VAL n 
1 89  THR n 
1 90  ASP n 
1 91  ARG n 
1 92  GLU n 
1 93  SER n 
1 94  PHE n 
1 95  ASP n 
1 96  ASP n 
1 97  VAL n 
1 98  TYR n 
1 99  TYR n 
1 100 TRP n 
1 101 ILE n 
1 102 ASN n 
1 103 ASP n 
1 104 LEU n 
1 105 ARG n 
1 106 ILE n 
1 107 ASN n 
1 108 CYS n 
1 109 HIS n 
1 110 THR n 
1 111 THR n 
1 112 TYR n 
1 113 TYR n 
1 114 ILE n 
1 115 LEU n 
1 116 VAL n 
1 117 VAL n 
1 118 ALA n 
1 119 ASN n 
1 120 LYS n 
1 121 ILE n 
1 122 ASP n 
1 123 ILE n 
1 124 ASP n 
1 125 LYS n 
1 126 ASN n 
1 127 ASN n 
1 128 TRP n 
1 129 ARG n 
1 130 VAL n 
1 131 SER n 
1 132 GLU n 
1 133 ASN n 
1 134 GLU n 
1 135 ILE n 
1 136 LYS n 
1 137 LYS n 
1 138 PHE n 
1 139 CYS n 
1 140 ARG n 
1 141 ASP n 
1 142 ASN n 
1 143 ASP n 
1 144 CYS n 
1 145 ASP n 
1 146 TYR n 
1 147 VAL n 
1 148 PHE n 
1 149 ALA n 
1 150 SER n 
1 151 SER n 
1 152 PHE n 
1 153 GLU n 
1 154 SER n 
1 155 ASP n 
1 156 THR n 
1 157 VAL n 
1 158 ASN n 
1 159 ASN n 
1 160 LEU n 
1 161 PHE n 
1 162 GLY n 
1 163 LYS n 
1 164 MET n 
1 165 ILE n 
1 166 ASP n 
1 167 LYS n 
1 168 MET n 
1 169 SER n 
1 170 GLU n 
1 171 ILE n 
1 172 LYS n 
1 173 ILE n 
1 174 ASN n 
1 175 PRO n 
1 176 ASP n 
# 
_entity_src_gen.entity_id                          1 
_entity_src_gen.pdbx_src_id                        1 
_entity_src_gen.pdbx_alt_source_flag               sample 
_entity_src_gen.pdbx_seq_type                      'Biological sequence' 
_entity_src_gen.pdbx_beg_seq_num                   1 
_entity_src_gen.pdbx_end_seq_num                   176 
_entity_src_gen.gene_src_common_name               APMV 
_entity_src_gen.gene_src_genus                     ? 
_entity_src_gen.pdbx_gene_src_gene                 MIMI_R214 
_entity_src_gen.gene_src_species                   ? 
_entity_src_gen.gene_src_strain                    ? 
_entity_src_gen.gene_src_tissue                    ? 
_entity_src_gen.gene_src_tissue_fraction           ? 
_entity_src_gen.gene_src_details                   ? 
_entity_src_gen.pdbx_gene_src_fragment             ? 
_entity_src_gen.pdbx_gene_src_scientific_name      'Acanthamoeba polyphaga mimivirus' 
_entity_src_gen.pdbx_gene_src_ncbi_taxonomy_id     212035 
_entity_src_gen.pdbx_gene_src_variant              ? 
_entity_src_gen.pdbx_gene_src_cell_line            ? 
_entity_src_gen.pdbx_gene_src_atcc                 ? 
_entity_src_gen.pdbx_gene_src_organ                ? 
_entity_src_gen.pdbx_gene_src_organelle            ? 
_entity_src_gen.pdbx_gene_src_cell                 ? 
_entity_src_gen.pdbx_gene_src_cellular_location    ? 
_entity_src_gen.host_org_common_name               ? 
_entity_src_gen.pdbx_host_org_scientific_name      'Escherichia coli' 
_entity_src_gen.pdbx_host_org_ncbi_taxonomy_id     562 
_entity_src_gen.host_org_genus                     ? 
_entity_src_gen.pdbx_host_org_gene                 ? 
_entity_src_gen.pdbx_host_org_organ                ? 
_entity_src_gen.host_org_species                   ? 
_entity_src_gen.pdbx_host_org_tissue               ? 
_entity_src_gen.pdbx_host_org_tissue_fraction      ? 
_entity_src_gen.pdbx_host_org_strain               ? 
_entity_src_gen.pdbx_host_org_variant              ? 
_entity_src_gen.pdbx_host_org_cell_line            ? 
_entity_src_gen.pdbx_host_org_atcc                 ? 
_entity_src_gen.pdbx_host_org_culture_collection   ? 
_entity_src_gen.pdbx_host_org_cell                 ? 
_entity_src_gen.pdbx_host_org_organelle            ? 
_entity_src_gen.pdbx_host_org_cellular_location    ? 
_entity_src_gen.pdbx_host_org_vector_type          ? 
_entity_src_gen.pdbx_host_org_vector               ? 
_entity_src_gen.host_org_details                   ? 
_entity_src_gen.expression_system_id               ? 
_entity_src_gen.plasmid_name                       ? 
_entity_src_gen.plasmid_details                    ? 
_entity_src_gen.pdbx_description                   ? 
# 
_struct_ref.id                         1 
_struct_ref.db_name                    UNP 
_struct_ref.db_code                    RABL_MIMIV 
_struct_ref.pdbx_db_accession          Q5UQ27 
_struct_ref.pdbx_db_isoform            ? 
_struct_ref.entity_id                  1 
_struct_ref.pdbx_seq_one_letter_code   
;MENNGYKIILIGSSGVGKSSIVHQFLFNRKISNVSPTIGAAFASKQVIAKNGKTLKLNIWDTAGQERFRSITKMYYTNSL
GCLVVFDVTDRESFDDVYYWINDLRINCHTTYYILVVANKIDIDKNNWRVSENEIKKFCRDNDCDYVFASSFESDTVNNL
FGKMIDKMSEIKINPD
;
_struct_ref.pdbx_align_begin           9 
# 
_struct_ref_seq.align_id                      1 
_struct_ref_seq.ref_id                        1 
_struct_ref_seq.pdbx_PDB_id_code              5XC3 
_struct_ref_seq.pdbx_strand_id                A 
_struct_ref_seq.seq_align_beg                 1 
_struct_ref_seq.pdbx_seq_align_beg_ins_code   ? 
_struct_ref_seq.seq_align_end                 176 
_struct_ref_seq.pdbx_seq_align_end_ins_code   ? 
_struct_ref_seq.pdbx_db_accession             Q5UQ27 
_struct_ref_seq.db_align_beg                  9 
_struct_ref_seq.pdbx_db_align_beg_ins_code    ? 
_struct_ref_seq.db_align_end                  184 
_struct_ref_seq.pdbx_db_align_end_ins_code    ? 
_struct_ref_seq.pdbx_auth_seq_align_beg       1 
_struct_ref_seq.pdbx_auth_seq_align_end       176 
# 
loop_
_chem_comp.id 
_chem_comp.type 
_chem_comp.mon_nstd_flag 
_chem_comp.name 
_chem_comp.pdbx_synonyms 
_chem_comp.formula 
_chem_comp.formula_weight 
ALA 'L-peptide linking' y ALANINE                    ? 'C3 H7 N O2'        89.093  
ARG 'L-peptide linking' y ARGININE                   ? 'C6 H15 N4 O2 1'    175.209 
ASN 'L-peptide linking' y ASPARAGINE                 ? 'C4 H8 N2 O3'       132.118 
ASP 'L-peptide linking' y 'ASPARTIC ACID'            ? 'C4 H7 N O4'        133.103 
CYS 'L-peptide linking' y CYSTEINE                   ? 'C3 H7 N O2 S'      121.158 
GDP 'RNA linking'       n "GUANOSINE-5'-DIPHOSPHATE" ? 'C10 H15 N5 O11 P2' 443.201 
GLN 'L-peptide linking' y GLUTAMINE                  ? 'C5 H10 N2 O3'      146.144 
GLU 'L-peptide linking' y 'GLUTAMIC ACID'            ? 'C5 H9 N O4'        147.129 
GLY 'peptide linking'   y GLYCINE                    ? 'C2 H5 N O2'        75.067  
HIS 'L-peptide linking' y HISTIDINE                  ? 'C6 H10 N3 O2 1'    156.162 
HOH non-polymer         . WATER                      ? 'H2 O'              18.015  
ILE 'L-peptide linking' y ISOLEUCINE                 ? 'C6 H13 N O2'       131.173 
LEU 'L-peptide linking' y LEUCINE                    ? 'C6 H13 N O2'       131.173 
LYS 'L-peptide linking' y LYSINE                     ? 'C6 H15 N2 O2 1'    147.195 
MET 'L-peptide linking' y METHIONINE                 ? 'C5 H11 N O2 S'     149.211 
MG  non-polymer         . 'MAGNESIUM ION'            ? 'Mg 2'              24.305  
PHE 'L-peptide linking' y PHENYLALANINE              ? 'C9 H11 N O2'       165.189 
PRO 'L-peptide linking' y PROLINE                    ? 'C5 H9 N O2'        115.130 
SER 'L-peptide linking' y SERINE                     ? 'C3 H7 N O3'        105.093 
THR 'L-peptide linking' y THREONINE                  ? 'C4 H9 N O3'        119.119 
TRP 'L-peptide linking' y TRYPTOPHAN                 ? 'C11 H12 N2 O2'     204.225 
TYR 'L-peptide linking' y TYROSINE                   ? 'C9 H11 N O3'       181.189 
VAL 'L-peptide linking' y VALINE                     ? 'C5 H11 N O2'       117.146 
# 
_exptl.absorpt_coefficient_mu     ? 
_exptl.absorpt_correction_T_max   ? 
_exptl.absorpt_correction_T_min   ? 
_exptl.absorpt_correction_type    ? 
_exptl.absorpt_process_details    ? 
_exptl.entry_id                   5XC3 
_exptl.crystals_number            1 
_exptl.details                    ? 
_exptl.method                     'X-RAY DIFFRACTION' 
_exptl.method_details             ? 
# 
_exptl_crystal.colour                      ? 
_exptl_crystal.density_diffrn              ? 
_exptl_crystal.density_Matthews            2.05 
_exptl_crystal.density_method              ? 
_exptl_crystal.density_percent_sol         39.95 
_exptl_crystal.description                 ? 
_exptl_crystal.F_000                       ? 
_exptl_crystal.id                          1 
_exptl_crystal.preparation                 ? 
_exptl_crystal.size_max                    ? 
_exptl_crystal.size_mid                    ? 
_exptl_crystal.size_min                    ? 
_exptl_crystal.size_rad                    ? 
_exptl_crystal.colour_lustre               ? 
_exptl_crystal.colour_modifier             ? 
_exptl_crystal.colour_primary              ? 
_exptl_crystal.density_meas                ? 
_exptl_crystal.density_meas_esd            ? 
_exptl_crystal.density_meas_gt             ? 
_exptl_crystal.density_meas_lt             ? 
_exptl_crystal.density_meas_temp           ? 
_exptl_crystal.density_meas_temp_esd       ? 
_exptl_crystal.density_meas_temp_gt        ? 
_exptl_crystal.density_meas_temp_lt        ? 
_exptl_crystal.pdbx_crystal_image_url      ? 
_exptl_crystal.pdbx_crystal_image_format   ? 
_exptl_crystal.pdbx_mosaicity              ? 
_exptl_crystal.pdbx_mosaicity_esd          ? 
# 
_exptl_crystal_grow.apparatus       ? 
_exptl_crystal_grow.atmosphere      ? 
_exptl_crystal_grow.crystal_id      1 
_exptl_crystal_grow.details         ? 
_exptl_crystal_grow.method          'VAPOR DIFFUSION, SITTING DROP' 
_exptl_crystal_grow.method_ref      ? 
_exptl_crystal_grow.pH              ? 
_exptl_crystal_grow.pressure        ? 
_exptl_crystal_grow.pressure_esd    ? 
_exptl_crystal_grow.seeding         ? 
_exptl_crystal_grow.seeding_ref     ? 
_exptl_crystal_grow.temp            291 
_exptl_crystal_grow.temp_details    ? 
_exptl_crystal_grow.temp_esd        ? 
_exptl_crystal_grow.time            ? 
_exptl_crystal_grow.pdbx_details    '0.2 M sodium iodide and 20% (w/v) polyethylene glycol 3350' 
_exptl_crystal_grow.pdbx_pH_range   ? 
# 
_diffrn.ambient_environment    ? 
_diffrn.ambient_temp           93 
_diffrn.ambient_temp_details   ? 
_diffrn.ambient_temp_esd       ? 
_diffrn.crystal_id             1 
_diffrn.crystal_support        ? 
_diffrn.crystal_treatment      ? 
_diffrn.details                ? 
_diffrn.id                     1 
_diffrn.ambient_pressure       ? 
_diffrn.ambient_pressure_esd   ? 
_diffrn.ambient_pressure_gt    ? 
_diffrn.ambient_pressure_lt    ? 
_diffrn.ambient_temp_gt        ? 
_diffrn.ambient_temp_lt        ? 
# 
_diffrn_detector.details                      ? 
_diffrn_detector.detector                     CCD 
_diffrn_detector.diffrn_id                    1 
_diffrn_detector.type                         'ADSC QUANTUM 315r' 
_diffrn_detector.area_resol_mean              ? 
_diffrn_detector.dtime                        ? 
_diffrn_detector.pdbx_frames_total            ? 
_diffrn_detector.pdbx_collection_time_total   ? 
_diffrn_detector.pdbx_collection_date         2016-07-22 
# 
_diffrn_radiation.collimation                      ? 
_diffrn_radiation.diffrn_id                        1 
_diffrn_radiation.filter_edge                      ? 
_diffrn_radiation.inhomogeneity                    ? 
_diffrn_radiation.monochromator                    ? 
_diffrn_radiation.polarisn_norm                    ? 
_diffrn_radiation.polarisn_ratio                   ? 
_diffrn_radiation.probe                            ? 
_diffrn_radiation.type                             ? 
_diffrn_radiation.xray_symbol                      ? 
_diffrn_radiation.wavelength_id                    1 
_diffrn_radiation.pdbx_monochromatic_or_laue_m_l   M 
_diffrn_radiation.pdbx_wavelength_list             ? 
_diffrn_radiation.pdbx_wavelength                  ? 
_diffrn_radiation.pdbx_diffrn_protocol             'SINGLE WAVELENGTH' 
_diffrn_radiation.pdbx_analyzer                    ? 
_diffrn_radiation.pdbx_scattering_type             x-ray 
# 
_diffrn_radiation_wavelength.id           1 
_diffrn_radiation_wavelength.wavelength   0.987 
_diffrn_radiation_wavelength.wt           1.0 
# 
_diffrn_source.current                     ? 
_diffrn_source.details                     ? 
_diffrn_source.diffrn_id                   1 
_diffrn_source.power                       ? 
_diffrn_source.size                        ? 
_diffrn_source.source                      SYNCHROTRON 
_diffrn_source.target                      ? 
_diffrn_source.type                        'PAL/PLS BEAMLINE 5C (4A)' 
_diffrn_source.voltage                     ? 
_diffrn_source.take-off_angle              ? 
_diffrn_source.pdbx_wavelength_list        0.987 
_diffrn_source.pdbx_wavelength             ? 
_diffrn_source.pdbx_synchrotron_beamline   '5C (4A)' 
_diffrn_source.pdbx_synchrotron_site       PAL/PLS 
# 
_reflns.B_iso_Wilson_estimate            ? 
_reflns.entry_id                         5XC3 
_reflns.data_reduction_details           ? 
_reflns.data_reduction_method            ? 
_reflns.d_resolution_high                1.497 
_reflns.d_resolution_low                 50 
_reflns.details                          ? 
_reflns.limit_h_max                      ? 
_reflns.limit_h_min                      ? 
_reflns.limit_k_max                      ? 
_reflns.limit_k_min                      ? 
_reflns.limit_l_max                      ? 
_reflns.limit_l_min                      ? 
_reflns.number_all                       ? 
_reflns.number_obs                       27374 
_reflns.observed_criterion               ? 
_reflns.observed_criterion_F_max         ? 
_reflns.observed_criterion_F_min         ? 
_reflns.observed_criterion_I_max         ? 
_reflns.observed_criterion_I_min         ? 
_reflns.observed_criterion_sigma_F       ? 
_reflns.observed_criterion_sigma_I       ? 
_reflns.percent_possible_obs             99.7 
_reflns.R_free_details                   ? 
_reflns.Rmerge_F_all                     ? 
_reflns.Rmerge_F_obs                     ? 
_reflns.Friedel_coverage                 ? 
_reflns.number_gt                        ? 
_reflns.threshold_expression             ? 
_reflns.pdbx_redundancy                  10.6 
_reflns.pdbx_Rmerge_I_obs                ? 
_reflns.pdbx_Rmerge_I_all                ? 
_reflns.pdbx_Rsym_value                  ? 
_reflns.pdbx_netI_over_av_sigmaI         ? 
_reflns.pdbx_netI_over_sigmaI            51.9 
_reflns.pdbx_res_netI_over_av_sigmaI_2   ? 
_reflns.pdbx_res_netI_over_sigmaI_2      ? 
_reflns.pdbx_chi_squared                 ? 
_reflns.pdbx_scaling_rejects             ? 
_reflns.pdbx_d_res_high_opt              ? 
_reflns.pdbx_d_res_low_opt               ? 
_reflns.pdbx_d_res_opt_method            ? 
_reflns.phase_calculation_details        ? 
_reflns.pdbx_Rrim_I_all                  ? 
_reflns.pdbx_Rpim_I_all                  ? 
_reflns.pdbx_d_opt                       ? 
_reflns.pdbx_number_measured_all         ? 
_reflns.pdbx_diffrn_id                   1 
_reflns.pdbx_ordinal                     1 
_reflns.pdbx_CC_half                     ? 
_reflns.pdbx_R_split                     ? 
# 
_reflns_shell.d_res_high                  . 
_reflns_shell.d_res_low                   ? 
_reflns_shell.meanI_over_sigI_all         ? 
_reflns_shell.meanI_over_sigI_obs         ? 
_reflns_shell.number_measured_all         ? 
_reflns_shell.number_measured_obs         ? 
_reflns_shell.number_possible             ? 
_reflns_shell.number_unique_all           ? 
_reflns_shell.number_unique_obs           ? 
_reflns_shell.percent_possible_all        ? 
_reflns_shell.percent_possible_obs        ? 
_reflns_shell.Rmerge_F_all                ? 
_reflns_shell.Rmerge_F_obs                ? 
_reflns_shell.Rmerge_I_all                ? 
_reflns_shell.Rmerge_I_obs                ? 
_reflns_shell.meanI_over_sigI_gt          ? 
_reflns_shell.meanI_over_uI_all           ? 
_reflns_shell.meanI_over_uI_gt            ? 
_reflns_shell.number_measured_gt          ? 
_reflns_shell.number_unique_gt            ? 
_reflns_shell.percent_possible_gt         ? 
_reflns_shell.Rmerge_F_gt                 ? 
_reflns_shell.Rmerge_I_gt                 ? 
_reflns_shell.pdbx_redundancy             ? 
_reflns_shell.pdbx_Rsym_value             ? 
_reflns_shell.pdbx_chi_squared            ? 
_reflns_shell.pdbx_netI_over_sigmaI_all   ? 
_reflns_shell.pdbx_netI_over_sigmaI_obs   ? 
_reflns_shell.pdbx_Rrim_I_all             ? 
_reflns_shell.pdbx_Rpim_I_all             ? 
_reflns_shell.pdbx_rejects                ? 
_reflns_shell.pdbx_ordinal                1 
_reflns_shell.pdbx_diffrn_id              1 
_reflns_shell.pdbx_CC_half                ? 
_reflns_shell.pdbx_R_split                ? 
# 
_refine.aniso_B[1][1]                            ? 
_refine.aniso_B[1][2]                            ? 
_refine.aniso_B[1][3]                            ? 
_refine.aniso_B[2][2]                            ? 
_refine.aniso_B[2][3]                            ? 
_refine.aniso_B[3][3]                            ? 
_refine.B_iso_max                                ? 
_refine.B_iso_mean                               ? 
_refine.B_iso_min                                ? 
_refine.correlation_coeff_Fo_to_Fc               ? 
_refine.correlation_coeff_Fo_to_Fc_free          ? 
_refine.details                                  ? 
_refine.diff_density_max                         ? 
_refine.diff_density_max_esd                     ? 
_refine.diff_density_min                         ? 
_refine.diff_density_min_esd                     ? 
_refine.diff_density_rms                         ? 
_refine.diff_density_rms_esd                     ? 
_refine.entry_id                                 5XC3 
_refine.pdbx_refine_id                           'X-RAY DIFFRACTION' 
_refine.ls_abs_structure_details                 ? 
_refine.ls_abs_structure_Flack                   ? 
_refine.ls_abs_structure_Flack_esd               ? 
_refine.ls_abs_structure_Rogers                  ? 
_refine.ls_abs_structure_Rogers_esd              ? 
_refine.ls_d_res_high                            1.497 
_refine.ls_d_res_low                             31.691 
_refine.ls_extinction_coef                       ? 
_refine.ls_extinction_coef_esd                   ? 
_refine.ls_extinction_expression                 ? 
_refine.ls_extinction_method                     ? 
_refine.ls_goodness_of_fit_all                   ? 
_refine.ls_goodness_of_fit_all_esd               ? 
_refine.ls_goodness_of_fit_obs                   ? 
_refine.ls_goodness_of_fit_obs_esd               ? 
_refine.ls_hydrogen_treatment                    ? 
_refine.ls_matrix_type                           ? 
_refine.ls_number_constraints                    ? 
_refine.ls_number_parameters                     ? 
_refine.ls_number_reflns_all                     ? 
_refine.ls_number_reflns_obs                     27374 
_refine.ls_number_reflns_R_free                  2011 
_refine.ls_number_reflns_R_work                  ? 
_refine.ls_number_restraints                     ? 
_refine.ls_percent_reflns_obs                    99.53 
_refine.ls_percent_reflns_R_free                 7.35 
_refine.ls_R_factor_all                          ? 
_refine.ls_R_factor_obs                          0.1807 
_refine.ls_R_factor_R_free                       0.1992 
_refine.ls_R_factor_R_free_error                 ? 
_refine.ls_R_factor_R_free_error_details         ? 
_refine.ls_R_factor_R_work                       0.1792 
_refine.ls_R_Fsqd_factor_obs                     ? 
_refine.ls_R_I_factor_obs                        ? 
_refine.ls_redundancy_reflns_all                 ? 
_refine.ls_redundancy_reflns_obs                 ? 
_refine.ls_restrained_S_all                      ? 
_refine.ls_restrained_S_obs                      ? 
_refine.ls_shift_over_esd_max                    ? 
_refine.ls_shift_over_esd_mean                   ? 
_refine.ls_structure_factor_coef                 ? 
_refine.ls_weighting_details                     ? 
_refine.ls_weighting_scheme                      ? 
_refine.ls_wR_factor_all                         ? 
_refine.ls_wR_factor_obs                         ? 
_refine.ls_wR_factor_R_free                      ? 
_refine.ls_wR_factor_R_work                      ? 
_refine.occupancy_max                            ? 
_refine.occupancy_min                            ? 
_refine.solvent_model_details                    ? 
_refine.solvent_model_param_bsol                 ? 
_refine.solvent_model_param_ksol                 ? 
_refine.ls_R_factor_gt                           ? 
_refine.ls_goodness_of_fit_gt                    ? 
_refine.ls_goodness_of_fit_ref                   ? 
_refine.ls_shift_over_su_max                     ? 
_refine.ls_shift_over_su_max_lt                  ? 
_refine.ls_shift_over_su_mean                    ? 
_refine.ls_shift_over_su_mean_lt                 ? 
_refine.pdbx_ls_sigma_I                          ? 
_refine.pdbx_ls_sigma_F                          1.52 
_refine.pdbx_ls_sigma_Fsqd                       ? 
_refine.pdbx_data_cutoff_high_absF               ? 
_refine.pdbx_data_cutoff_high_rms_absF           ? 
_refine.pdbx_data_cutoff_low_absF                ? 
_refine.pdbx_isotropic_thermal_model             ? 
_refine.pdbx_ls_cross_valid_method               'FREE R-VALUE' 
_refine.pdbx_method_to_determine_struct          'MOLECULAR REPLACEMENT' 
_refine.pdbx_starting_model                      1TU4 
_refine.pdbx_stereochemistry_target_values       ? 
_refine.pdbx_R_Free_selection_details            ? 
_refine.pdbx_stereochem_target_val_spec_case     ? 
_refine.pdbx_overall_ESU_R                       ? 
_refine.pdbx_overall_ESU_R_Free                  ? 
_refine.pdbx_solvent_vdw_probe_radii             1.11 
_refine.pdbx_solvent_ion_probe_radii             ? 
_refine.pdbx_solvent_shrinkage_radii             0.90 
_refine.pdbx_real_space_R                        ? 
_refine.pdbx_density_correlation                 ? 
_refine.pdbx_pd_number_of_powder_patterns        ? 
_refine.pdbx_pd_number_of_points                 ? 
_refine.pdbx_pd_meas_number_of_points            ? 
_refine.pdbx_pd_proc_ls_prof_R_factor            ? 
_refine.pdbx_pd_proc_ls_prof_wR_factor           ? 
_refine.pdbx_pd_Marquardt_correlation_coeff      ? 
_refine.pdbx_pd_Fsqrd_R_factor                   ? 
_refine.pdbx_pd_ls_matrix_band_width             ? 
_refine.pdbx_overall_phase_error                 17.93 
_refine.pdbx_overall_SU_R_free_Cruickshank_DPI   ? 
_refine.pdbx_overall_SU_R_free_Blow_DPI          ? 
_refine.pdbx_overall_SU_R_Blow_DPI               ? 
_refine.pdbx_TLS_residual_ADP_flag               ? 
_refine.pdbx_diffrn_id                           1 
_refine.overall_SU_B                             ? 
_refine.overall_SU_ML                            0.10 
_refine.overall_SU_R_Cruickshank_DPI             ? 
_refine.overall_SU_R_free                        ? 
_refine.overall_FOM_free_R_set                   ? 
_refine.overall_FOM_work_R_set                   ? 
_refine.pdbx_average_fsc_overall                 ? 
_refine.pdbx_average_fsc_work                    ? 
_refine.pdbx_average_fsc_free                    ? 
# 
_refine_hist.pdbx_refine_id                   'X-RAY DIFFRACTION' 
_refine_hist.cycle_id                         LAST 
_refine_hist.pdbx_number_atoms_protein        1355 
_refine_hist.pdbx_number_atoms_nucleic_acid   0 
_refine_hist.pdbx_number_atoms_ligand         29 
_refine_hist.number_atoms_solvent             98 
_refine_hist.number_atoms_total               1482 
_refine_hist.d_res_high                       1.497 
_refine_hist.d_res_low                        31.691 
# 
loop_
_refine_ls_restr.pdbx_refine_id 
_refine_ls_restr.criterion 
_refine_ls_restr.dev_ideal 
_refine_ls_restr.dev_ideal_target 
_refine_ls_restr.number 
_refine_ls_restr.rejects 
_refine_ls_restr.type 
_refine_ls_restr.weight 
_refine_ls_restr.pdbx_restraint_function 
'X-RAY DIFFRACTION' ? 0.005  ? 1424 ? f_bond_d           ? ? 
'X-RAY DIFFRACTION' ? 0.938  ? 1925 ? f_angle_d          ? ? 
'X-RAY DIFFRACTION' ? 18.597 ? 521  ? f_dihedral_angle_d ? ? 
'X-RAY DIFFRACTION' ? 0.085  ? 211  ? f_chiral_restr     ? ? 
'X-RAY DIFFRACTION' ? 0.004  ? 236  ? f_plane_restr      ? ? 
# 
loop_
_refine_ls_shell.pdbx_refine_id 
_refine_ls_shell.d_res_high 
_refine_ls_shell.d_res_low 
_refine_ls_shell.number_reflns_all 
_refine_ls_shell.number_reflns_obs 
_refine_ls_shell.number_reflns_R_free 
_refine_ls_shell.number_reflns_R_work 
_refine_ls_shell.percent_reflns_obs 
_refine_ls_shell.percent_reflns_R_free 
_refine_ls_shell.R_factor_all 
_refine_ls_shell.R_factor_obs 
_refine_ls_shell.R_factor_R_free 
_refine_ls_shell.R_factor_R_free_error 
_refine_ls_shell.R_factor_R_work 
_refine_ls_shell.redundancy_reflns_all 
_refine_ls_shell.redundancy_reflns_obs 
_refine_ls_shell.wR_factor_all 
_refine_ls_shell.wR_factor_obs 
_refine_ls_shell.wR_factor_R_free 
_refine_ls_shell.wR_factor_R_work 
_refine_ls_shell.pdbx_total_number_of_bins_used 
_refine_ls_shell.pdbx_phase_error 
_refine_ls_shell.pdbx_fsc_work 
_refine_ls_shell.pdbx_fsc_free 
'X-RAY DIFFRACTION' 1.4969 1.5343  . . 136 1763 97.00  . . . 0.2090 . 0.1889 . . . . . . . . . . 
'X-RAY DIFFRACTION' 1.5343 1.5758  . . 140 1753 99.00  . . . 0.2371 . 0.1829 . . . . . . . . . . 
'X-RAY DIFFRACTION' 1.5758 1.6222  . . 141 1797 100.00 . . . 0.2112 . 0.1772 . . . . . . . . . . 
'X-RAY DIFFRACTION' 1.6222 1.6746  . . 142 1764 99.00  . . . 0.1886 . 0.1752 . . . . . . . . . . 
'X-RAY DIFFRACTION' 1.6746 1.7344  . . 150 1776 100.00 . . . 0.2060 . 0.1724 . . . . . . . . . . 
'X-RAY DIFFRACTION' 1.7344 1.8038  . . 139 1804 100.00 . . . 0.1940 . 0.1790 . . . . . . . . . . 
'X-RAY DIFFRACTION' 1.8038 1.8859  . . 139 1806 100.00 . . . 0.2284 . 0.1771 . . . . . . . . . . 
'X-RAY DIFFRACTION' 1.8859 1.9853  . . 149 1801 100.00 . . . 0.2173 . 0.1829 . . . . . . . . . . 
'X-RAY DIFFRACTION' 1.9853 2.1097  . . 136 1812 100.00 . . . 0.2064 . 0.1850 . . . . . . . . . . 
'X-RAY DIFFRACTION' 2.1097 2.2726  . . 146 1795 100.00 . . . 0.2012 . 0.1876 . . . . . . . . . . 
'X-RAY DIFFRACTION' 2.2726 2.5012  . . 145 1839 100.00 . . . 0.2374 . 0.1807 . . . . . . . . . . 
'X-RAY DIFFRACTION' 2.5012 2.8629  . . 144 1826 100.00 . . . 0.1951 . 0.1942 . . . . . . . . . . 
'X-RAY DIFFRACTION' 2.8629 3.6061  . . 148 1873 100.00 . . . 0.1911 . 0.1781 . . . . . . . . . . 
'X-RAY DIFFRACTION' 3.6061 31.6985 . . 156 1954 100.00 . . . 0.1767 . 0.1683 . . . . . . . . . . 
# 
_struct.entry_id                     5XC3 
_struct.title                        'Crystal structure of Acanthamoeba polyphaga mimivirus Rab GTPase in complex with GDP' 
_struct.pdbx_model_details           ? 
_struct.pdbx_formula_weight          ? 
_struct.pdbx_formula_weight_method   ? 
_struct.pdbx_model_type_details      ? 
_struct.pdbx_CASP_flag               N 
# 
_struct_keywords.entry_id        5XC3 
_struct_keywords.text            'Rab GTPase, Acanthamoeba polyphaga mimivirus, vesicle trafficking, PROTEIN TRANSPORT' 
_struct_keywords.pdbx_keywords   'PROTEIN TRANSPORT' 
# 
loop_
_struct_asym.id 
_struct_asym.pdbx_blank_PDB_chainid_flag 
_struct_asym.pdbx_modified 
_struct_asym.entity_id 
_struct_asym.details 
A N N 1 ? 
B N N 2 ? 
C N N 3 ? 
D N N 4 ? 
# 
loop_
_struct_conf.conf_type_id 
_struct_conf.id 
_struct_conf.pdbx_PDB_helix_id 
_struct_conf.beg_label_comp_id 
_struct_conf.beg_label_asym_id 
_struct_conf.beg_label_seq_id 
_struct_conf.pdbx_beg_PDB_ins_code 
_struct_conf.end_label_comp_id 
_struct_conf.end_label_asym_id 
_struct_conf.end_label_seq_id 
_struct_conf.pdbx_end_PDB_ins_code 
_struct_conf.beg_auth_comp_id 
_struct_conf.beg_auth_asym_id 
_struct_conf.beg_auth_seq_id 
_struct_conf.end_auth_comp_id 
_struct_conf.end_auth_asym_id 
_struct_conf.end_auth_seq_id 
_struct_conf.pdbx_PDB_helix_class 
_struct_conf.details 
_struct_conf.pdbx_PDB_helix_length 
HELX_P HELX_P1 AA1 GLY A 17  ? ASN A 28  ? GLY A 17  ASN A 28  1 ? 12 
HELX_P HELX_P2 AA2 GLY A 64  ? ARG A 69  ? GLY A 64  ARG A 69  5 ? 6  
HELX_P HELX_P3 AA3 THR A 72  ? THR A 77  ? THR A 72  THR A 77  1 ? 6  
HELX_P HELX_P4 AA4 ASP A 90  ? CYS A 108 ? ASP A 90  CYS A 108 1 ? 19 
HELX_P HELX_P5 AA5 ASP A 124 ? TRP A 128 ? ASP A 124 TRP A 128 5 ? 5  
HELX_P HELX_P6 AA6 SER A 131 ? ASN A 142 ? SER A 131 ASN A 142 1 ? 12 
HELX_P HELX_P7 AA7 GLU A 153 ? SER A 169 ? GLU A 153 SER A 169 1 ? 17 
# 
_struct_conf_type.id          HELX_P 
_struct_conf_type.criteria    ? 
_struct_conf_type.reference   ? 
# 
loop_
_struct_conn.id 
_struct_conn.conn_type_id 
_struct_conn.pdbx_leaving_atom_flag 
_struct_conn.pdbx_PDB_id 
_struct_conn.ptnr1_label_asym_id 
_struct_conn.ptnr1_label_comp_id 
_struct_conn.ptnr1_label_seq_id 
_struct_conn.ptnr1_label_atom_id 
_struct_conn.pdbx_ptnr1_label_alt_id 
_struct_conn.pdbx_ptnr1_PDB_ins_code 
_struct_conn.pdbx_ptnr1_standard_comp_id 
_struct_conn.ptnr1_symmetry 
_struct_conn.ptnr2_label_asym_id 
_struct_conn.ptnr2_label_comp_id 
_struct_conn.ptnr2_label_seq_id 
_struct_conn.ptnr2_label_atom_id 
_struct_conn.pdbx_ptnr2_label_alt_id 
_struct_conn.pdbx_ptnr2_PDB_ins_code 
_struct_conn.ptnr1_auth_asym_id 
_struct_conn.ptnr1_auth_comp_id 
_struct_conn.ptnr1_auth_seq_id 
_struct_conn.ptnr2_auth_asym_id 
_struct_conn.ptnr2_auth_comp_id 
_struct_conn.ptnr2_auth_seq_id 
_struct_conn.ptnr2_symmetry 
_struct_conn.pdbx_ptnr3_label_atom_id 
_struct_conn.pdbx_ptnr3_label_seq_id 
_struct_conn.pdbx_ptnr3_label_comp_id 
_struct_conn.pdbx_ptnr3_label_asym_id 
_struct_conn.pdbx_ptnr3_label_alt_id 
_struct_conn.pdbx_ptnr3_PDB_ins_code 
_struct_conn.details 
_struct_conn.pdbx_dist_value 
_struct_conn.pdbx_value_order 
_struct_conn.pdbx_role 
metalc1 metalc ? ? A SER 19 OG  ? ? ? 1_555 C MG  . MG ? ? A SER 19   A MG  1201 1_555 ? ? ? ? ? ? ? 2.107 ? ? 
metalc2 metalc ? ? B GDP .  O2B ? ? ? 1_555 C MG  . MG ? ? A GDP 1200 A MG  1201 1_555 ? ? ? ? ? ? ? 2.004 ? ? 
metalc3 metalc ? ? C MG  .  MG  ? ? ? 1_555 D HOH . O  ? ? A MG  1201 A HOH 1309 1_555 ? ? ? ? ? ? ? 2.039 ? ? 
metalc4 metalc ? ? C MG  .  MG  ? ? ? 1_555 D HOH . O  ? ? A MG  1201 A HOH 1312 1_555 ? ? ? ? ? ? ? 2.112 ? ? 
metalc5 metalc ? ? C MG  .  MG  ? ? ? 1_555 D HOH . O  ? ? A MG  1201 A HOH 1318 1_555 ? ? ? ? ? ? ? 2.066 ? ? 
metalc6 metalc ? ? C MG  .  MG  ? ? ? 1_555 D HOH . O  ? ? A MG  1201 A HOH 1339 1_555 ? ? ? ? ? ? ? 2.035 ? ? 
# 
_struct_conn_type.id          metalc 
_struct_conn_type.criteria    ? 
_struct_conn_type.reference   ? 
# 
_struct_sheet.id               AA1 
_struct_sheet.type             ? 
_struct_sheet.number_strands   6 
_struct_sheet.details          ? 
# 
loop_
_struct_sheet_order.sheet_id 
_struct_sheet_order.range_id_1 
_struct_sheet_order.range_id_2 
_struct_sheet_order.offset 
_struct_sheet_order.sense 
AA1 1 2 ? anti-parallel 
AA1 2 3 ? parallel      
AA1 3 4 ? parallel      
AA1 4 5 ? parallel      
AA1 5 6 ? parallel      
# 
loop_
_struct_sheet_range.sheet_id 
_struct_sheet_range.id 
_struct_sheet_range.beg_label_comp_id 
_struct_sheet_range.beg_label_asym_id 
_struct_sheet_range.beg_label_seq_id 
_struct_sheet_range.pdbx_beg_PDB_ins_code 
_struct_sheet_range.end_label_comp_id 
_struct_sheet_range.end_label_asym_id 
_struct_sheet_range.end_label_seq_id 
_struct_sheet_range.pdbx_end_PDB_ins_code 
_struct_sheet_range.beg_auth_comp_id 
_struct_sheet_range.beg_auth_asym_id 
_struct_sheet_range.beg_auth_seq_id 
_struct_sheet_range.end_auth_comp_id 
_struct_sheet_range.end_auth_asym_id 
_struct_sheet_range.end_auth_seq_id 
AA1 1 ALA A 43  ? ILE A 48  ? ALA A 43  ILE A 48  
AA1 2 THR A 54  ? TRP A 60  ? THR A 54  TRP A 60  
AA1 3 TYR A 6   ? ILE A 11  ? TYR A 6   ILE A 11  
AA1 4 GLY A 81  ? ASP A 87  ? GLY A 81  ASP A 87  
AA1 5 TYR A 113 ? ASN A 119 ? TYR A 113 ASN A 119 
AA1 6 ASP A 145 ? PHE A 148 ? ASP A 145 PHE A 148 
# 
loop_
_pdbx_struct_sheet_hbond.sheet_id 
_pdbx_struct_sheet_hbond.range_id_1 
_pdbx_struct_sheet_hbond.range_id_2 
_pdbx_struct_sheet_hbond.range_1_label_atom_id 
_pdbx_struct_sheet_hbond.range_1_label_comp_id 
_pdbx_struct_sheet_hbond.range_1_label_asym_id 
_pdbx_struct_sheet_hbond.range_1_label_seq_id 
_pdbx_struct_sheet_hbond.range_1_PDB_ins_code 
_pdbx_struct_sheet_hbond.range_1_auth_atom_id 
_pdbx_struct_sheet_hbond.range_1_auth_comp_id 
_pdbx_struct_sheet_hbond.range_1_auth_asym_id 
_pdbx_struct_sheet_hbond.range_1_auth_seq_id 
_pdbx_struct_sheet_hbond.range_2_label_atom_id 
_pdbx_struct_sheet_hbond.range_2_label_comp_id 
_pdbx_struct_sheet_hbond.range_2_label_asym_id 
_pdbx_struct_sheet_hbond.range_2_label_seq_id 
_pdbx_struct_sheet_hbond.range_2_PDB_ins_code 
_pdbx_struct_sheet_hbond.range_2_auth_atom_id 
_pdbx_struct_sheet_hbond.range_2_auth_comp_id 
_pdbx_struct_sheet_hbond.range_2_auth_asym_id 
_pdbx_struct_sheet_hbond.range_2_auth_seq_id 
AA1 1 2 N LYS A 45  ? N LYS A 45  O LEU A 57  ? O LEU A 57  
AA1 2 3 O ASN A 58  ? O ASN A 58  N TYR A 6   ? N TYR A 6   
AA1 3 4 N ILE A 11  ? N ILE A 11  O VAL A 85  ? O VAL A 85  
AA1 4 5 N VAL A 84  ? N VAL A 84  O VAL A 117 ? O VAL A 117 
AA1 5 6 N ALA A 118 ? N ALA A 118 O VAL A 147 ? O VAL A 147 
# 
loop_
_struct_site.id 
_struct_site.pdbx_evidence_code 
_struct_site.pdbx_auth_asym_id 
_struct_site.pdbx_auth_comp_id 
_struct_site.pdbx_auth_seq_id 
_struct_site.pdbx_auth_ins_code 
_struct_site.pdbx_num_residues 
_struct_site.details 
AC1 Software A GDP 1200 ? 23 'binding site for residue GDP A 1200' 
AC2 Software A MG  1201 ? 6  'binding site for residue MG A 1201'  
# 
loop_
_struct_site_gen.id 
_struct_site_gen.site_id 
_struct_site_gen.pdbx_num_res 
_struct_site_gen.label_comp_id 
_struct_site_gen.label_asym_id 
_struct_site_gen.label_seq_id 
_struct_site_gen.pdbx_auth_ins_code 
_struct_site_gen.auth_comp_id 
_struct_site_gen.auth_asym_id 
_struct_site_gen.auth_seq_id 
_struct_site_gen.label_atom_id 
_struct_site_gen.label_alt_id 
_struct_site_gen.symmetry 
_struct_site_gen.details 
1  AC1 23 GLY A 15  ? GLY A 15   . ? 1_555 ? 
2  AC1 23 VAL A 16  ? VAL A 16   . ? 1_555 ? 
3  AC1 23 GLY A 17  ? GLY A 17   . ? 1_555 ? 
4  AC1 23 LYS A 18  ? LYS A 18   . ? 1_555 ? 
5  AC1 23 SER A 19  ? SER A 19   . ? 1_555 ? 
6  AC1 23 SER A 20  ? SER A 20   . ? 1_555 ? 
7  AC1 23 ASN A 51  ? ASN A 51   . ? 2_355 ? 
8  AC1 23 GLY A 52  ? GLY A 52   . ? 2_355 ? 
9  AC1 23 ASN A 119 ? ASN A 119  . ? 1_555 ? 
10 AC1 23 LYS A 120 ? LYS A 120  . ? 1_555 ? 
11 AC1 23 ASP A 122 ? ASP A 122  . ? 1_555 ? 
12 AC1 23 SER A 150 ? SER A 150  . ? 1_555 ? 
13 AC1 23 SER A 151 ? SER A 151  . ? 1_555 ? 
14 AC1 23 PHE A 152 ? PHE A 152  . ? 1_555 ? 
15 AC1 23 MG  C .   ? MG  A 1201 . ? 1_555 ? 
16 AC1 23 HOH D .   ? HOH A 1309 . ? 1_555 ? 
17 AC1 23 HOH D .   ? HOH A 1310 . ? 1_555 ? 
18 AC1 23 HOH D .   ? HOH A 1312 . ? 1_555 ? 
19 AC1 23 HOH D .   ? HOH A 1318 . ? 1_555 ? 
20 AC1 23 HOH D .   ? HOH A 1327 . ? 1_555 ? 
21 AC1 23 HOH D .   ? HOH A 1363 . ? 1_555 ? 
22 AC1 23 HOH D .   ? HOH A 1366 . ? 1_555 ? 
23 AC1 23 HOH D .   ? HOH A 1378 . ? 1_555 ? 
24 AC2 6  SER A 19  ? SER A 19   . ? 1_555 ? 
25 AC2 6  GDP B .   ? GDP A 1200 . ? 1_555 ? 
26 AC2 6  HOH D .   ? HOH A 1309 . ? 1_555 ? 
27 AC2 6  HOH D .   ? HOH A 1312 . ? 1_555 ? 
28 AC2 6  HOH D .   ? HOH A 1318 . ? 1_555 ? 
29 AC2 6  HOH D .   ? HOH A 1339 . ? 1_555 ? 
# 
_atom_sites.entry_id                    5XC3 
_atom_sites.fract_transf_matrix[1][1]   -0.02619195 
_atom_sites.fract_transf_matrix[1][2]   -0.01012248 
_atom_sites.fract_transf_matrix[1][3]   -0.00129968 
_atom_sites.fract_transf_matrix[2][1]   -0.00299748 
_atom_sites.fract_transf_matrix[2][2]   0.00603734 
_atom_sites.fract_transf_matrix[2][3]   0.01338565 
_atom_sites.fract_transf_matrix[3][1]   -0.00434381 
_atom_sites.fract_transf_matrix[3][2]   0.01206311 
_atom_sites.fract_transf_matrix[3][3]   -0.00641355 
_atom_sites.fract_transf_vector[1]      -0.461369 
_atom_sites.fract_transf_vector[2]      -0.027568 
_atom_sites.fract_transf_vector[3]      0.014722 
# 
loop_
_atom_type.symbol 
C  
MG 
N  
O  
P  
S  
# 
loop_
_atom_site.group_PDB 
_atom_site.id 
_atom_site.type_symbol 
_atom_site.label_atom_id 
_atom_site.label_alt_id 
_atom_site.label_comp_id 
_atom_site.label_asym_id 
_atom_site.label_entity_id 
_atom_site.label_seq_id 
_atom_site.pdbx_PDB_ins_code 
_atom_site.Cartn_x 
_atom_site.Cartn_y 
_atom_site.Cartn_z 
_atom_site.occupancy 
_atom_site.B_iso_or_equiv 
_atom_site.pdbx_formal_charge 
_atom_site.auth_seq_id 
_atom_site.auth_comp_id 
_atom_site.auth_asym_id 
_atom_site.auth_atom_id 
_atom_site.pdbx_PDB_model_num 
ATOM   1    N  N     . GLY A 1 5   ? 12.770  -12.936 -4.274  1.00 24.09 ? 5    GLY A N     1 
ATOM   2    C  CA    . GLY A 1 5   ? 12.422  -11.685 -3.623  1.00 20.27 ? 5    GLY A CA    1 
ATOM   3    C  C     . GLY A 1 5   ? 11.069  -11.711 -2.930  1.00 15.68 ? 5    GLY A C     1 
ATOM   4    O  O     . GLY A 1 5   ? 10.443  -12.759 -2.788  1.00 19.46 ? 5    GLY A O     1 
ATOM   5    N  N     . TYR A 1 6   ? 10.624  -10.543 -2.478  1.00 12.63 ? 6    TYR A N     1 
ATOM   6    C  CA    . TYR A 1 6   ? 9.397   -10.407 -1.690  1.00 13.23 ? 6    TYR A CA    1 
ATOM   7    C  C     . TYR A 1 6   ? 8.411   -9.550  -2.472  1.00 12.81 ? 6    TYR A C     1 
ATOM   8    O  O     . TYR A 1 6   ? 8.652   -8.355  -2.682  1.00 12.71 ? 6    TYR A O     1 
ATOM   9    C  CB    . TYR A 1 6   ? 9.694   -9.743  -0.346  1.00 14.28 ? 6    TYR A CB    1 
ATOM   10   C  CG    . TYR A 1 6   ? 10.646  -10.521 0.530   1.00 13.58 ? 6    TYR A CG    1 
ATOM   11   C  CD1   . TYR A 1 6   ? 12.006  -10.556 0.236   1.00 13.11 ? 6    TYR A CD1   1 
ATOM   12   C  CD2   . TYR A 1 6   ? 10.191  -11.207 1.649   1.00 13.62 ? 6    TYR A CD2   1 
ATOM   13   C  CE1   . TYR A 1 6   ? 12.890  -11.269 1.037   1.00 14.81 ? 6    TYR A CE1   1 
ATOM   14   C  CE2   . TYR A 1 6   ? 11.079  -11.926 2.455   1.00 15.25 ? 6    TYR A CE2   1 
ATOM   15   C  CZ    . TYR A 1 6   ? 12.410  -11.940 2.137   1.00 14.87 ? 6    TYR A CZ    1 
ATOM   16   O  OH    . TYR A 1 6   ? 13.297  -12.640 2.932   1.00 16.89 ? 6    TYR A OH    1 
ATOM   17   N  N     . LYS A 1 7   ? 7.312   -10.152 -2.898  1.00 12.07 ? 7    LYS A N     1 
ATOM   18   C  CA    . LYS A 1 7   ? 6.311   -9.412  -3.663  1.00 11.32 ? 7    LYS A CA    1 
ATOM   19   C  C     . LYS A 1 7   ? 5.472   -8.550  -2.721  1.00 11.97 ? 7    LYS A C     1 
ATOM   20   O  O     . LYS A 1 7   ? 4.791   -9.072  -1.820  1.00 10.96 ? 7    LYS A O     1 
ATOM   21   C  CB    . LYS A 1 7   ? 5.443   -10.386 -4.462  1.00 13.21 ? 7    LYS A CB    1 
ATOM   22   C  CG    . LYS A 1 7   ? 4.293   -9.706  -5.224  1.00 12.58 ? 7    LYS A CG    1 
ATOM   23   C  CD    . LYS A 1 7   ? 3.600   -10.673 -6.164  1.00 15.10 ? 7    LYS A CD    1 
ATOM   24   C  CE    . LYS A 1 7   ? 2.453   -9.998  -6.902  1.00 13.81 ? 7    LYS A CE    1 
ATOM   25   N  NZ    . LYS A 1 7   ? 1.814   -10.887 -7.934  1.00 15.00 ? 7    LYS A NZ    1 
ATOM   26   N  N     . ILE A 1 8   ? 5.506   -7.234  -2.948  1.00 11.00 ? 8    ILE A N     1 
ATOM   27   C  CA    . ILE A 1 8   ? 4.704   -6.249  -2.226  1.00 10.24 ? 8    ILE A CA    1 
ATOM   28   C  C     . ILE A 1 8   ? 3.787   -5.588  -3.240  1.00 10.95 ? 8    ILE A C     1 
ATOM   29   O  O     . ILE A 1 8   ? 4.268   -5.055  -4.244  1.00 12.26 ? 8    ILE A O     1 
ATOM   30   C  CB    . ILE A 1 8   ? 5.600   -5.166  -1.598  1.00 13.50 ? 8    ILE A CB    1 
ATOM   31   C  CG1   . ILE A 1 8   ? 6.793   -5.797  -0.884  1.00 17.32 ? 8    ILE A CG1   1 
ATOM   32   C  CG2   . ILE A 1 8   ? 4.790   -4.284  -0.671  1.00 16.02 ? 8    ILE A CG2   1 
ATOM   33   C  CD1   . ILE A 1 8   ? 6.397   -6.676  0.246   1.00 17.04 ? 8    ILE A CD1   1 
ATOM   34   N  N     . ILE A 1 9   ? 2.485   -5.581  -2.977  1.00 10.71 ? 9    ILE A N     1 
ATOM   35   C  CA    . ILE A 1 9   ? 1.535   -4.971  -3.910  1.00 11.72 ? 9    ILE A CA    1 
ATOM   36   C  C     . ILE A 1 9   ? 0.841   -3.785  -3.261  1.00 11.61 ? 9    ILE A C     1 
ATOM   37   O  O     . ILE A 1 9   ? 0.673   -3.721  -2.040  1.00 13.08 ? 9    ILE A O     1 
ATOM   38   C  CB    . ILE A 1 9   ? 0.478   -5.953  -4.456  1.00 12.35 ? 9    ILE A CB    1 
ATOM   39   C  CG1   . ILE A 1 9   ? -0.499  -6.331  -3.343  1.00 13.66 ? 9    ILE A CG1   1 
ATOM   40   C  CG2   . ILE A 1 9   ? 1.151   -7.177  -5.050  1.00 14.47 ? 9    ILE A CG2   1 
ATOM   41   C  CD1   . ILE A 1 9   ? -1.606  -7.295  -3.765  1.00 12.66 ? 9    ILE A CD1   1 
ATOM   42   N  N     . LEU A 1 10  ? 0.441   -2.839  -4.105  1.00 11.99 ? 10   LEU A N     1 
ATOM   43   C  CA    . LEU A 1 10  ? -0.390  -1.699  -3.727  1.00 13.12 ? 10   LEU A CA    1 
ATOM   44   C  C     . LEU A 1 10  ? -1.792  -1.935  -4.268  1.00 11.63 ? 10   LEU A C     1 
ATOM   45   O  O     . LEU A 1 10  ? -1.962  -2.219  -5.460  1.00 13.33 ? 10   LEU A O     1 
ATOM   46   C  CB    . LEU A 1 10  ? 0.133   -0.421  -4.391  1.00 14.90 ? 10   LEU A CB    1 
ATOM   47   C  CG    . LEU A 1 10  ? 1.303   0.391   -3.824  1.00 19.17 ? 10   LEU A CG    1 
ATOM   48   C  CD1   . LEU A 1 10  ? 0.929   1.230   -2.599  1.00 19.87 ? 10   LEU A CD1   1 
ATOM   49   C  CD2   . LEU A 1 10  ? 2.503   -0.504  -3.548  1.00 14.33 ? 10   LEU A CD2   1 
ATOM   50   N  N     . ILE A 1 11  ? -2.801  -1.798  -3.416  1.00 10.85 ? 11   ILE A N     1 
ATOM   51   C  CA    . ILE A 1 11  ? -4.189  -1.785  -3.873  1.00 11.16 ? 11   ILE A CA    1 
ATOM   52   C  C     . ILE A 1 11  ? -4.917  -0.655  -3.166  1.00 12.16 ? 11   ILE A C     1 
ATOM   53   O  O     . ILE A 1 11  ? -4.412  -0.056  -2.217  1.00 12.85 ? 11   ILE A O     1 
ATOM   54   C  CB    . ILE A 1 11  ? -4.909  -3.133  -3.678  1.00 13.55 ? 11   ILE A CB    1 
ATOM   55   C  CG1   . ILE A 1 11  ? -5.027  -3.480  -2.193  1.00 11.82 ? 11   ILE A CG1   1 
ATOM   56   C  CG2   . ILE A 1 11  ? -4.201  -4.229  -4.473  1.00 13.74 ? 11   ILE A CG2   1 
ATOM   57   C  CD1   . ILE A 1 11  ? -5.711  -4.839  -1.944  1.00 14.68 ? 11   ILE A CD1   1 
ATOM   58   N  N     . GLY A 1 12  ? -6.118  -0.369  -3.641  1.00 12.34 ? 12   GLY A N     1 
ATOM   59   C  CA    . GLY A 1 12  ? -6.868  0.788   -3.193  1.00 13.66 ? 12   GLY A CA    1 
ATOM   60   C  C     . GLY A 1 12  ? -7.519  1.475   -4.377  1.00 11.54 ? 12   GLY A C     1 
ATOM   61   O  O     . GLY A 1 12  ? -7.129  1.305   -5.532  1.00 13.65 ? 12   GLY A O     1 
ATOM   62   N  N     . SER A 1 13  ? -8.515  2.310   -4.080  1.00 14.67 ? 13   SER A N     1 
ATOM   63   C  CA    . SER A 1 13  ? -9.304  2.912   -5.143  1.00 14.69 ? 13   SER A CA    1 
ATOM   64   C  C     . SER A 1 13  ? -8.497  3.943   -5.939  1.00 14.82 ? 13   SER A C     1 
ATOM   65   O  O     . SER A 1 13  ? -7.400  4.367   -5.554  1.00 13.59 ? 13   SER A O     1 
ATOM   66   C  CB    . SER A 1 13  ? -10.580 3.510   -4.564  1.00 15.43 ? 13   SER A CB    1 
ATOM   67   O  OG    . SER A 1 13  ? -11.258 2.505   -3.832  1.00 18.16 ? 13   SER A OG    1 
ATOM   68   N  N     . SER A 1 14  ? -9.047  4.331   -7.087  1.00 14.98 ? 14   SER A N     1 
ATOM   69   C  CA    . SER A 1 14  ? -8.349  5.251   -7.976  1.00 14.30 ? 14   SER A CA    1 
ATOM   70   C  C     . SER A 1 14  ? -8.111  6.593   -7.294  1.00 14.87 ? 14   SER A C     1 
ATOM   71   O  O     . SER A 1 14  ? -8.998  7.130   -6.619  1.00 16.88 ? 14   SER A O     1 
ATOM   72   C  CB    . SER A 1 14  ? -9.175  5.492   -9.234  1.00 18.10 ? 14   SER A CB    1 
ATOM   73   O  OG    . SER A 1 14  ? -9.350  4.303   -9.970  1.00 27.82 ? 14   SER A OG    1 
ATOM   74   N  N     . GLY A 1 15  ? -6.908  7.131   -7.482  1.00 15.53 ? 15   GLY A N     1 
ATOM   75   C  CA    . GLY A 1 15  ? -6.584  8.491   -7.087  1.00 15.77 ? 15   GLY A CA    1 
ATOM   76   C  C     . GLY A 1 15  ? -6.228  8.677   -5.630  1.00 17.00 ? 15   GLY A C     1 
ATOM   77   O  O     . GLY A 1 15  ? -6.063  9.824   -5.191  1.00 17.52 ? 15   GLY A O     1 
ATOM   78   N  N     . VAL A 1 16  ? -6.089  7.592   -4.867  1.00 15.47 ? 16   VAL A N     1 
ATOM   79   C  CA    . VAL A 1 16  ? -5.772  7.707   -3.444  1.00 14.21 ? 16   VAL A CA    1 
ATOM   80   C  C     . VAL A 1 16  ? -4.299  7.997   -3.181  1.00 13.25 ? 16   VAL A C     1 
ATOM   81   O  O     . VAL A 1 16  ? -3.960  8.393   -2.064  1.00 14.19 ? 16   VAL A O     1 
ATOM   82   C  CB    . VAL A 1 16  ? -6.247  6.488   -2.634  1.00 15.61 ? 16   VAL A CB    1 
ATOM   83   C  CG1   . VAL A 1 16  ? -7.747  6.304   -2.783  1.00 15.09 ? 16   VAL A CG1   1 
ATOM   84   C  CG2   . VAL A 1 16  ? -5.523  5.226   -3.085  1.00 13.96 ? 16   VAL A CG2   1 
ATOM   85   N  N     . GLY A 1 17  ? -3.425  7.805   -4.159  1.00 13.00 ? 17   GLY A N     1 
ATOM   86   C  CA    . GLY A 1 17  ? -2.016  8.091   -4.012  1.00 13.43 ? 17   GLY A CA    1 
ATOM   87   C  C     . GLY A 1 17  ? -1.090  6.884   -4.037  1.00 12.77 ? 17   GLY A C     1 
ATOM   88   O  O     . GLY A 1 17  ? 0.072   7.011   -3.607  1.00 12.59 ? 17   GLY A O     1 
ATOM   89   N  N     . LYS A 1 18  ? -1.558  5.738   -4.540  1.00 12.63 ? 18   LYS A N     1 
ATOM   90   C  CA    . LYS A 1 18  ? -0.729  4.534   -4.574  1.00 12.66 ? 18   LYS A CA    1 
ATOM   91   C  C     . LYS A 1 18  ? 0.554   4.776   -5.349  1.00 12.43 ? 18   LYS A C     1 
ATOM   92   O  O     . LYS A 1 18  ? 1.658   4.527   -4.849  1.00 12.52 ? 18   LYS A O     1 
ATOM   93   C  CB    . LYS A 1 18  ? -1.510  3.387   -5.212  1.00 11.71 ? 18   LYS A CB    1 
ATOM   94   C  CG    . LYS A 1 18  ? -2.727  2.954   -4.411  1.00 12.01 ? 18   LYS A CG    1 
ATOM   95   C  CD    . LYS A 1 18  ? -3.496  1.797   -5.073  1.00 13.80 ? 18   LYS A CD    1 
ATOM   96   C  CE    . LYS A 1 18  ? -3.944  2.118   -6.490  1.00 14.97 ? 18   LYS A CE    1 
ATOM   97   N  NZ    . LYS A 1 18  ? -4.991  3.198   -6.542  1.00 13.19 ? 18   LYS A NZ    1 
ATOM   98   N  N     . SER A 1 19  ? 0.432   5.260   -6.585  1.00 10.99 ? 19   SER A N     1 
ATOM   99   C  CA    . SER A 1 19  ? 1.626   5.472   -7.395  1.00 11.25 ? 19   SER A CA    1 
ATOM   100  C  C     . SER A 1 19  ? 2.534   6.533   -6.785  1.00 12.99 ? 19   SER A C     1 
ATOM   101  O  O     . SER A 1 19  ? 3.762   6.417   -6.848  1.00 13.82 ? 19   SER A O     1 
ATOM   102  C  CB    . SER A 1 19  ? 1.223   5.848   -8.819  1.00 14.86 ? 19   SER A CB    1 
ATOM   103  O  OG    . SER A 1 19  ? 0.433   4.814   -9.382  1.00 15.25 ? 19   SER A OG    1 
ATOM   104  N  N     . SER A 1 20  ? 1.948   7.575   -6.193  1.00 13.43 ? 20   SER A N     1 
ATOM   105  C  CA    . SER A 1 20  ? 2.772   8.642   -5.636  1.00 12.69 ? 20   SER A CA    1 
ATOM   106  C  C     . SER A 1 20  ? 3.563   8.160   -4.427  1.00 13.52 ? 20   SER A C     1 
ATOM   107  O  O     . SER A 1 20  ? 4.724   8.545   -4.240  1.00 13.66 ? 20   SER A O     1 
ATOM   108  C  CB    . SER A 1 20  ? 1.889   9.839   -5.284  1.00 15.23 ? 20   SER A CB    1 
ATOM   109  O  OG    . SER A 1 20  ? 1.234   10.334  -6.443  1.00 14.81 ? 20   SER A OG    1 
ATOM   110  N  N     . ILE A 1 21  ? 2.963   7.300   -3.603  1.00 13.14 ? 21   ILE A N     1 
ATOM   111  C  CA    . ILE A 1 21  ? 3.694   6.712   -2.487  1.00 11.85 ? 21   ILE A CA    1 
ATOM   112  C  C     . ILE A 1 21  ? 4.871   5.888   -2.996  1.00 12.13 ? 21   ILE A C     1 
ATOM   113  O  O     . ILE A 1 21  ? 5.984   5.977   -2.467  1.00 13.25 ? 21   ILE A O     1 
ATOM   114  C  CB    . ILE A 1 21  ? 2.732   5.878   -1.622  1.00 13.36 ? 21   ILE A CB    1 
ATOM   115  C  CG1   . ILE A 1 21  ? 1.863   6.790   -0.751  1.00 14.46 ? 21   ILE A CG1   1 
ATOM   116  C  CG2   . ILE A 1 21  ? 3.496   4.910   -0.753  1.00 15.06 ? 21   ILE A CG2   1 
ATOM   117  C  CD1   . ILE A 1 21  ? 0.664   6.067   -0.154  1.00 14.86 ? 21   ILE A CD1   1 
ATOM   118  N  N     . VAL A 1 22  ? 4.643   5.090   -4.045  1.00 11.66 ? 22   VAL A N     1 
ATOM   119  C  CA    . VAL A 1 22  ? 5.707   4.268   -4.617  1.00 11.40 ? 22   VAL A CA    1 
ATOM   120  C  C     . VAL A 1 22  ? 6.831   5.144   -5.140  1.00 13.51 ? 22   VAL A C     1 
ATOM   121  O  O     . VAL A 1 22  ? 8.006   4.882   -4.870  1.00 14.71 ? 22   VAL A O     1 
ATOM   122  C  CB    . VAL A 1 22  ? 5.151   3.336   -5.713  1.00 13.05 ? 22   VAL A CB    1 
ATOM   123  C  CG1   . VAL A 1 22  ? 6.275   2.669   -6.502  1.00 16.09 ? 22   VAL A CG1   1 
ATOM   124  C  CG2   . VAL A 1 22  ? 4.236   2.288   -5.107  1.00 15.15 ? 22   VAL A CG2   1 
ATOM   125  N  N     . HIS A 1 23  ? 6.489   6.196   -5.899  1.00 13.32 ? 23   HIS A N     1 
ATOM   126  C  CA    . HIS A 1 23  ? 7.521   7.060   -6.470  1.00 13.78 ? 23   HIS A CA    1 
ATOM   127  C  C     . HIS A 1 23  ? 8.314   7.756   -5.380  1.00 15.80 ? 23   HIS A C     1 
ATOM   128  O  O     . HIS A 1 23  ? 9.532   7.930   -5.509  1.00 16.99 ? 23   HIS A O     1 
ATOM   129  C  CB    . HIS A 1 23  ? 6.908   8.106   -7.403  1.00 16.04 ? 23   HIS A CB    1 
ATOM   130  C  CG    . HIS A 1 23  ? 6.535   7.583   -8.754  1.00 16.41 ? 23   HIS A CG    1 
ATOM   131  N  ND1   . HIS A 1 23  ? 6.794   8.277   -9.915  1.00 18.82 ? 23   HIS A ND1   1 
ATOM   132  C  CD2   . HIS A 1 23  ? 5.898   6.447   -9.128  1.00 16.84 ? 23   HIS A CD2   1 
ATOM   133  C  CE1   . HIS A 1 23  ? 6.345   7.588   -10.948 1.00 20.39 ? 23   HIS A CE1   1 
ATOM   134  N  NE2   . HIS A 1 23  ? 5.795   6.474   -10.498 1.00 18.59 ? 23   HIS A NE2   1 
ATOM   135  N  N     . GLN A 1 24  ? 7.650   8.189   -4.309  1.00 14.98 ? 24   GLN A N     1 
ATOM   136  C  CA    . GLN A 1 24  ? 8.393   8.842   -3.235  1.00 17.76 ? 24   GLN A CA    1 
ATOM   137  C  C     . GLN A 1 24  ? 9.391   7.881   -2.604  1.00 15.63 ? 24   GLN A C     1 
ATOM   138  O  O     . GLN A 1 24  ? 10.565  8.228   -2.408  1.00 15.63 ? 24   GLN A O     1 
ATOM   139  C  CB    . GLN A 1 24  ? 7.435   9.433   -2.198  1.00 17.60 ? 24   GLN A CB    1 
ATOM   140  C  CG    . GLN A 1 24  ? 8.124   9.977   -0.956  1.00 17.35 ? 24   GLN A CG    1 
ATOM   141  C  CD    . GLN A 1 24  ? 9.195   11.004  -1.280  1.00 21.18 ? 24   GLN A CD    1 
ATOM   142  O  OE1   . GLN A 1 24  ? 9.064   11.793  -2.218  1.00 23.00 ? 24   GLN A OE1   1 
ATOM   143  N  NE2   . GLN A 1 24  ? 10.268  10.984  -0.507  1.00 23.36 ? 24   GLN A NE2   1 
ATOM   144  N  N     . PHE A 1 25  ? 8.957   6.648   -2.330  1.00 15.19 ? 25   PHE A N     1 
ATOM   145  C  CA    . PHE A 1 25  ? 9.854   5.655   -1.750  1.00 14.75 ? 25   PHE A CA    1 
ATOM   146  C  C     . PHE A 1 25  ? 11.032  5.360   -2.667  1.00 18.46 ? 25   PHE A C     1 
ATOM   147  O  O     . PHE A 1 25  ? 12.175  5.273   -2.207  1.00 17.64 ? 25   PHE A O     1 
ATOM   148  C  CB    . PHE A 1 25  ? 9.082   4.375   -1.446  1.00 15.96 ? 25   PHE A CB    1 
ATOM   149  C  CG    . PHE A 1 25  ? 9.940   3.261   -0.914  1.00 17.78 ? 25   PHE A CG    1 
ATOM   150  C  CD1   . PHE A 1 25  ? 10.568  3.379   0.312   1.00 19.37 ? 25   PHE A CD1   1 
ATOM   151  C  CD2   . PHE A 1 25  ? 10.086  2.084   -1.630  1.00 18.02 ? 25   PHE A CD2   1 
ATOM   152  C  CE1   . PHE A 1 25  ? 11.349  2.337   0.808   1.00 18.93 ? 25   PHE A CE1   1 
ATOM   153  C  CE2   . PHE A 1 25  ? 10.858  1.039   -1.142  1.00 22.52 ? 25   PHE A CE2   1 
ATOM   154  C  CZ    . PHE A 1 25  ? 11.489  1.167   0.078   1.00 17.62 ? 25   PHE A CZ    1 
ATOM   155  N  N     . LEU A 1 26  ? 10.779  5.204   -3.967  1.00 15.77 ? 26   LEU A N     1 
ATOM   156  C  CA    . LEU A 1 26  ? 11.840  4.768   -4.868  1.00 16.32 ? 26   LEU A CA    1 
ATOM   157  C  C     . LEU A 1 26  ? 12.692  5.918   -5.389  1.00 16.37 ? 26   LEU A C     1 
ATOM   158  O  O     . LEU A 1 26  ? 13.897  5.740   -5.602  1.00 22.49 ? 26   LEU A O     1 
ATOM   159  C  CB    . LEU A 1 26  ? 11.239  4.025   -6.059  1.00 17.78 ? 26   LEU A CB    1 
ATOM   160  C  CG    . LEU A 1 26  ? 10.479  2.727   -5.792  1.00 15.41 ? 26   LEU A CG    1 
ATOM   161  C  CD1   . LEU A 1 26  ? 9.795   2.294   -7.074  1.00 19.71 ? 26   LEU A CD1   1 
ATOM   162  C  CD2   . LEU A 1 26  ? 11.417  1.635   -5.247  1.00 21.33 ? 26   LEU A CD2   1 
ATOM   163  N  N     . PHE A 1 27  ? 12.101  7.092   -5.621  1.00 16.86 ? 27   PHE A N     1 
ATOM   164  C  CA    . PHE A 1 27  ? 12.788  8.159   -6.344  1.00 18.31 ? 27   PHE A CA    1 
ATOM   165  C  C     . PHE A 1 27  ? 12.869  9.483   -5.599  1.00 20.08 ? 27   PHE A C     1 
ATOM   166  O  O     . PHE A 1 27  ? 13.521  10.412  -6.102  1.00 21.40 ? 27   PHE A O     1 
ATOM   167  C  CB    . PHE A 1 27  ? 12.107  8.437   -7.695  1.00 19.14 ? 27   PHE A CB    1 
ATOM   168  C  CG    . PHE A 1 27  ? 11.644  7.206   -8.426  1.00 18.82 ? 27   PHE A CG    1 
ATOM   169  C  CD1   . PHE A 1 27  ? 12.535  6.196   -8.757  1.00 19.13 ? 27   PHE A CD1   1 
ATOM   170  C  CD2   . PHE A 1 27  ? 10.322  7.088   -8.828  1.00 19.41 ? 27   PHE A CD2   1 
ATOM   171  C  CE1   . PHE A 1 27  ? 12.101  5.066   -9.443  1.00 20.57 ? 27   PHE A CE1   1 
ATOM   172  C  CE2   . PHE A 1 27  ? 9.885   5.972   -9.524  1.00 20.52 ? 27   PHE A CE2   1 
ATOM   173  C  CZ    . PHE A 1 27  ? 10.784  4.961   -9.834  1.00 20.17 ? 27   PHE A CZ    1 
ATOM   174  N  N     . ASN A 1 28  ? 12.233  9.609   -4.437  1.00 19.07 ? 28   ASN A N     1 
ATOM   175  C  CA    . ASN A 1 28  ? 12.177  10.859  -3.681  1.00 19.38 ? 28   ASN A CA    1 
ATOM   176  C  C     . ASN A 1 28  ? 11.514  11.982  -4.468  1.00 23.39 ? 28   ASN A C     1 
ATOM   177  O  O     . ASN A 1 28  ? 11.661  13.162  -4.131  1.00 24.47 ? 28   ASN A O     1 
ATOM   178  C  CB    . ASN A 1 28  ? 13.566  11.289  -3.183  1.00 23.54 ? 28   ASN A CB    1 
ATOM   179  C  CG    . ASN A 1 28  ? 13.498  12.357  -2.111  1.00 27.25 ? 28   ASN A CG    1 
ATOM   180  O  OD1   . ASN A 1 28  ? 12.621  12.334  -1.251  1.00 26.11 ? 28   ASN A OD1   1 
ATOM   181  N  ND2   . ASN A 1 28  ? 14.417  13.319  -2.176  1.00 25.45 ? 28   ASN A ND2   1 
ATOM   182  N  N     . ARG A 1 29  ? 10.777  11.634  -5.516  1.00 19.54 ? 29   ARG A N     1 
ATOM   183  C  CA    . ARG A 1 29  ? 10.081  12.608  -6.341  1.00 23.31 ? 29   ARG A CA    1 
ATOM   184  C  C     . ARG A 1 29  ? 9.099   11.835  -7.200  1.00 23.08 ? 29   ARG A C     1 
ATOM   185  O  O     . ARG A 1 29  ? 9.186   10.610  -7.323  1.00 20.22 ? 29   ARG A O     1 
ATOM   186  C  CB    . ARG A 1 29  ? 11.063  13.377  -7.233  1.00 22.75 ? 29   ARG A CB    1 
ATOM   187  C  CG    . ARG A 1 29  ? 11.736  12.490  -8.262  1.00 21.19 ? 29   ARG A CG    1 
ATOM   188  C  CD    . ARG A 1 29  ? 12.784  13.237  -9.087  1.00 23.39 ? 29   ARG A CD    1 
ATOM   189  N  NE    . ARG A 1 29  ? 13.509  12.321  -9.964  1.00 30.22 ? 29   ARG A NE    1 
ATOM   190  C  CZ    . ARG A 1 29  ? 13.231  12.133  -11.252 1.00 31.60 ? 29   ARG A CZ    1 
ATOM   191  N  NH1   . ARG A 1 29  ? 12.246  12.806  -11.830 1.00 33.91 ? 29   ARG A NH1   1 
ATOM   192  N  NH2   . ARG A 1 29  ? 13.944  11.273  -11.966 1.00 35.07 ? 29   ARG A NH2   1 
ATOM   193  N  N     . LYS A 1 30  ? 8.163   12.566  -7.792  1.00 23.72 ? 30   LYS A N     1 
ATOM   194  C  CA    . LYS A 1 30  ? 7.223   11.989  -8.738  1.00 22.31 ? 30   LYS A CA    1 
ATOM   195  C  C     . LYS A 1 30  ? 7.827   12.086  -10.134 1.00 24.39 ? 30   LYS A C     1 
ATOM   196  O  O     . LYS A 1 30  ? 8.171   13.184  -10.592 1.00 23.02 ? 30   LYS A O     1 
ATOM   197  C  CB    . LYS A 1 30  ? 5.902   12.752  -8.685  1.00 21.91 ? 30   LYS A CB    1 
ATOM   198  C  CG    . LYS A 1 30  ? 4.788   12.124  -9.483  1.00 26.87 ? 30   LYS A CG    1 
ATOM   199  C  CD    . LYS A 1 30  ? 4.410   10.768  -8.896  1.00 23.47 ? 30   LYS A CD    1 
ATOM   200  C  CE    . LYS A 1 30  ? 3.073   10.336  -9.403  1.00 26.93 ? 30   LYS A CE    1 
ATOM   201  N  NZ    . LYS A 1 30  ? 2.039   11.341  -9.040  1.00 24.26 ? 30   LYS A NZ    1 
ATOM   202  N  N     . ILE A 1 31  ? 7.985   10.945  -10.796 1.00 23.09 ? 31   ILE A N     1 
ATOM   203  C  CA    . ILE A 1 31  ? 8.416   10.913  -12.189 1.00 24.21 ? 31   ILE A CA    1 
ATOM   204  C  C     . ILE A 1 31  ? 7.152   10.959  -13.039 1.00 28.06 ? 31   ILE A C     1 
ATOM   205  O  O     . ILE A 1 31  ? 6.336   10.036  -13.006 1.00 27.19 ? 31   ILE A O     1 
ATOM   206  C  CB    . ILE A 1 31  ? 9.270   9.677   -12.491 1.00 25.33 ? 31   ILE A CB    1 
ATOM   207  C  CG1   . ILE A 1 31  ? 10.541  9.690   -11.631 1.00 22.54 ? 31   ILE A CG1   1 
ATOM   208  C  CG2   . ILE A 1 31  ? 9.630   9.638   -13.962 1.00 27.89 ? 31   ILE A CG2   1 
ATOM   209  C  CD1   . ILE A 1 31  ? 11.428  8.467   -11.807 1.00 30.24 ? 31   ILE A CD1   1 
ATOM   210  N  N     . SER A 1 32  ? 6.979   12.047  -13.791 1.00 31.20 ? 32   SER A N     1 
ATOM   211  C  CA    . SER A 1 32  ? 5.662   12.379  -14.326 1.00 31.73 ? 32   SER A CA    1 
ATOM   212  C  C     . SER A 1 32  ? 5.229   11.508  -15.496 1.00 32.68 ? 32   SER A C     1 
ATOM   213  O  O     . SER A 1 32  ? 4.025   11.399  -15.754 1.00 38.07 ? 32   SER A O     1 
ATOM   214  C  CB    . SER A 1 32  ? 5.626   13.844  -14.756 1.00 33.22 ? 32   SER A CB    1 
ATOM   215  O  OG    . SER A 1 32  ? 6.612   14.081  -15.741 1.00 38.09 ? 32   SER A OG    1 
ATOM   216  N  N     . ASN A 1 33  ? 6.160   10.900  -16.217 1.00 29.58 ? 33   ASN A N     1 
ATOM   217  C  CA    . ASN A 1 33  ? 5.834   10.231  -17.469 1.00 31.13 ? 33   ASN A CA    1 
ATOM   218  C  C     . ASN A 1 33  ? 6.163   8.743   -17.425 1.00 27.93 ? 33   ASN A C     1 
ATOM   219  O  O     . ASN A 1 33  ? 6.595   8.160   -18.417 1.00 25.18 ? 33   ASN A O     1 
ATOM   220  C  CB    . ASN A 1 33  ? 6.516   10.917  -18.652 1.00 32.29 ? 33   ASN A CB    1 
ATOM   221  C  CG    . ASN A 1 33  ? 8.020   10.692  -18.676 1.00 39.05 ? 33   ASN A CG    1 
ATOM   222  O  OD1   . ASN A 1 33  ? 8.682   10.691  -17.633 1.00 41.56 ? 33   ASN A OD1   1 
ATOM   223  N  ND2   . ASN A 1 33  ? 8.569   10.504  -19.874 1.00 42.15 ? 33   ASN A ND2   1 
ATOM   224  N  N     . VAL A 1 34  ? 5.954   8.098   -16.281 1.00 25.73 ? 34   VAL A N     1 
ATOM   225  C  CA    . VAL A 1 34  ? 6.181   6.660   -16.177 1.00 26.26 ? 34   VAL A CA    1 
ATOM   226  C  C     . VAL A 1 34  ? 5.021   6.016   -15.432 1.00 26.04 ? 34   VAL A C     1 
ATOM   227  O  O     . VAL A 1 34  ? 4.520   6.558   -14.439 1.00 29.88 ? 34   VAL A O     1 
ATOM   228  C  CB    . VAL A 1 34  ? 7.550   6.308   -15.550 1.00 28.36 ? 34   VAL A CB    1 
ATOM   229  C  CG1   . VAL A 1 34  ? 7.561   6.575   -14.050 1.00 28.60 ? 34   VAL A CG1   1 
ATOM   230  C  CG2   . VAL A 1 34  ? 7.906   4.863   -15.847 1.00 25.97 ? 34   VAL A CG2   1 
ATOM   231  N  N     . SER A 1 35  ? 4.588   4.863   -15.929 1.00 24.29 ? 35   SER A N     1 
ATOM   232  C  CA    . SER A 1 35  ? 3.460   4.119   -15.390 1.00 21.24 ? 35   SER A CA    1 
ATOM   233  C  C     . SER A 1 35  ? 3.798   2.640   -15.430 1.00 20.33 ? 35   SER A C     1 
ATOM   234  O  O     . SER A 1 35  ? 4.604   2.210   -16.263 1.00 17.82 ? 35   SER A O     1 
ATOM   235  C  CB    . SER A 1 35  ? 2.197   4.363   -16.231 1.00 27.11 ? 35   SER A CB    1 
ATOM   236  O  OG    . SER A 1 35  ? 1.699   5.673   -16.037 1.00 32.77 ? 35   SER A OG    1 
ATOM   237  N  N     . PRO A 1 36  ? 3.201   1.836   -14.550 1.00 17.50 ? 36   PRO A N     1 
ATOM   238  C  CA    . PRO A 1 36  ? 3.500   0.402   -14.541 1.00 16.80 ? 36   PRO A CA    1 
ATOM   239  C  C     . PRO A 1 36  ? 3.008   -0.293  -15.798 1.00 15.24 ? 36   PRO A C     1 
ATOM   240  O  O     . PRO A 1 36  ? 2.035   0.126   -16.434 1.00 20.65 ? 36   PRO A O     1 
ATOM   241  C  CB    . PRO A 1 36  ? 2.735   -0.112  -13.314 1.00 17.56 ? 36   PRO A CB    1 
ATOM   242  C  CG    . PRO A 1 36  ? 2.523   1.087   -12.459 1.00 18.52 ? 36   PRO A CG    1 
ATOM   243  C  CD    . PRO A 1 36  ? 2.329   2.216   -13.425 1.00 20.07 ? 36   PRO A CD    1 
ATOM   244  N  N     . THR A 1 37  ? 3.703   -1.371  -16.142 1.00 17.09 ? 37   THR A N     1 
ATOM   245  C  CA    . THR A 1 37  ? 3.283   -2.283  -17.190 1.00 19.51 ? 37   THR A CA    1 
ATOM   246  C  C     . THR A 1 37  ? 2.427   -3.372  -16.566 1.00 22.19 ? 37   THR A C     1 
ATOM   247  O  O     . THR A 1 37  ? 2.794   -3.951  -15.540 1.00 24.43 ? 37   THR A O     1 
ATOM   248  C  CB    . THR A 1 37  ? 4.495   -2.925  -17.854 1.00 22.71 ? 37   THR A CB    1 
ATOM   249  O  OG1   . THR A 1 37  ? 5.292   -1.907  -18.471 1.00 22.15 ? 37   THR A OG1   1 
ATOM   250  C  CG2   . THR A 1 37  ? 4.062   -3.922  -18.914 1.00 23.77 ? 37   THR A CG2   1 
ATOM   251  N  N     . ILE A 1 38  ? 1.300   -3.659  -17.211 1.00 25.22 ? 38   ILE A N     1 
ATOM   252  C  CA    . ILE A 1 38  ? 0.410   -4.709  -16.741 1.00 25.29 ? 38   ILE A CA    1 
ATOM   253  C  C     . ILE A 1 38  ? 1.147   -6.042  -16.680 1.00 22.08 ? 38   ILE A C     1 
ATOM   254  O  O     . ILE A 1 38  ? 1.979   -6.361  -17.541 1.00 28.94 ? 38   ILE A O     1 
ATOM   255  C  CB    . ILE A 1 38  ? -0.788  -4.753  -17.701 1.00 26.77 ? 38   ILE A CB    1 
ATOM   256  C  CG1   . ILE A 1 38  ? -1.780  -3.651  -17.338 1.00 22.72 ? 38   ILE A CG1   1 
ATOM   257  C  CG2   . ILE A 1 38  ? -1.428  -6.102  -17.671 1.00 24.40 ? 38   ILE A CG2   1 
ATOM   258  C  CD1   . ILE A 1 38  ? -2.460  -3.866  -16.005 1.00 26.56 ? 38   ILE A CD1   1 
ATOM   259  N  N     . GLY A 1 39  ? 0.866   -6.823  -15.635 1.00 25.03 ? 39   GLY A N     1 
ATOM   260  C  CA    . GLY A 1 39  ? 1.387   -8.170  -15.544 1.00 28.28 ? 39   GLY A CA    1 
ATOM   261  C  C     . GLY A 1 39  ? 2.809   -8.293  -15.055 1.00 30.07 ? 39   GLY A C     1 
ATOM   262  O  O     . GLY A 1 39  ? 3.342   -9.409  -15.028 1.00 31.53 ? 39   GLY A O     1 
ATOM   263  N  N     . ALA A 1 40  ? 3.447   -7.191  -14.667 1.00 25.84 ? 40   ALA A N     1 
ATOM   264  C  CA    . ALA A 1 40  ? 4.804   -7.243  -14.162 1.00 28.03 ? 40   ALA A CA    1 
ATOM   265  C  C     . ALA A 1 40  ? 4.951   -6.256  -13.017 1.00 19.29 ? 40   ALA A C     1 
ATOM   266  O  O     . ALA A 1 40  ? 4.185   -5.292  -12.884 1.00 17.20 ? 40   ALA A O     1 
ATOM   267  C  CB    . ALA A 1 40  ? 5.838   -6.936  -15.255 1.00 26.09 ? 40   ALA A CB    1 
ATOM   268  N  N     . ALA A 1 41  ? 5.939   -6.534  -12.182 1.00 19.74 ? 41   ALA A N     1 
ATOM   269  C  CA    . ALA A 1 41  ? 6.322   -5.608  -11.137 1.00 15.57 ? 41   ALA A CA    1 
ATOM   270  C  C     . ALA A 1 41  ? 6.774   -4.295  -11.753 1.00 14.72 ? 41   ALA A C     1 
ATOM   271  O  O     . ALA A 1 41  ? 7.324   -4.246  -12.860 1.00 14.75 ? 41   ALA A O     1 
ATOM   272  C  CB    . ALA A 1 41  ? 7.462   -6.194  -10.305 1.00 18.06 ? 41   ALA A CB    1 
ATOM   273  N  N     . PHE A 1 42  ? 6.521   -3.225  -11.017 1.00 12.57 ? 42   PHE A N     1 
ATOM   274  C  CA    . PHE A 1 42  ? 6.929   -1.903  -11.460 1.00 12.87 ? 42   PHE A CA    1 
ATOM   275  C  C     . PHE A 1 42  ? 8.417   -1.694  -11.237 1.00 12.76 ? 42   PHE A C     1 
ATOM   276  O  O     . PHE A 1 42  ? 9.113   -1.172  -12.111 1.00 12.68 ? 42   PHE A O     1 
ATOM   277  C  CB    . PHE A 1 42  ? 6.138   -0.849  -10.685 1.00 13.32 ? 42   PHE A CB    1 
ATOM   278  C  CG    . PHE A 1 42  ? 6.551   0.563   -10.988 1.00 11.79 ? 42   PHE A CG    1 
ATOM   279  C  CD1   . PHE A 1 42  ? 6.388   1.098   -12.267 1.00 13.46 ? 42   PHE A CD1   1 
ATOM   280  C  CD2   . PHE A 1 42  ? 7.099   1.363   -10.003 1.00 13.86 ? 42   PHE A CD2   1 
ATOM   281  C  CE1   . PHE A 1 42  ? 6.779   2.401   -12.542 1.00 15.20 ? 42   PHE A CE1   1 
ATOM   282  C  CE2   . PHE A 1 42  ? 7.486   2.661   -10.272 1.00 15.55 ? 42   PHE A CE2   1 
ATOM   283  C  CZ    . PHE A 1 42  ? 7.322   3.183   -11.542 1.00 14.98 ? 42   PHE A CZ    1 
ATOM   284  N  N     . ALA A 1 43  ? 8.922   -2.097  -10.077 1.00 11.73 ? 43   ALA A N     1 
ATOM   285  C  CA    . ALA A 1 43  ? 10.304  -1.840  -9.721  1.00 11.10 ? 43   ALA A CA    1 
ATOM   286  C  C     . ALA A 1 43  ? 10.688  -2.820  -8.633  1.00 13.18 ? 43   ALA A C     1 
ATOM   287  O  O     . ALA A 1 43  ? 9.833   -3.325  -7.901  1.00 14.00 ? 43   ALA A O     1 
ATOM   288  C  CB    . ALA A 1 43  ? 10.470  -0.408  -9.210  1.00 14.15 ? 43   ALA A CB    1 
ATOM   289  N  N     . SER A 1 44  ? 11.983  -3.077  -8.537  1.00 12.85 ? 44   SER A N     1 
ATOM   290  C  CA    . SER A 1 44  ? 12.525  -3.835  -7.425  1.00 13.96 ? 44   SER A CA    1 
ATOM   291  C  C     . SER A 1 44  ? 13.520  -2.950  -6.691  1.00 15.34 ? 44   SER A C     1 
ATOM   292  O  O     . SER A 1 44  ? 14.133  -2.056  -7.282  1.00 18.06 ? 44   SER A O     1 
ATOM   293  C  CB    . SER A 1 44  ? 13.195  -5.135  -7.877  1.00 17.30 ? 44   SER A CB    1 
ATOM   294  O  OG    . SER A 1 44  ? 12.283  -5.983  -8.540  1.00 18.40 ? 44   SER A OG    1 
ATOM   295  N  N     . LYS A 1 45  ? 13.661  -3.194  -5.392  1.00 13.70 ? 45   LYS A N     1 
ATOM   296  C  CA    . LYS A 1 45  ? 14.566  -2.400  -4.573  1.00 13.26 ? 45   LYS A CA    1 
ATOM   297  C  C     . LYS A 1 45  ? 15.211  -3.305  -3.541  1.00 13.21 ? 45   LYS A C     1 
ATOM   298  O  O     . LYS A 1 45  ? 14.519  -4.032  -2.824  1.00 13.17 ? 45   LYS A O     1 
ATOM   299  C  CB    . LYS A 1 45  ? 13.807  -1.271  -3.861  1.00 12.82 ? 45   LYS A CB    1 
ATOM   300  C  CG    . LYS A 1 45  ? 14.690  -0.358  -3.002  1.00 14.96 ? 45   LYS A CG    1 
ATOM   301  C  CD    A LYS A 1 45  ? 15.612  0.491   -3.828  0.54 18.47 ? 45   LYS A CD    1 
ATOM   302  C  CD    B LYS A 1 45  ? 13.937  0.870   -2.537  0.46 17.17 ? 45   LYS A CD    1 
ATOM   303  C  CE    A LYS A 1 45  ? 16.397  1.427   -2.932  0.54 18.56 ? 45   LYS A CE    1 
ATOM   304  C  CE    B LYS A 1 45  ? 14.821  1.819   -1.747  0.46 19.86 ? 45   LYS A CE    1 
ATOM   305  N  NZ    A LYS A 1 45  ? 17.205  2.388   -3.726  0.54 22.10 ? 45   LYS A NZ    1 
ATOM   306  N  NZ    B LYS A 1 45  ? 14.168  3.152   -1.593  0.46 19.22 ? 45   LYS A NZ    1 
ATOM   307  N  N     . GLN A 1 46  ? 16.537  -3.250  -3.467  1.00 13.29 ? 46   GLN A N     1 
ATOM   308  C  CA    . GLN A 1 46  ? 17.266  -3.959  -2.431  1.00 13.45 ? 46   GLN A CA    1 
ATOM   309  C  C     . GLN A 1 46  ? 17.262  -3.116  -1.165  1.00 14.13 ? 46   GLN A C     1 
ATOM   310  O  O     . GLN A 1 46  ? 17.538  -1.910  -1.207  1.00 15.23 ? 46   GLN A O     1 
ATOM   311  C  CB    . GLN A 1 46  ? 18.698  -4.176  -2.908  1.00 15.38 ? 46   GLN A CB    1 
ATOM   312  C  CG    . GLN A 1 46  ? 19.549  -5.062  -2.032  1.00 24.70 ? 46   GLN A CG    1 
ATOM   313  C  CD    . GLN A 1 46  ? 20.598  -5.799  -2.843  1.00 30.95 ? 46   GLN A CD    1 
ATOM   314  O  OE1   . GLN A 1 46  ? 21.804  -5.619  -2.646  1.00 31.38 ? 46   GLN A OE1   1 
ATOM   315  N  NE2   . GLN A 1 46  ? 20.141  -6.633  -3.773  1.00 33.22 ? 46   GLN A NE2   1 
ATOM   316  N  N     . VAL A 1 47  ? 16.960  -3.753  -0.035  1.00 12.89 ? 47   VAL A N     1 
ATOM   317  C  CA    . VAL A 1 47  ? 16.926  -3.081  1.255   1.00 13.48 ? 47   VAL A CA    1 
ATOM   318  C  C     . VAL A 1 47  ? 17.644  -3.948  2.282   1.00 14.91 ? 47   VAL A C     1 
ATOM   319  O  O     . VAL A 1 47  ? 17.758  -5.167  2.140   1.00 14.45 ? 47   VAL A O     1 
ATOM   320  C  CB    . VAL A 1 47  ? 15.493  -2.757  1.730   1.00 15.40 ? 47   VAL A CB    1 
ATOM   321  C  CG1   . VAL A 1 47  ? 14.776  -1.907  0.698   1.00 17.95 ? 47   VAL A CG1   1 
ATOM   322  C  CG2   . VAL A 1 47  ? 14.722  -4.032  2.013   1.00 15.48 ? 47   VAL A CG2   1 
ATOM   323  N  N     . ILE A 1 48  ? 18.129  -3.294  3.331   1.00 15.86 ? 48   ILE A N     1 
ATOM   324  C  CA    . ILE A 1 48  ? 18.690  -3.965  4.498   1.00 15.43 ? 48   ILE A CA    1 
ATOM   325  C  C     . ILE A 1 48  ? 17.756  -3.685  5.663   1.00 15.40 ? 48   ILE A C     1 
ATOM   326  O  O     . ILE A 1 48  ? 17.550  -2.526  6.042   1.00 17.47 ? 48   ILE A O     1 
ATOM   327  C  CB    . ILE A 1 48  ? 20.116  -3.478  4.795   1.00 15.75 ? 48   ILE A CB    1 
ATOM   328  C  CG1   . ILE A 1 48  ? 21.069  -3.879  3.665   1.00 16.41 ? 48   ILE A CG1   1 
ATOM   329  C  CG2   . ILE A 1 48  ? 20.602  -4.064  6.122   1.00 19.07 ? 48   ILE A CG2   1 
ATOM   330  C  CD1   . ILE A 1 48  ? 22.455  -3.265  3.781   1.00 20.02 ? 48   ILE A CD1   1 
ATOM   331  N  N     . ALA A 1 49  ? 17.159  -4.738  6.215   1.00 13.56 ? 49   ALA A N     1 
ATOM   332  C  CA    . ALA A 1 49  ? 16.234  -4.554  7.321   1.00 13.32 ? 49   ALA A CA    1 
ATOM   333  C  C     . ALA A 1 49  ? 16.998  -4.232  8.607   1.00 16.78 ? 49   ALA A C     1 
ATOM   334  O  O     . ALA A 1 49  ? 18.227  -4.361  8.683   1.00 17.83 ? 49   ALA A O     1 
ATOM   335  C  CB    . ALA A 1 49  ? 15.390  -5.809  7.529   1.00 16.19 ? 49   ALA A CB    1 
ATOM   336  N  N     . LYS A 1 50  ? 16.240  -3.819  9.630   1.00 18.95 ? 50   LYS A N     1 
ATOM   337  C  CA    . LYS A 1 50  ? 16.846  -3.518  10.928  1.00 20.00 ? 50   LYS A CA    1 
ATOM   338  C  C     . LYS A 1 50  ? 17.601  -4.708  11.501  1.00 19.55 ? 50   LYS A C     1 
ATOM   339  O  O     . LYS A 1 50  ? 18.599  -4.522  12.210  1.00 20.96 ? 50   LYS A O     1 
ATOM   340  C  CB    . LYS A 1 50  ? 15.781  -3.055  11.922  1.00 22.40 ? 50   LYS A CB    1 
ATOM   341  C  CG    . LYS A 1 50  ? 15.223  -1.674  11.623  1.00 25.31 ? 50   LYS A CG    1 
ATOM   342  C  CD    . LYS A 1 50  ? 14.236  -1.233  12.694  1.00 34.68 ? 50   LYS A CD    1 
ATOM   343  C  CE    . LYS A 1 50  ? 13.557  0.073   12.311  1.00 38.80 ? 50   LYS A CE    1 
ATOM   344  N  NZ    . LYS A 1 50  ? 14.539  1.170   12.069  1.00 42.77 ? 50   LYS A NZ    1 
ATOM   345  N  N     . ASN A 1 51  ? 17.146  -5.927  11.224  1.00 16.41 ? 51   ASN A N     1 
ATOM   346  C  CA    . ASN A 1 51  ? 17.826  -7.113  11.727  1.00 16.83 ? 51   ASN A CA    1 
ATOM   347  C  C     . ASN A 1 51  ? 18.998  -7.547  10.861  1.00 18.12 ? 51   ASN A C     1 
ATOM   348  O  O     . ASN A 1 51  ? 19.602  -8.585  11.145  1.00 18.53 ? 51   ASN A O     1 
ATOM   349  C  CB    . ASN A 1 51  ? 16.842  -8.273  11.926  1.00 17.58 ? 51   ASN A CB    1 
ATOM   350  C  CG    . ASN A 1 51  ? 16.259  -8.803  10.615  1.00 16.74 ? 51   ASN A CG    1 
ATOM   351  O  OD1   . ASN A 1 51  ? 16.590  -8.318  9.529   1.00 15.91 ? 51   ASN A OD1   1 
ATOM   352  N  ND2   . ASN A 1 51  ? 15.396  -9.821  10.717  1.00 17.50 ? 51   ASN A ND2   1 
ATOM   353  N  N     . GLY A 1 52  ? 19.325  -6.805  9.811   1.00 17.18 ? 52   GLY A N     1 
ATOM   354  C  CA    . GLY A 1 52  ? 20.478  -7.125  9.001   1.00 17.70 ? 52   GLY A CA    1 
ATOM   355  C  C     . GLY A 1 52  ? 20.234  -8.128  7.900   1.00 17.06 ? 52   GLY A C     1 
ATOM   356  O  O     . GLY A 1 52  ? 21.185  -8.481  7.186   1.00 17.02 ? 52   GLY A O     1 
ATOM   357  N  N     . LYS A 1 53  ? 18.996  -8.587  7.728   1.00 16.60 ? 53   LYS A N     1 
ATOM   358  C  CA    . LYS A 1 53  ? 18.667  -9.385  6.560   1.00 15.50 ? 53   LYS A CA    1 
ATOM   359  C  C     . LYS A 1 53  ? 18.600  -8.484  5.332   1.00 16.13 ? 53   LYS A C     1 
ATOM   360  O  O     . LYS A 1 53  ? 18.102  -7.359  5.400   1.00 16.55 ? 53   LYS A O     1 
ATOM   361  C  CB    . LYS A 1 53  ? 17.324  -10.082 6.765   1.00 16.97 ? 53   LYS A CB    1 
ATOM   362  C  CG    . LYS A 1 53  ? 17.165  -11.326 5.916   1.00 21.44 ? 53   LYS A CG    1 
ATOM   363  C  CD    . LYS A 1 53  ? 15.823  -12.004 6.126   1.00 22.08 ? 53   LYS A CD    1 
ATOM   364  C  CE    . LYS A 1 53  ? 15.776  -12.784 7.429   1.00 19.28 ? 53   LYS A CE    1 
ATOM   365  N  NZ    . LYS A 1 53  ? 14.518  -13.604 7.548   1.00 20.66 ? 53   LYS A NZ    1 
ATOM   366  N  N     . THR A 1 54  ? 19.116  -8.974  4.214   1.00 16.85 ? 54   THR A N     1 
ATOM   367  C  CA    . THR A 1 54  ? 18.981  -8.273  2.945   1.00 18.42 ? 54   THR A CA    1 
ATOM   368  C  C     . THR A 1 54  ? 17.768  -8.816  2.211   1.00 14.36 ? 54   THR A C     1 
ATOM   369  O  O     . THR A 1 54  ? 17.572  -10.031 2.130   1.00 19.13 ? 54   THR A O     1 
ATOM   370  C  CB    . THR A 1 54  ? 20.224  -8.448  2.080   1.00 21.18 ? 54   THR A CB    1 
ATOM   371  O  OG1   . THR A 1 54  ? 20.450  -9.842  1.833   1.00 28.10 ? 54   THR A OG1   1 
ATOM   372  C  CG2   . THR A 1 54  ? 21.418  -7.848  2.777   1.00 18.87 ? 54   THR A CG2   1 
ATOM   373  N  N     . LEU A 1 55  ? 16.942  -7.915  1.704   1.00 14.55 ? 55   LEU A N     1 
ATOM   374  C  CA    . LEU A 1 55  ? 15.709  -8.292  1.034   1.00 15.37 ? 55   LEU A CA    1 
ATOM   375  C  C     . LEU A 1 55  ? 15.647  -7.605  -0.320  1.00 14.61 ? 55   LEU A C     1 
ATOM   376  O  O     . LEU A 1 55  ? 15.991  -6.424  -0.444  1.00 14.61 ? 55   LEU A O     1 
ATOM   377  C  CB    . LEU A 1 55  ? 14.488  -7.845  1.847   1.00 15.21 ? 55   LEU A CB    1 
ATOM   378  C  CG    . LEU A 1 55  ? 14.157  -8.541  3.167   1.00 19.54 ? 55   LEU A CG    1 
ATOM   379  C  CD1   . LEU A 1 55  ? 15.016  -8.032  4.300   1.00 21.87 ? 55   LEU A CD1   1 
ATOM   380  C  CD2   . LEU A 1 55  ? 12.664  -8.392  3.480   1.00 20.11 ? 55   LEU A CD2   1 
ATOM   381  N  N     . LYS A 1 56  ? 15.200  -8.339  -1.331  1.00 13.51 ? 56   LYS A N     1 
ATOM   382  C  CA    . LYS A 1 56  ? 14.856  -7.748  -2.621  1.00 13.91 ? 56   LYS A CA    1 
ATOM   383  C  C     . LYS A 1 56  ? 13.341  -7.586  -2.628  1.00 15.00 ? 56   LYS A C     1 
ATOM   384  O  O     . LYS A 1 56  ? 12.610  -8.581  -2.628  1.00 15.35 ? 56   LYS A O     1 
ATOM   385  C  CB    . LYS A 1 56  ? 15.304  -8.658  -3.759  1.00 16.54 ? 56   LYS A CB    1 
ATOM   386  C  CG    . LYS A 1 56  ? 14.890  -8.190  -5.157  1.00 22.43 ? 56   LYS A CG    1 
ATOM   387  C  CD    . LYS A 1 56  ? 15.407  -9.158  -6.218  1.00 24.02 ? 56   LYS A CD    1 
ATOM   388  C  CE    . LYS A 1 56  ? 14.890  -8.827  -7.613  1.00 27.43 ? 56   LYS A CE    1 
ATOM   389  N  NZ    . LYS A 1 56  ? 13.496  -9.308  -7.828  1.00 30.18 ? 56   LYS A NZ    1 
ATOM   390  N  N     . LEU A 1 57  ? 12.864  -6.341  -2.591  1.00 12.66 ? 57   LEU A N     1 
ATOM   391  C  CA    . LEU A 1 57  ? 11.431  -6.068  -2.668  1.00 12.43 ? 57   LEU A CA    1 
ATOM   392  C  C     . LEU A 1 57  ? 11.022  -5.932  -4.127  1.00 13.23 ? 57   LEU A C     1 
ATOM   393  O  O     . LEU A 1 57  ? 11.678  -5.222  -4.899  1.00 15.63 ? 57   LEU A O     1 
ATOM   394  C  CB    . LEU A 1 57  ? 11.077  -4.782  -1.923  1.00 15.56 ? 57   LEU A CB    1 
ATOM   395  C  CG    . LEU A 1 57  ? 11.616  -4.629  -0.502  1.00 15.96 ? 57   LEU A CG    1 
ATOM   396  C  CD1   . LEU A 1 57  ? 11.100  -3.322  0.057   1.00 18.83 ? 57   LEU A CD1   1 
ATOM   397  C  CD2   . LEU A 1 57  ? 11.187  -5.804  0.372   1.00 18.57 ? 57   LEU A CD2   1 
ATOM   398  N  N     . ASN A 1 58  ? 9.940   -6.609  -4.501  1.00 12.49 ? 58   ASN A N     1 
ATOM   399  C  CA    . ASN A 1 58  ? 9.395   -6.527  -5.852  1.00 12.06 ? 58   ASN A CA    1 
ATOM   400  C  C     . ASN A 1 58  ? 8.059   -5.825  -5.723  1.00 12.64 ? 58   ASN A C     1 
ATOM   401  O  O     . ASN A 1 58  ? 7.096   -6.418  -5.234  1.00 11.98 ? 58   ASN A O     1 
ATOM   402  C  CB    . ASN A 1 58  ? 9.234   -7.922  -6.454  1.00 13.43 ? 58   ASN A CB    1 
ATOM   403  C  CG    . ASN A 1 58  ? 10.549  -8.672  -6.531  1.00 16.71 ? 58   ASN A CG    1 
ATOM   404  O  OD1   . ASN A 1 58  ? 11.589  -8.092  -6.834  1.00 16.17 ? 58   ASN A OD1   1 
ATOM   405  N  ND2   . ASN A 1 58  ? 10.509  -9.966  -6.231  1.00 21.88 ? 58   ASN A ND2   1 
ATOM   406  N  N     . ILE A 1 59  ? 8.000   -4.567  -6.156  1.00 11.95 ? 59   ILE A N     1 
ATOM   407  C  CA    . ILE A 1 59  ? 6.870   -3.693  -5.863  1.00 12.19 ? 59   ILE A CA    1 
ATOM   408  C  C     . ILE A 1 59  ? 5.941   -3.657  -7.068  1.00 11.55 ? 59   ILE A C     1 
ATOM   409  O  O     . ILE A 1 59  ? 6.357   -3.279  -8.173  1.00 13.20 ? 59   ILE A O     1 
ATOM   410  C  CB    . ILE A 1 59  ? 7.345   -2.283  -5.484  1.00 13.51 ? 59   ILE A CB    1 
ATOM   411  C  CG1   . ILE A 1 59  ? 8.211   -2.350  -4.214  1.00 15.63 ? 59   ILE A CG1   1 
ATOM   412  C  CG2   . ILE A 1 59  ? 6.152   -1.346  -5.319  1.00 14.63 ? 59   ILE A CG2   1 
ATOM   413  C  CD1   . ILE A 1 59  ? 8.997   -1.102  -3.918  1.00 21.12 ? 59   ILE A CD1   1 
ATOM   414  N  N     . TRP A 1 60  ? 4.694   -4.065  -6.858  1.00 10.73 ? 60   TRP A N     1 
ATOM   415  C  CA    . TRP A 1 60  ? 3.654   -4.026  -7.877  1.00 10.17 ? 60   TRP A CA    1 
ATOM   416  C  C     . TRP A 1 60  ? 2.732   -2.846  -7.617  1.00 11.92 ? 60   TRP A C     1 
ATOM   417  O  O     . TRP A 1 60  ? 2.291   -2.624  -6.482  1.00 12.03 ? 60   TRP A O     1 
ATOM   418  C  CB    . TRP A 1 60  ? 2.828   -5.310  -7.829  1.00 11.02 ? 60   TRP A CB    1 
ATOM   419  C  CG    . TRP A 1 60  ? 3.576   -6.525  -8.311  1.00 13.98 ? 60   TRP A CG    1 
ATOM   420  C  CD1   . TRP A 1 60  ? 4.710   -7.066  -7.766  1.00 14.80 ? 60   TRP A CD1   1 
ATOM   421  C  CD2   . TRP A 1 60  ? 3.234   -7.343  -9.432  1.00 12.90 ? 60   TRP A CD2   1 
ATOM   422  N  NE1   . TRP A 1 60  ? 5.084   -8.183  -8.485  1.00 15.52 ? 60   TRP A NE1   1 
ATOM   423  C  CE2   . TRP A 1 60  ? 4.198   -8.369  -9.513  1.00 15.65 ? 60   TRP A CE2   1 
ATOM   424  C  CE3   . TRP A 1 60  ? 2.194   -7.313  -10.372 1.00 14.91 ? 60   TRP A CE3   1 
ATOM   425  C  CZ2   . TRP A 1 60  ? 4.158   -9.351  -10.500 1.00 17.39 ? 60   TRP A CZ2   1 
ATOM   426  C  CZ3   . TRP A 1 60  ? 2.156   -8.295  -11.349 1.00 16.22 ? 60   TRP A CZ3   1 
ATOM   427  C  CH2   . TRP A 1 60  ? 3.140   -9.292  -11.406 1.00 17.11 ? 60   TRP A CH2   1 
ATOM   428  N  N     . ASP A 1 61  ? 2.435   -2.107  -8.678  1.00 12.12 ? 61   ASP A N     1 
ATOM   429  C  CA    . ASP A 1 61  ? 1.503   -0.991  -8.661  1.00 13.37 ? 61   ASP A CA    1 
ATOM   430  C  C     . ASP A 1 61  ? 0.545   -1.163  -9.833  1.00 14.35 ? 61   ASP A C     1 
ATOM   431  O  O     . ASP A 1 61  ? 0.876   -1.799  -10.839 1.00 14.43 ? 61   ASP A O     1 
ATOM   432  C  CB    . ASP A 1 61  ? 2.280   0.333   -8.770  1.00 13.82 ? 61   ASP A CB    1 
ATOM   433  C  CG    . ASP A 1 61  ? 1.387   1.568   -8.623  1.00 14.30 ? 61   ASP A CG    1 
ATOM   434  O  OD1   . ASP A 1 61  ? 0.332   1.487   -7.945  1.00 15.51 ? 61   ASP A OD1   1 
ATOM   435  O  OD2   . ASP A 1 61  ? 1.763   2.617   -9.183  1.00 14.93 ? 61   ASP A OD2   1 
ATOM   436  N  N     . THR A 1 62  ? -0.670  -0.649  -9.675  1.00 13.81 ? 62   THR A N     1 
ATOM   437  C  CA    . THR A 1 62  ? -1.635  -0.789  -10.754 1.00 15.74 ? 62   THR A CA    1 
ATOM   438  C  C     . THR A 1 62  ? -1.330  0.187   -11.885 1.00 16.15 ? 62   THR A C     1 
ATOM   439  O  O     . THR A 1 62  ? -0.586  1.165   -11.731 1.00 15.17 ? 62   THR A O     1 
ATOM   440  C  CB    . THR A 1 62  ? -3.063  -0.529  -10.267 1.00 16.79 ? 62   THR A CB    1 
ATOM   441  O  OG1   . THR A 1 62  ? -3.259  0.882   -10.077 1.00 15.85 ? 62   THR A OG1   1 
ATOM   442  C  CG2   . THR A 1 62  ? -3.362  -1.270  -8.964  1.00 18.25 ? 62   THR A CG2   1 
ATOM   443  N  N     . ALA A 1 63  ? -1.938  -0.094  -13.038 1.00 18.40 ? 63   ALA A N     1 
ATOM   444  C  CA    . ALA A 1 63  ? -1.896  0.787   -14.197 1.00 20.59 ? 63   ALA A CA    1 
ATOM   445  C  C     . ALA A 1 63  ? -3.241  1.471   -14.419 1.00 22.01 ? 63   ALA A C     1 
ATOM   446  O  O     . ALA A 1 63  ? -3.606  1.791   -15.555 1.00 26.17 ? 63   ALA A O     1 
ATOM   447  C  CB    . ALA A 1 63  ? -1.461  0.023   -15.446 1.00 23.74 ? 63   ALA A CB    1 
ATOM   448  N  N     . GLY A 1 64  ? -3.997  1.683   -13.344 1.00 19.54 ? 64   GLY A N     1 
ATOM   449  C  CA    . GLY A 1 64  ? -5.309  2.295   -13.423 1.00 21.33 ? 64   GLY A CA    1 
ATOM   450  C  C     . GLY A 1 64  ? -6.474  1.331   -13.451 1.00 22.66 ? 64   GLY A C     1 
ATOM   451  O  O     . GLY A 1 64  ? -7.629  1.784   -13.424 1.00 26.27 ? 64   GLY A O     1 
ATOM   452  N  N     . GLN A 1 65  ? -6.223  0.018   -13.486 1.00 21.87 ? 65   GLN A N     1 
ATOM   453  C  CA    . GLN A 1 65  ? -7.311  -0.947  -13.627 1.00 23.26 ? 65   GLN A CA    1 
ATOM   454  C  C     . GLN A 1 65  ? -8.205  -1.045  -12.393 1.00 24.71 ? 65   GLN A C     1 
ATOM   455  O  O     . GLN A 1 65  ? -9.285  -1.643  -12.479 1.00 26.38 ? 65   GLN A O     1 
ATOM   456  C  CB    . GLN A 1 65  ? -6.772  -2.328  -14.027 1.00 26.76 ? 65   GLN A CB    1 
ATOM   457  C  CG    . GLN A 1 65  ? -5.897  -3.010  -12.986 1.00 23.88 ? 65   GLN A CG    1 
ATOM   458  C  CD    . GLN A 1 65  ? -4.415  -2.705  -13.140 1.00 20.68 ? 65   GLN A CD    1 
ATOM   459  O  OE1   . GLN A 1 65  ? -4.034  -1.611  -13.547 1.00 19.72 ? 65   GLN A OE1   1 
ATOM   460  N  NE2   . GLN A 1 65  ? -3.565  -3.683  -12.805 1.00 20.85 ? 65   GLN A NE2   1 
ATOM   461  N  N     . GLU A 1 66  ? -7.799  -0.472  -11.256 1.00 18.59 ? 66   GLU A N     1 
ATOM   462  C  CA    . GLU A 1 66  ? -8.648  -0.466  -10.070 1.00 18.28 ? 66   GLU A CA    1 
ATOM   463  C  C     . GLU A 1 66  ? -9.907  0.375   -10.249 1.00 21.65 ? 66   GLU A C     1 
ATOM   464  O  O     . GLU A 1 66  ? -10.867 0.182   -9.498  1.00 21.84 ? 66   GLU A O     1 
ATOM   465  C  CB    . GLU A 1 66  ? -7.864  -0.003  -8.835  1.00 19.33 ? 66   GLU A CB    1 
ATOM   466  C  CG    . GLU A 1 66  ? -7.531  1.488   -8.818  1.00 17.98 ? 66   GLU A CG    1 
ATOM   467  C  CD    . GLU A 1 66  ? -6.238  1.828   -9.543  1.00 18.10 ? 66   GLU A CD    1 
ATOM   468  O  OE1   . GLU A 1 66  ? -5.671  2.900   -9.253  1.00 15.71 ? 66   GLU A OE1   1 
ATOM   469  O  OE2   . GLU A 1 66  ? -5.788  1.044   -10.413 1.00 17.91 ? 66   GLU A OE2   1 
ATOM   470  N  N     . ARG A 1 67  ? -9.925  1.298   -11.216 1.00 21.42 ? 67   ARG A N     1 
ATOM   471  C  CA    . ARG A 1 67  ? -11.124 2.094   -11.463 1.00 26.06 ? 67   ARG A CA    1 
ATOM   472  C  C     . ARG A 1 67  ? -12.300 1.219   -11.864 1.00 28.47 ? 67   ARG A C     1 
ATOM   473  O  O     . ARG A 1 67  ? -13.460 1.620   -11.705 1.00 27.19 ? 67   ARG A O     1 
ATOM   474  C  CB    . ARG A 1 67  ? -10.859 3.102   -12.577 1.00 30.44 ? 67   ARG A CB    1 
ATOM   475  C  CG    . ARG A 1 67  ? -12.031 4.028   -12.860 1.00 36.48 ? 67   ARG A CG    1 
ATOM   476  C  CD    . ARG A 1 67  ? -12.028 4.452   -14.315 1.00 42.13 ? 67   ARG A CD    1 
ATOM   477  N  NE    . ARG A 1 67  ? -10.700 4.847   -14.749 1.00 43.23 ? 67   ARG A NE    1 
ATOM   478  C  CZ    . ARG A 1 67  ? -10.064 5.934   -14.316 1.00 47.14 ? 67   ARG A CZ    1 
ATOM   479  N  NH1   . ARG A 1 67  ? -10.632 6.747   -13.433 1.00 49.11 ? 67   ARG A NH1   1 
ATOM   480  N  NH2   . ARG A 1 67  ? -8.841  6.212   -14.755 1.00 51.75 ? 67   ARG A NH2   1 
ATOM   481  N  N     . PHE A 1 68  ? -12.022 0.033   -12.397 1.00 27.85 ? 68   PHE A N     1 
ATOM   482  C  CA    . PHE A 1 68  ? -13.057 -0.885  -12.845 1.00 27.74 ? 68   PHE A CA    1 
ATOM   483  C  C     . PHE A 1 68  ? -13.273 -2.047  -11.884 1.00 30.77 ? 68   PHE A C     1 
ATOM   484  O  O     . PHE A 1 68  ? -14.026 -2.970  -12.210 1.00 31.19 ? 68   PHE A O     1 
ATOM   485  C  CB    . PHE A 1 68  ? -12.733 -1.393  -14.253 1.00 29.85 ? 68   PHE A CB    1 
ATOM   486  C  CG    . PHE A 1 68  ? -12.344 -0.302  -15.212 1.00 32.05 ? 68   PHE A CG    1 
ATOM   487  C  CD1   . PHE A 1 68  ? -13.311 0.519   -15.777 1.00 39.19 ? 68   PHE A CD1   1 
ATOM   488  C  CD2   . PHE A 1 68  ? -11.014 -0.093  -15.548 1.00 36.99 ? 68   PHE A CD2   1 
ATOM   489  C  CE1   . PHE A 1 68  ? -12.958 1.527   -16.661 1.00 37.00 ? 68   PHE A CE1   1 
ATOM   490  C  CE2   . PHE A 1 68  ? -10.654 0.914   -16.433 1.00 37.90 ? 68   PHE A CE2   1 
ATOM   491  C  CZ    . PHE A 1 68  ? -11.630 1.726   -16.990 1.00 40.00 ? 68   PHE A CZ    1 
ATOM   492  N  N     . ARG A 1 69  ? -12.656 -2.009  -10.698 1.00 23.64 ? 69   ARG A N     1 
ATOM   493  C  CA    . ARG A 1 69  ? -12.738 -3.110  -9.741  1.00 27.46 ? 69   ARG A CA    1 
ATOM   494  C  C     . ARG A 1 69  ? -12.353 -4.423  -10.420 1.00 28.73 ? 69   ARG A C     1 
ATOM   495  O  O     . ARG A 1 69  ? -13.031 -5.446  -10.293 1.00 30.74 ? 69   ARG A O     1 
ATOM   496  C  CB    . ARG A 1 69  ? -14.122 -3.190  -9.085  1.00 30.61 ? 69   ARG A CB    1 
ATOM   497  C  CG    . ARG A 1 69  ? -14.324 -2.258  -7.891  1.00 33.44 ? 69   ARG A CG    1 
ATOM   498  C  CD    . ARG A 1 69  ? -15.804 -2.128  -7.525  1.00 32.12 ? 69   ARG A CD    1 
ATOM   499  N  NE    . ARG A 1 69  ? -16.110 -2.601  -6.175  1.00 33.91 ? 69   ARG A NE    1 
ATOM   500  C  CZ    . ARG A 1 69  ? -16.066 -1.845  -5.082  1.00 28.87 ? 69   ARG A CZ    1 
ATOM   501  N  NH1   . ARG A 1 69  ? -15.721 -0.567  -5.165  1.00 35.55 ? 69   ARG A NH1   1 
ATOM   502  N  NH2   . ARG A 1 69  ? -16.368 -2.370  -3.901  1.00 31.98 ? 69   ARG A NH2   1 
ATOM   503  N  N     . SER A 1 70  ? -11.253 -4.372  -11.165 1.00 27.98 ? 70   SER A N     1 
ATOM   504  C  CA    . SER A 1 70  ? -10.829 -5.425  -12.083 1.00 31.11 ? 70   SER A CA    1 
ATOM   505  C  C     . SER A 1 70  ? -9.350  -5.755  -11.887 1.00 28.72 ? 70   SER A C     1 
ATOM   506  O  O     . SER A 1 70  ? -8.553  -5.755  -12.830 1.00 30.02 ? 70   SER A O     1 
ATOM   507  C  CB    . SER A 1 70  ? -11.083 -4.984  -13.520 1.00 33.10 ? 70   SER A CB    1 
ATOM   508  O  OG    . SER A 1 70  ? -9.960  -4.280  -14.034 1.00 36.11 ? 70   SER A OG    1 
ATOM   509  N  N     . ILE A 1 71  ? -8.955  -6.049  -10.655 1.00 23.45 ? 71   ILE A N     1 
ATOM   510  C  CA    . ILE A 1 71  ? -7.611  -6.541  -10.388 1.00 20.15 ? 71   ILE A CA    1 
ATOM   511  C  C     . ILE A 1 71  ? -7.614  -8.053  -10.563 1.00 17.25 ? 71   ILE A C     1 
ATOM   512  O  O     . ILE A 1 71  ? -8.517  -8.743  -10.069 1.00 19.25 ? 71   ILE A O     1 
ATOM   513  C  CB    . ILE A 1 71  ? -7.147  -6.154  -8.977  1.00 18.47 ? 71   ILE A CB    1 
ATOM   514  C  CG1   . ILE A 1 71  ? -7.199  -4.637  -8.775  1.00 22.32 ? 71   ILE A CG1   1 
ATOM   515  C  CG2   . ILE A 1 71  ? -5.749  -6.686  -8.739  1.00 17.10 ? 71   ILE A CG2   1 
ATOM   516  C  CD1   A ILE A 1 71  ? -6.375  -3.876  -9.733  0.56 22.90 ? 71   ILE A CD1   1 
ATOM   517  C  CD1   B ILE A 1 71  ? -6.291  -4.148  -7.666  0.44 18.67 ? 71   ILE A CD1   1 
ATOM   518  N  N     . THR A 1 72  ? -6.605  -8.575  -11.258 1.00 13.25 ? 72   THR A N     1 
ATOM   519  C  CA    . THR A 1 72  ? -6.602  -9.974  -11.661 1.00 12.71 ? 72   THR A CA    1 
ATOM   520  C  C     . THR A 1 72  ? -6.012  -10.882 -10.586 1.00 11.57 ? 72   THR A C     1 
ATOM   521  O  O     . THR A 1 72  ? -5.292  -10.454 -9.678  1.00 13.24 ? 72   THR A O     1 
ATOM   522  C  CB    . THR A 1 72  ? -5.760  -10.174 -12.918 1.00 13.63 ? 72   THR A CB    1 
ATOM   523  O  OG1   . THR A 1 72  ? -4.402  -9.825  -12.628 1.00 13.62 ? 72   THR A OG1   1 
ATOM   524  C  CG2   . THR A 1 72  ? -6.287  -9.326  -14.073 1.00 14.96 ? 72   THR A CG2   1 
ATOM   525  N  N     . LYS A 1 73  ? -6.290  -12.174 -10.745 1.00 12.96 ? 73   LYS A N     1 
ATOM   526  C  CA    . LYS A 1 73  ? -5.676  -13.182 -9.889  1.00 11.18 ? 73   LYS A CA    1 
ATOM   527  C  C     . LYS A 1 73  ? -4.165  -13.037 -9.888  1.00 12.89 ? 73   LYS A C     1 
ATOM   528  O  O     . LYS A 1 73  ? -3.529  -13.083 -8.834  1.00 13.67 ? 73   LYS A O     1 
ATOM   529  C  CB    . LYS A 1 73  ? -6.047  -14.578 -10.396 1.00 12.83 ? 73   LYS A CB    1 
ATOM   530  C  CG    . LYS A 1 73  ? -5.261  -15.717 -9.755  1.00 14.49 ? 73   LYS A CG    1 
ATOM   531  C  CD    . LYS A 1 73  ? -5.565  -15.889 -8.270  1.00 14.44 ? 73   LYS A CD    1 
ATOM   532  C  CE    . LYS A 1 73  ? -4.757  -17.071 -7.731  1.00 18.69 ? 73   LYS A CE    1 
ATOM   533  N  NZ    . LYS A 1 73  ? -5.090  -17.372 -6.316  1.00 21.20 ? 73   LYS A NZ    1 
ATOM   534  N  N     . MET A 1 74  ? -3.568  -12.874 -11.073 1.00 11.32 ? 74   MET A N     1 
ATOM   535  C  CA    . MET A 1 74  ? -2.108  -12.868 -11.151 1.00 11.86 ? 74   MET A CA    1 
ATOM   536  C  C     . MET A 1 74  ? -1.501  -11.625 -10.516 1.00 12.53 ? 74   MET A C     1 
ATOM   537  O  O     . MET A 1 74  ? -0.359  -11.677 -10.051 1.00 13.76 ? 74   MET A O     1 
ATOM   538  C  CB    . MET A 1 74  ? -1.613  -13.066 -12.585 1.00 14.42 ? 74   MET A CB    1 
ATOM   539  C  CG    . MET A 1 74  ? -1.897  -14.455 -13.150 1.00 15.94 ? 74   MET A CG    1 
ATOM   540  S  SD    . MET A 1 74  ? -1.325  -15.835 -12.110 1.00 16.68 ? 74   MET A SD    1 
ATOM   541  C  CE    . MET A 1 74  ? 0.450   -15.579 -12.092 1.00 19.76 ? 74   MET A CE    1 
ATOM   542  N  N     . TYR A 1 75  ? -2.227  -10.506 -10.482 1.00 12.61 ? 75   TYR A N     1 
ATOM   543  C  CA    . TYR A 1 75  ? -1.713  -9.348  -9.748  1.00 12.48 ? 75   TYR A CA    1 
ATOM   544  C  C     . TYR A 1 75  ? -1.568  -9.676  -8.268  1.00 11.75 ? 75   TYR A C     1 
ATOM   545  O  O     . TYR A 1 75  ? -0.536  -9.392  -7.647  1.00 11.97 ? 75   TYR A O     1 
ATOM   546  C  CB    . TYR A 1 75  ? -2.622  -8.130  -9.947  1.00 12.03 ? 75   TYR A CB    1 
ATOM   547  C  CG    . TYR A 1 75  ? -2.107  -6.849  -9.306  1.00 12.07 ? 75   TYR A CG    1 
ATOM   548  C  CD1   . TYR A 1 75  ? -2.449  -6.504  -7.990  1.00 12.20 ? 75   TYR A CD1   1 
ATOM   549  C  CD2   . TYR A 1 75  ? -1.297  -5.971  -10.020 1.00 12.08 ? 75   TYR A CD2   1 
ATOM   550  C  CE1   . TYR A 1 75  ? -1.974  -5.311  -7.406  1.00 11.66 ? 75   TYR A CE1   1 
ATOM   551  C  CE2   . TYR A 1 75  ? -0.824  -4.790  -9.453  1.00 14.07 ? 75   TYR A CE2   1 
ATOM   552  C  CZ    . TYR A 1 75  ? -1.173  -4.464  -8.160  1.00 12.72 ? 75   TYR A CZ    1 
ATOM   553  O  OH    . TYR A 1 75  ? -0.687  -3.283  -7.639  1.00 12.91 ? 75   TYR A OH    1 
ATOM   554  N  N     . TYR A 1 76  ? -2.583  -10.309 -7.694  1.00 12.59 ? 76   TYR A N     1 
ATOM   555  C  CA    . TYR A 1 76  ? -2.566  -10.632 -6.270  1.00 12.81 ? 76   TYR A CA    1 
ATOM   556  C  C     . TYR A 1 76  ? -1.675  -11.819 -5.914  1.00 15.66 ? 76   TYR A C     1 
ATOM   557  O  O     . TYR A 1 76  ? -1.154  -11.877 -4.789  1.00 15.36 ? 76   TYR A O     1 
ATOM   558  C  CB    . TYR A 1 76  ? -3.976  -11.010 -5.835  1.00 12.95 ? 76   TYR A CB    1 
ATOM   559  C  CG    . TYR A 1 76  ? -4.959  -9.873  -5.700  1.00 13.16 ? 76   TYR A CG    1 
ATOM   560  C  CD1   . TYR A 1 76  ? -4.771  -8.878  -4.742  1.00 13.13 ? 76   TYR A CD1   1 
ATOM   561  C  CD2   . TYR A 1 76  ? -6.110  -9.834  -6.470  1.00 14.40 ? 76   TYR A CD2   1 
ATOM   562  C  CE1   . TYR A 1 76  ? -5.691  -7.864  -4.593  1.00 15.51 ? 76   TYR A CE1   1 
ATOM   563  C  CE2   . TYR A 1 76  ? -7.042  -8.824  -6.324  1.00 15.50 ? 76   TYR A CE2   1 
ATOM   564  C  CZ    . TYR A 1 76  ? -6.819  -7.836  -5.388  1.00 15.19 ? 76   TYR A CZ    1 
ATOM   565  O  OH    . TYR A 1 76  ? -7.756  -6.840  -5.243  1.00 19.85 ? 76   TYR A OH    1 
ATOM   566  N  N     . THR A 1 77  ? -1.536  -12.804 -6.801  1.00 14.37 ? 77   THR A N     1 
ATOM   567  C  CA    . THR A 1 77  ? -1.009  -14.094 -6.363  1.00 16.08 ? 77   THR A CA    1 
ATOM   568  C  C     . THR A 1 77  ? 0.447   -13.974 -5.924  1.00 17.86 ? 77   THR A C     1 
ATOM   569  O  O     . THR A 1 77  ? 1.205   -13.146 -6.422  1.00 16.17 ? 77   THR A O     1 
ATOM   570  C  CB    . THR A 1 77  ? -1.192  -15.163 -7.445  1.00 20.15 ? 77   THR A CB    1 
ATOM   571  O  OG1   . THR A 1 77  ? -1.046  -16.468 -6.852  1.00 24.31 ? 77   THR A OG1   1 
ATOM   572  C  CG2   . THR A 1 77  ? -0.194  -15.003 -8.557  1.00 19.78 ? 77   THR A CG2   1 
ATOM   573  N  N     . ASN A 1 78  ? 0.817   -14.797 -4.940  1.00 18.71 ? 78   ASN A N     1 
ATOM   574  C  CA    . ASN A 1 78  ? 2.170   -14.879 -4.393  1.00 18.32 ? 78   ASN A CA    1 
ATOM   575  C  C     . ASN A 1 78  ? 2.608   -13.621 -3.652  1.00 14.72 ? 78   ASN A C     1 
ATOM   576  O  O     . ASN A 1 78  ? 3.811   -13.432 -3.416  1.00 16.80 ? 78   ASN A O     1 
ATOM   577  C  CB    . ASN A 1 78  ? 3.219   -15.261 -5.442  1.00 22.26 ? 78   ASN A CB    1 
ATOM   578  C  CG    . ASN A 1 78  ? 3.093   -16.695 -5.885  1.00 28.49 ? 78   ASN A CG    1 
ATOM   579  O  OD1   . ASN A 1 78  ? 2.438   -17.504 -5.226  1.00 33.61 ? 78   ASN A OD1   1 
ATOM   580  N  ND2   . ASN A 1 78  ? 3.716   -17.023 -7.010  1.00 34.61 ? 78   ASN A ND2   1 
ATOM   581  N  N     . SER A 1 79  ? 1.669   -12.769 -3.256  1.00 13.57 ? 79   SER A N     1 
ATOM   582  C  CA    . SER A 1 79  ? 2.038   -11.581 -2.501  1.00 14.49 ? 79   SER A CA    1 
ATOM   583  C  C     . SER A 1 79  ? 2.432   -11.952 -1.078  1.00 13.66 ? 79   SER A C     1 
ATOM   584  O  O     . SER A 1 79  ? 1.783   -12.779 -0.431  1.00 15.89 ? 79   SER A O     1 
ATOM   585  C  CB    . SER A 1 79  ? 0.886   -10.592 -2.451  1.00 16.16 ? 79   SER A CB    1 
ATOM   586  O  OG    . SER A 1 79  ? 0.587   -10.100 -3.743  1.00 18.28 ? 79   SER A OG    1 
ATOM   587  N  N     . LEU A 1 80  ? 3.496   -11.326 -0.587  1.00 12.07 ? 80   LEU A N     1 
ATOM   588  C  CA    . LEU A 1 80  ? 3.854   -11.469 0.819   1.00 14.42 ? 80   LEU A CA    1 
ATOM   589  C  C     . LEU A 1 80  ? 3.487   -10.247 1.648   1.00 13.39 ? 80   LEU A C     1 
ATOM   590  O  O     . LEU A 1 80  ? 3.248   -10.373 2.857   1.00 14.03 ? 80   LEU A O     1 
ATOM   591  C  CB    . LEU A 1 80  ? 5.345   -11.781 0.957   1.00 12.73 ? 80   LEU A CB    1 
ATOM   592  C  CG    . LEU A 1 80  ? 5.824   -13.081 0.291   1.00 14.96 ? 80   LEU A CG    1 
ATOM   593  C  CD1   . LEU A 1 80  ? 7.321   -13.276 0.464   1.00 15.64 ? 80   LEU A CD1   1 
ATOM   594  C  CD2   . LEU A 1 80  ? 5.095   -14.267 0.876   1.00 17.95 ? 80   LEU A CD2   1 
ATOM   595  N  N     . GLY A 1 81  ? 3.421   -9.078  1.029   1.00 11.36 ? 81   GLY A N     1 
ATOM   596  C  CA    . GLY A 1 81  ? 2.972   -7.882  1.715   1.00 12.09 ? 81   GLY A CA    1 
ATOM   597  C  C     . GLY A 1 81  ? 2.022   -7.100  0.833   1.00 12.73 ? 81   GLY A C     1 
ATOM   598  O  O     . GLY A 1 81  ? 2.108   -7.149  -0.394  1.00 13.15 ? 81   GLY A O     1 
ATOM   599  N  N     . CYS A 1 82  ? 1.102   -6.387  1.475   1.00 11.97 ? 82   CYS A N     1 
ATOM   600  C  CA    . CYS A 1 82  ? 0.155   -5.574  0.730   1.00 12.19 ? 82   CYS A CA    1 
ATOM   601  C  C     . CYS A 1 82  ? -0.091  -4.265  1.456   1.00 13.33 ? 82   CYS A C     1 
ATOM   602  O  O     . CYS A 1 82  ? -0.369  -4.261  2.659   1.00 14.43 ? 82   CYS A O     1 
ATOM   603  C  CB    . CYS A 1 82  ? -1.171  -6.317  0.566   1.00 13.77 ? 82   CYS A CB    1 
ATOM   604  S  SG    . CYS A 1 82  ? -2.475  -5.373  -0.265  1.00 14.77 ? 82   CYS A SG    1 
ATOM   605  N  N     . LEU A 1 83  ? -0.007  -3.163  0.714   1.00 12.02 ? 83   LEU A N     1 
ATOM   606  C  CA    . LEU A 1 83  ? -0.393  -1.844  1.198   1.00 11.59 ? 83   LEU A CA    1 
ATOM   607  C  C     . LEU A 1 83  ? -1.763  -1.533  0.611   1.00 13.08 ? 83   LEU A C     1 
ATOM   608  O  O     . LEU A 1 83  ? -1.925  -1.531  -0.615  1.00 13.46 ? 83   LEU A O     1 
ATOM   609  C  CB    . LEU A 1 83  ? 0.615   -0.782  0.745   1.00 11.59 ? 83   LEU A CB    1 
ATOM   610  C  CG    . LEU A 1 83  ? 2.068   -0.923  1.211   1.00 12.88 ? 83   LEU A CG    1 
ATOM   611  C  CD1   . LEU A 1 83  ? 2.965   0.091   0.501   1.00 15.10 ? 83   LEU A CD1   1 
ATOM   612  C  CD2   . LEU A 1 83  ? 2.143   -0.741  2.718   1.00 14.69 ? 83   LEU A CD2   1 
ATOM   613  N  N     . VAL A 1 84  ? -2.751  -1.302  1.477   1.00 12.28 ? 84   VAL A N     1 
ATOM   614  C  CA    . VAL A 1 84  ? -4.109  -0.958  1.068   1.00 13.05 ? 84   VAL A CA    1 
ATOM   615  C  C     . VAL A 1 84  ? -4.280  0.526   1.360   1.00 14.11 ? 84   VAL A C     1 
ATOM   616  O  O     . VAL A 1 84  ? -4.386  0.928   2.522   1.00 14.92 ? 84   VAL A O     1 
ATOM   617  C  CB    . VAL A 1 84  ? -5.160  -1.794  1.812   1.00 14.33 ? 84   VAL A CB    1 
ATOM   618  C  CG1   . VAL A 1 84  ? -6.557  -1.494  1.251   1.00 14.58 ? 84   VAL A CG1   1 
ATOM   619  C  CG2   . VAL A 1 84  ? -4.836  -3.287  1.726   1.00 16.47 ? 84   VAL A CG2   1 
ATOM   620  N  N     . VAL A 1 85  ? -4.309  1.336   0.321   1.00 13.05 ? 85   VAL A N     1 
ATOM   621  C  CA    . VAL A 1 85  ? -4.241  2.786   0.470   1.00 13.92 ? 85   VAL A CA    1 
ATOM   622  C  C     . VAL A 1 85  ? -5.634  3.372   0.321   1.00 13.86 ? 85   VAL A C     1 
ATOM   623  O  O     . VAL A 1 85  ? -6.411  2.942   -0.539  1.00 14.43 ? 85   VAL A O     1 
ATOM   624  C  CB    . VAL A 1 85  ? -3.291  3.381   -0.586  1.00 12.86 ? 85   VAL A CB    1 
ATOM   625  C  CG1   . VAL A 1 85  ? -3.135  4.902   -0.397  1.00 13.79 ? 85   VAL A CG1   1 
ATOM   626  C  CG2   . VAL A 1 85  ? -1.919  2.699   -0.533  1.00 14.01 ? 85   VAL A CG2   1 
ATOM   627  N  N     . PHE A 1 86  ? -5.948  4.367   1.145   1.00 12.87 ? 86   PHE A N     1 
ATOM   628  C  CA    . PHE A 1 86  ? -7.125  5.196   0.919   1.00 14.00 ? 86   PHE A CA    1 
ATOM   629  C  C     . PHE A 1 86  ? -6.748  6.655   1.148   1.00 15.49 ? 86   PHE A C     1 
ATOM   630  O  O     . PHE A 1 86  ? -5.632  6.973   1.556   1.00 14.38 ? 86   PHE A O     1 
ATOM   631  C  CB    . PHE A 1 86  ? -8.357  4.744   1.735   1.00 15.53 ? 86   PHE A CB    1 
ATOM   632  C  CG    . PHE A 1 86  ? -8.282  5.084   3.201   1.00 14.33 ? 86   PHE A CG    1 
ATOM   633  C  CD1   . PHE A 1 86  ? -7.604  4.256   4.097   1.00 14.28 ? 86   PHE A CD1   1 
ATOM   634  C  CD2   . PHE A 1 86  ? -8.889  6.243   3.685   1.00 14.61 ? 86   PHE A CD2   1 
ATOM   635  C  CE1   . PHE A 1 86  ? -7.519  4.575   5.447   1.00 14.25 ? 86   PHE A CE1   1 
ATOM   636  C  CE2   . PHE A 1 86  ? -8.814  6.565   5.031   1.00 15.71 ? 86   PHE A CE2   1 
ATOM   637  C  CZ    . PHE A 1 86  ? -8.134  5.733   5.918   1.00 17.07 ? 86   PHE A CZ    1 
ATOM   638  N  N     . ASP A 1 87  ? -7.687  7.546   0.852   1.00 17.00 ? 87   ASP A N     1 
ATOM   639  C  CA    . ASP A 1 87  ? -7.486  8.991   0.921   1.00 16.29 ? 87   ASP A CA    1 
ATOM   640  C  C     . ASP A 1 87  ? -8.371  9.498   2.055   1.00 16.54 ? 87   ASP A C     1 
ATOM   641  O  O     . ASP A 1 87  ? -9.590  9.297   2.016   1.00 17.00 ? 87   ASP A O     1 
ATOM   642  C  CB    . ASP A 1 87  ? -7.883  9.569   -0.443  1.00 16.89 ? 87   ASP A CB    1 
ATOM   643  C  CG    . ASP A 1 87  ? -7.990  11.094  -0.489  1.00 20.58 ? 87   ASP A CG    1 
ATOM   644  O  OD1   . ASP A 1 87  ? -7.925  11.781  0.550   1.00 20.86 ? 87   ASP A OD1   1 
ATOM   645  O  OD2   . ASP A 1 87  ? -8.172  11.595  -1.622  1.00 20.94 ? 87   ASP A OD2   1 
ATOM   646  N  N     . VAL A 1 88  ? -7.757  10.127  3.065   1.00 17.30 ? 88   VAL A N     1 
ATOM   647  C  CA    . VAL A 1 88  ? -8.488  10.564  4.258   1.00 16.53 ? 88   VAL A CA    1 
ATOM   648  C  C     . VAL A 1 88  ? -9.614  11.538  3.935   1.00 18.77 ? 88   VAL A C     1 
ATOM   649  O  O     . VAL A 1 88  ? -10.577 11.642  4.706   1.00 21.11 ? 88   VAL A O     1 
ATOM   650  C  CB    . VAL A 1 88  ? -7.562  11.111  5.371   1.00 17.38 ? 88   VAL A CB    1 
ATOM   651  C  CG1   . VAL A 1 88  ? -6.604  10.028  5.859   1.00 18.54 ? 88   VAL A CG1   1 
ATOM   652  C  CG2   . VAL A 1 88  ? -6.804  12.345  4.891   1.00 18.17 ? 88   VAL A CG2   1 
ATOM   653  N  N     . THR A 1 89  ? -9.528  12.250  2.814   1.00 18.24 ? 89   THR A N     1 
ATOM   654  C  CA    . THR A 1 89  ? -10.566 13.208  2.438   1.00 18.96 ? 89   THR A CA    1 
ATOM   655  C  C     . THR A 1 89  ? -11.645 12.600  1.548   1.00 23.01 ? 89   THR A C     1 
ATOM   656  O  O     . THR A 1 89  ? -12.602 13.299  1.195   1.00 25.45 ? 89   THR A O     1 
ATOM   657  C  CB    . THR A 1 89  ? -9.942  14.418  1.738   1.00 22.95 ? 89   THR A CB    1 
ATOM   658  O  OG1   . THR A 1 89  ? -9.449  14.022  0.450   1.00 25.76 ? 89   THR A OG1   1 
ATOM   659  C  CG2   . THR A 1 89  ? -8.794  14.989  2.567   1.00 21.77 ? 89   THR A CG2   1 
ATOM   660  N  N     . ASP A 1 90  ? -11.523 11.322  1.189   1.00 21.44 ? 90   ASP A N     1 
ATOM   661  C  CA    . ASP A 1 90  ? -12.387 10.653  0.212   1.00 20.93 ? 90   ASP A CA    1 
ATOM   662  C  C     . ASP A 1 90  ? -13.064 9.502   0.948   1.00 23.04 ? 90   ASP A C     1 
ATOM   663  O  O     . ASP A 1 90  ? -12.488 8.418   1.094   1.00 20.39 ? 90   ASP A O     1 
ATOM   664  C  CB    . ASP A 1 90  ? -11.532 10.178  -0.967  1.00 22.70 ? 90   ASP A CB    1 
ATOM   665  C  CG    . ASP A 1 90  ? -12.317 9.427   -2.042  1.00 28.93 ? 90   ASP A CG    1 
ATOM   666  O  OD1   . ASP A 1 90  ? -13.431 8.928   -1.791  1.00 25.59 ? 90   ASP A OD1   1 
ATOM   667  O  OD2   . ASP A 1 90  ? -11.784 9.321   -3.168  1.00 34.89 ? 90   ASP A OD2   1 
ATOM   668  N  N     . ARG A 1 91  ? -14.302 9.729   1.397   1.00 23.04 ? 91   ARG A N     1 
ATOM   669  C  CA    . ARG A 1 91  ? -14.973 8.745   2.238   1.00 20.79 ? 91   ARG A CA    1 
ATOM   670  C  C     . ARG A 1 91  ? -15.177 7.424   1.504   1.00 18.41 ? 91   ARG A C     1 
ATOM   671  O  O     . ARG A 1 91  ? -14.997 6.348   2.089   1.00 20.74 ? 91   ARG A O     1 
ATOM   672  C  CB    . ARG A 1 91  ? -16.318 9.301   2.708   1.00 22.43 ? 91   ARG A CB    1 
ATOM   673  C  CG    . ARG A 1 91  ? -17.056 8.351   3.605   1.00 26.67 ? 91   ARG A CG    1 
ATOM   674  C  CD    . ARG A 1 91  ? -16.339 8.216   4.920   1.00 26.33 ? 91   ARG A CD    1 
ATOM   675  N  NE    . ARG A 1 91  ? -16.749 7.013   5.626   1.00 26.97 ? 91   ARG A NE    1 
ATOM   676  C  CZ    . ARG A 1 91  ? -16.552 6.808   6.921   1.00 31.14 ? 91   ARG A CZ    1 
ATOM   677  N  NH1   . ARG A 1 91  ? -16.960 5.677   7.483   1.00 33.17 ? 91   ARG A NH1   1 
ATOM   678  N  NH2   . ARG A 1 91  ? -15.948 7.736   7.654   1.00 31.29 ? 91   ARG A NH2   1 
ATOM   679  N  N     . GLU A 1 92  ? -15.531 7.485   0.217   1.00 21.09 ? 92   GLU A N     1 
ATOM   680  C  CA    . GLU A 1 92  ? -15.747 6.255   -0.540  1.00 24.60 ? 92   GLU A CA    1 
ATOM   681  C  C     . GLU A 1 92  ? -14.482 5.414   -0.598  1.00 21.33 ? 92   GLU A C     1 
ATOM   682  O  O     . GLU A 1 92  ? -14.552 4.181   -0.572  1.00 21.04 ? 92   GLU A O     1 
ATOM   683  C  CB    . GLU A 1 92  ? -16.234 6.555   -1.958  1.00 25.71 ? 92   GLU A CB    1 
ATOM   684  C  CG    . GLU A 1 92  ? -17.664 7.061   -2.048  1.00 28.69 ? 92   GLU A CG    1 
ATOM   685  C  CD    . GLU A 1 92  ? -17.785 8.525   -1.661  1.00 33.33 ? 92   GLU A CD    1 
ATOM   686  O  OE1   . GLU A 1 92  ? -18.850 8.923   -1.136  1.00 32.37 ? 92   GLU A OE1   1 
ATOM   687  O  OE2   . GLU A 1 92  ? -16.809 9.276   -1.885  1.00 32.54 ? 92   GLU A OE2   1 
ATOM   688  N  N     . SER A 1 93  ? -13.314 6.061   -0.683  1.00 18.66 ? 93   SER A N     1 
ATOM   689  C  CA    . SER A 1 93  ? -12.075 5.294   -0.748  1.00 18.75 ? 93   SER A CA    1 
ATOM   690  C  C     . SER A 1 93  ? -11.810 4.552   0.551   1.00 16.79 ? 93   SER A C     1 
ATOM   691  O  O     . SER A 1 93  ? -11.232 3.457   0.530   1.00 16.14 ? 93   SER A O     1 
ATOM   692  C  CB    . SER A 1 93  ? -10.892 6.189   -1.122  1.00 18.68 ? 93   SER A CB    1 
ATOM   693  O  OG    . SER A 1 93  ? -10.437 6.956   -0.015  1.00 17.72 ? 93   SER A OG    1 
ATOM   694  N  N     . PHE A 1 94  ? -12.239 5.111   1.686   1.00 17.80 ? 94   PHE A N     1 
ATOM   695  C  CA    . PHE A 1 94  ? -12.136 4.386   2.947   1.00 16.55 ? 94   PHE A CA    1 
ATOM   696  C  C     . PHE A 1 94  ? -13.138 3.248   3.011   1.00 18.87 ? 94   PHE A C     1 
ATOM   697  O  O     . PHE A 1 94  ? -12.802 2.139   3.438   1.00 20.76 ? 94   PHE A O     1 
ATOM   698  C  CB    . PHE A 1 94  ? -12.336 5.333   4.128   1.00 19.02 ? 94   PHE A CB    1 
ATOM   699  C  CG    . PHE A 1 94  ? -12.400 4.636   5.451   1.00 19.36 ? 94   PHE A CG    1 
ATOM   700  C  CD1   . PHE A 1 94  ? -11.271 4.054   5.997   1.00 20.37 ? 94   PHE A CD1   1 
ATOM   701  C  CD2   . PHE A 1 94  ? -13.595 4.559   6.151   1.00 23.75 ? 94   PHE A CD2   1 
ATOM   702  C  CE1   . PHE A 1 94  ? -11.315 3.414   7.218   1.00 21.70 ? 94   PHE A CE1   1 
ATOM   703  C  CE2   . PHE A 1 94  ? -13.649 3.918   7.370   1.00 22.94 ? 94   PHE A CE2   1 
ATOM   704  C  CZ    . PHE A 1 94  ? -12.507 3.341   7.907   1.00 24.00 ? 94   PHE A CZ    1 
ATOM   705  N  N     . ASP A 1 95  ? -14.381 3.506   2.599   1.00 20.66 ? 95   ASP A N     1 
ATOM   706  C  CA    . ASP A 1 95  ? -15.366 2.435   2.599   1.00 20.00 ? 95   ASP A CA    1 
ATOM   707  C  C     . ASP A 1 95  ? -14.933 1.283   1.699   1.00 22.39 ? 95   ASP A C     1 
ATOM   708  O  O     . ASP A 1 95  ? -15.267 0.125   1.975   1.00 22.01 ? 95   ASP A O     1 
ATOM   709  C  CB    . ASP A 1 95  ? -16.727 2.985   2.178   1.00 24.37 ? 95   ASP A CB    1 
ATOM   710  C  CG    . ASP A 1 95  ? -17.308 3.947   3.198   1.00 26.31 ? 95   ASP A CG    1 
ATOM   711  O  OD1   . ASP A 1 95  ? -16.905 3.894   4.378   1.00 29.93 ? 95   ASP A OD1   1 
ATOM   712  O  OD2   . ASP A 1 95  ? -18.165 4.771   2.813   1.00 30.19 ? 95   ASP A OD2   1 
ATOM   713  N  N     . ASP A 1 96  ? -14.173 1.578   0.635   1.00 17.41 ? 96   ASP A N     1 
ATOM   714  C  CA    . ASP A 1 96  ? -13.687 0.539   -0.267  1.00 16.32 ? 96   ASP A CA    1 
ATOM   715  C  C     . ASP A 1 96  ? -12.617 -0.350  0.356   1.00 17.06 ? 96   ASP A C     1 
ATOM   716  O  O     . ASP A 1 96  ? -12.357 -1.430  -0.182  1.00 16.79 ? 96   ASP A O     1 
ATOM   717  C  CB    . ASP A 1 96  ? -13.104 1.148   -1.543  1.00 17.80 ? 96   ASP A CB    1 
ATOM   718  C  CG    . ASP A 1 96  ? -14.147 1.826   -2.414  1.00 18.10 ? 96   ASP A CG    1 
ATOM   719  O  OD1   . ASP A 1 96  ? -15.364 1.501   -2.285  1.00 22.79 ? 96   ASP A OD1   1 
ATOM   720  O  OD2   . ASP A 1 96  ? -13.740 2.679   -3.240  1.00 21.69 ? 96   ASP A OD2   1 
ATOM   721  N  N     . VAL A 1 97  ? -11.969 0.084   1.446   1.00 17.41 ? 97   VAL A N     1 
ATOM   722  C  CA    . VAL A 1 97  ? -10.881 -0.702  2.034   1.00 17.68 ? 97   VAL A CA    1 
ATOM   723  C  C     . VAL A 1 97  ? -11.353 -2.110  2.383   1.00 17.16 ? 97   VAL A C     1 
ATOM   724  O  O     . VAL A 1 97  ? -10.614 -3.092  2.214   1.00 17.12 ? 97   VAL A O     1 
ATOM   725  C  CB    . VAL A 1 97  ? -10.288 0.023   3.255   1.00 17.99 ? 97   VAL A CB    1 
ATOM   726  C  CG1   . VAL A 1 97  ? -9.290  -0.874  3.986   1.00 18.74 ? 97   VAL A CG1   1 
ATOM   727  C  CG2   . VAL A 1 97  ? -9.610  1.323   2.822   1.00 18.13 ? 97   VAL A CG2   1 
ATOM   728  N  N     . TYR A 1 98  ? -12.587 -2.227  2.885   1.00 17.92 ? 98   TYR A N     1 
ATOM   729  C  CA    . TYR A 1 98  ? -13.158 -3.532  3.208   1.00 19.14 ? 98   TYR A CA    1 
ATOM   730  C  C     . TYR A 1 98  ? -13.186 -4.426  1.978   1.00 15.57 ? 98   TYR A C     1 
ATOM   731  O  O     . TYR A 1 98  ? -12.749 -5.585  2.021   1.00 16.32 ? 98   TYR A O     1 
ATOM   732  C  CB    . TYR A 1 98  ? -14.575 -3.315  3.741   1.00 19.08 ? 98   TYR A CB    1 
ATOM   733  C  CG    . TYR A 1 98  ? -15.315 -4.563  4.139   1.00 23.99 ? 98   TYR A CG    1 
ATOM   734  C  CD1   . TYR A 1 98  ? -14.911 -5.308  5.235   1.00 23.59 ? 98   TYR A CD1   1 
ATOM   735  C  CD2   . TYR A 1 98  ? -16.435 -4.981  3.429   1.00 25.51 ? 98   TYR A CD2   1 
ATOM   736  C  CE1   . TYR A 1 98  ? -15.594 -6.445  5.617   1.00 28.54 ? 98   TYR A CE1   1 
ATOM   737  C  CE2   . TYR A 1 98  ? -17.132 -6.125  3.804   1.00 23.15 ? 98   TYR A CE2   1 
ATOM   738  C  CZ    . TYR A 1 98  ? -16.700 -6.849  4.898   1.00 24.74 ? 98   TYR A CZ    1 
ATOM   739  O  OH    . TYR A 1 98  ? -17.362 -7.987  5.292   1.00 30.38 ? 98   TYR A OH    1 
ATOM   740  N  N     . TYR A 1 99  ? -13.677 -3.887  0.864   1.00 17.57 ? 99   TYR A N     1 
ATOM   741  C  CA    . TYR A 1 99  ? -13.705 -4.629  -0.390  1.00 16.60 ? 99   TYR A CA    1 
ATOM   742  C  C     . TYR A 1 99  ? -12.308 -5.052  -0.818  1.00 15.46 ? 99   TYR A C     1 
ATOM   743  O  O     . TYR A 1 99  ? -12.096 -6.194  -1.243  1.00 17.33 ? 99   TYR A O     1 
ATOM   744  C  CB    . TYR A 1 99  ? -14.333 -3.764  -1.477  1.00 17.47 ? 99   TYR A CB    1 
ATOM   745  C  CG    . TYR A 1 99  ? -14.016 -4.251  -2.871  1.00 21.47 ? 99   TYR A CG    1 
ATOM   746  C  CD1   . TYR A 1 99  ? -14.686 -5.343  -3.409  1.00 21.96 ? 99   TYR A CD1   1 
ATOM   747  C  CD2   . TYR A 1 99  ? -13.045 -3.628  -3.650  1.00 21.91 ? 99   TYR A CD2   1 
ATOM   748  C  CE1   . TYR A 1 99  ? -14.399 -5.804  -4.677  1.00 27.05 ? 99   TYR A CE1   1 
ATOM   749  C  CE2   . TYR A 1 99  ? -12.752 -4.083  -4.918  1.00 23.01 ? 99   TYR A CE2   1 
ATOM   750  C  CZ    . TYR A 1 99  ? -13.430 -5.174  -5.426  1.00 26.39 ? 99   TYR A CZ    1 
ATOM   751  O  OH    . TYR A 1 99  ? -13.142 -5.631  -6.691  1.00 34.25 ? 99   TYR A OH    1 
ATOM   752  N  N     . TRP A 1 100 ? -11.345 -4.126  -0.748  1.00 15.20 ? 100  TRP A N     1 
ATOM   753  C  CA    . TRP A 1 100 ? -9.997  -4.425  -1.235  1.00 14.00 ? 100  TRP A CA    1 
ATOM   754  C  C     . TRP A 1 100 ? -9.334  -5.529  -0.423  1.00 13.59 ? 100  TRP A C     1 
ATOM   755  O  O     . TRP A 1 100 ? -8.715  -6.434  -0.991  1.00 14.08 ? 100  TRP A O     1 
ATOM   756  C  CB    . TRP A 1 100 ? -9.127  -3.165  -1.254  1.00 14.50 ? 100  TRP A CB    1 
ATOM   757  C  CG    . TRP A 1 100 ? -9.524  -2.233  -2.331  1.00 12.58 ? 100  TRP A CG    1 
ATOM   758  C  CD1   . TRP A 1 100 ? -10.020 -0.961  -2.181  1.00 14.72 ? 100  TRP A CD1   1 
ATOM   759  C  CD2   . TRP A 1 100 ? -9.486  -2.484  -3.738  1.00 13.69 ? 100  TRP A CD2   1 
ATOM   760  N  NE1   . TRP A 1 100 ? -10.284 -0.415  -3.407  1.00 15.59 ? 100  TRP A NE1   1 
ATOM   761  C  CE2   . TRP A 1 100 ? -9.973  -1.329  -4.382  1.00 14.84 ? 100  TRP A CE2   1 
ATOM   762  C  CE3   . TRP A 1 100 ? -9.099  -3.578  -4.520  1.00 15.86 ? 100  TRP A CE3   1 
ATOM   763  C  CZ2   . TRP A 1 100 ? -10.075 -1.233  -5.773  1.00 19.40 ? 100  TRP A CZ2   1 
ATOM   764  C  CZ3   . TRP A 1 100 ? -9.196  -3.477  -5.900  1.00 18.36 ? 100  TRP A CZ3   1 
ATOM   765  C  CH2   . TRP A 1 100 ? -9.680  -2.315  -6.511  1.00 18.53 ? 100  TRP A CH2   1 
ATOM   766  N  N     . ILE A 1 101 ? -9.462  -5.480  0.904   1.00 14.20 ? 101  ILE A N     1 
ATOM   767  C  CA    . ILE A 1 101 ? -8.873  -6.519  1.746   1.00 15.16 ? 101  ILE A CA    1 
ATOM   768  C  C     . ILE A 1 101 ? -9.552  -7.864  1.507   1.00 15.87 ? 101  ILE A C     1 
ATOM   769  O  O     . ILE A 1 101 ? -8.889  -8.906  1.478   1.00 16.09 ? 101  ILE A O     1 
ATOM   770  C  CB    . ILE A 1 101 ? -8.897  -6.097  3.225   1.00 16.98 ? 101  ILE A CB    1 
ATOM   771  C  CG1   . ILE A 1 101 ? -7.950  -4.913  3.447   1.00 18.72 ? 101  ILE A CG1   1 
ATOM   772  C  CG2   . ILE A 1 101 ? -8.520  -7.267  4.123   1.00 19.81 ? 101  ILE A CG2   1 
ATOM   773  C  CD1   . ILE A 1 101 ? -8.042  -4.320  4.841   1.00 24.09 ? 101  ILE A CD1   1 
ATOM   774  N  N     . ASN A 1 102 ? -10.874 -7.864  1.321   1.00 15.27 ? 102  ASN A N     1 
ATOM   775  C  CA    . ASN A 1 102 ? -11.563 -9.114  1.007   1.00 15.66 ? 102  ASN A CA    1 
ATOM   776  C  C     . ASN A 1 102 ? -11.098 -9.667  -0.335  1.00 14.69 ? 102  ASN A C     1 
ATOM   777  O  O     . ASN A 1 102 ? -10.865 -10.875 -0.479  1.00 16.43 ? 102  ASN A O     1 
ATOM   778  C  CB    . ASN A 1 102 ? -13.071 -8.873  0.971   1.00 18.02 ? 102  ASN A CB    1 
ATOM   779  C  CG    . ASN A 1 102 ? -13.666 -8.701  2.349   1.00 22.85 ? 102  ASN A CG    1 
ATOM   780  O  OD1   . ASN A 1 102 ? -13.065 -9.090  3.352   1.00 27.11 ? 102  ASN A OD1   1 
ATOM   781  N  ND2   . ASN A 1 102 ? -14.871 -8.132  2.407   1.00 24.16 ? 102  ASN A ND2   1 
ATOM   782  N  N     . ASP A 1 103 ? -10.967 -8.794  -1.331  1.00 14.45 ? 103  ASP A N     1 
ATOM   783  C  CA    . ASP A 1 103 ? -10.521 -9.226  -2.649  1.00 17.24 ? 103  ASP A CA    1 
ATOM   784  C  C     . ASP A 1 103 ? -9.113  -9.809  -2.581  1.00 15.24 ? 103  ASP A C     1 
ATOM   785  O  O     . ASP A 1 103 ? -8.830  -10.857 -3.179  1.00 14.69 ? 103  ASP A O     1 
ATOM   786  C  CB    . ASP A 1 103 ? -10.564 -8.034  -3.603  1.00 18.67 ? 103  ASP A CB    1 
ATOM   787  C  CG    . ASP A 1 103 ? -10.732 -8.441  -5.049  1.00 21.03 ? 103  ASP A CG    1 
ATOM   788  O  OD1   . ASP A 1 103 ? -11.489 -9.396  -5.319  1.00 26.14 ? 103  ASP A OD1   1 
ATOM   789  O  OD2   . ASP A 1 103 ? -10.096 -7.807  -5.917  1.00 22.66 ? 103  ASP A OD2   1 
ATOM   790  N  N     . LEU A 1 104 ? -8.218  -9.161  -1.835  1.00 14.57 ? 104  LEU A N     1 
ATOM   791  C  CA    . LEU A 1 104 ? -6.888  -9.724  -1.631  1.00 13.87 ? 104  LEU A CA    1 
ATOM   792  C  C     . LEU A 1 104 ? -6.966  -11.123 -1.035  1.00 14.14 ? 104  LEU A C     1 
ATOM   793  O  O     . LEU A 1 104 ? -6.330  -12.061 -1.528  1.00 14.85 ? 104  LEU A O     1 
ATOM   794  C  CB    . LEU A 1 104 ? -6.085  -8.808  -0.713  1.00 13.69 ? 104  LEU A CB    1 
ATOM   795  C  CG    . LEU A 1 104 ? -4.810  -9.425  -0.152  1.00 15.69 ? 104  LEU A CG    1 
ATOM   796  C  CD1   . LEU A 1 104 ? -3.779  -9.664  -1.260  1.00 15.62 ? 104  LEU A CD1   1 
ATOM   797  C  CD2   . LEU A 1 104 ? -4.232  -8.525  0.935   1.00 18.97 ? 104  LEU A CD2   1 
ATOM   798  N  N     . ARG A 1 105 ? -7.792  -11.295 -0.003  1.00 15.65 ? 105  ARG A N     1 
ATOM   799  C  CA    . ARG A 1 105 ? -7.781  -12.561 0.720   1.00 15.27 ? 105  ARG A CA    1 
ATOM   800  C  C     . ARG A 1 105 ? -8.400  -13.702 -0.081  1.00 15.06 ? 105  ARG A C     1 
ATOM   801  O  O     . ARG A 1 105 ? -7.996  -14.855 0.096   1.00 16.83 ? 105  ARG A O     1 
ATOM   802  C  CB    . ARG A 1 105 ? -8.426  -12.391 2.093   1.00 17.01 ? 105  ARG A CB    1 
ATOM   803  C  CG    . ARG A 1 105 ? -7.510  -11.651 3.059   1.00 18.87 ? 105  ARG A CG    1 
ATOM   804  C  CD    . ARG A 1 105 ? -8.206  -11.244 4.344   1.00 19.47 ? 105  ARG A CD    1 
ATOM   805  N  NE    . ARG A 1 105 ? -7.249  -10.759 5.340   1.00 21.31 ? 105  ARG A NE    1 
ATOM   806  C  CZ    . ARG A 1 105 ? -7.582  -9.981  6.365   1.00 20.83 ? 105  ARG A CZ    1 
ATOM   807  N  NH1   . ARG A 1 105 ? -8.840  -9.585  6.511   1.00 20.93 ? 105  ARG A NH1   1 
ATOM   808  N  NH2   . ARG A 1 105 ? -6.662  -9.589  7.234   1.00 21.90 ? 105  ARG A NH2   1 
ATOM   809  N  N     . ILE A 1 106 ? -9.342  -13.408 -0.983  1.00 13.57 ? 106  ILE A N     1 
ATOM   810  C  CA    . ILE A 1 106 ? -9.868  -14.477 -1.832  1.00 14.14 ? 106  ILE A CA    1 
ATOM   811  C  C     . ILE A 1 106 ? -8.906  -14.852 -2.949  1.00 16.34 ? 106  ILE A C     1 
ATOM   812  O  O     . ILE A 1 106 ? -8.978  -15.975 -3.466  1.00 20.05 ? 106  ILE A O     1 
ATOM   813  C  CB    . ILE A 1 106 ? -11.289 -14.238 -2.386  1.00 16.45 ? 106  ILE A CB    1 
ATOM   814  C  CG1   . ILE A 1 106 ? -11.348 -12.989 -3.273  1.00 18.04 ? 106  ILE A CG1   1 
ATOM   815  C  CG2   . ILE A 1 106 ? -12.325 -14.187 -1.255  1.00 17.97 ? 106  ILE A CG2   1 
ATOM   816  C  CD1   . ILE A 1 106 ? -12.648 -12.880 -4.072  1.00 22.80 ? 106  ILE A CD1   1 
ATOM   817  N  N     . ASN A 1 107 ? -7.985  -13.958 -3.319  1.00 14.15 ? 107  ASN A N     1 
ATOM   818  C  CA    . ASN A 1 107 ? -7.063  -14.202 -4.424  1.00 15.10 ? 107  ASN A CA    1 
ATOM   819  C  C     . ASN A 1 107 ? -5.672  -14.628 -3.977  1.00 15.86 ? 107  ASN A C     1 
ATOM   820  O  O     . ASN A 1 107 ? -4.879  -15.077 -4.813  1.00 16.51 ? 107  ASN A O     1 
ATOM   821  C  CB    . ASN A 1 107 ? -6.913  -12.938 -5.277  1.00 15.52 ? 107  ASN A CB    1 
ATOM   822  C  CG    . ASN A 1 107 ? -8.071  -12.716 -6.215  1.00 16.81 ? 107  ASN A CG    1 
ATOM   823  O  OD1   . ASN A 1 107 ? -8.084  -13.244 -7.329  1.00 20.07 ? 107  ASN A OD1   1 
ATOM   824  N  ND2   . ASN A 1 107 ? -9.052  -11.925 -5.783  1.00 16.36 ? 107  ASN A ND2   1 
ATOM   825  N  N     . CYS A 1 108 ? -5.342  -14.475 -2.701  1.00 16.88 ? 108  CYS A N     1 
ATOM   826  C  CA    . CYS A 1 108 ? -3.988  -14.738 -2.244  1.00 17.88 ? 108  CYS A CA    1 
ATOM   827  C  C     . CYS A 1 108 ? -4.064  -15.210 -0.803  1.00 16.98 ? 108  CYS A C     1 
ATOM   828  O  O     . CYS A 1 108 ? -4.656  -14.532 0.040   1.00 18.95 ? 108  CYS A O     1 
ATOM   829  C  CB    . CYS A 1 108 ? -3.143  -13.458 -2.352  1.00 16.68 ? 108  CYS A CB    1 
ATOM   830  S  SG    . CYS A 1 108 ? -1.490  -13.636 -1.687  1.00 19.02 ? 108  CYS A SG    1 
ATOM   831  N  N     . HIS A 1 109 ? -3.478  -16.370 -0.516  1.00 19.97 ? 109  HIS A N     1 
ATOM   832  C  CA    . HIS A 1 109 ? -3.451  -16.859 0.856   1.00 21.27 ? 109  HIS A CA    1 
ATOM   833  C  C     . HIS A 1 109 ? -2.063  -16.794 1.479   1.00 23.93 ? 109  HIS A C     1 
ATOM   834  O  O     . HIS A 1 109 ? -1.866  -17.309 2.584   1.00 29.73 ? 109  HIS A O     1 
ATOM   835  C  CB    . HIS A 1 109 ? -4.076  -18.256 0.946   1.00 26.48 ? 109  HIS A CB    1 
ATOM   836  C  CG    . HIS A 1 109 ? -5.529  -18.282 0.569   1.00 31.83 ? 109  HIS A CG    1 
ATOM   837  N  ND1   . HIS A 1 109 ? -6.045  -17.529 -0.466  1.00 35.45 ? 109  HIS A ND1   1 
ATOM   838  C  CD2   . HIS A 1 109 ? -6.579  -18.956 1.099   1.00 37.51 ? 109  HIS A CD2   1 
ATOM   839  C  CE1   . HIS A 1 109 ? -7.343  -17.742 -0.563  1.00 28.98 ? 109  HIS A CE1   1 
ATOM   840  N  NE2   . HIS A 1 109 ? -7.694  -18.606 0.373   1.00 40.52 ? 109  HIS A NE2   1 
ATOM   841  N  N     . THR A 1 110 ? -1.108  -16.140 0.816   1.00 20.61 ? 110  THR A N     1 
ATOM   842  C  CA    . THR A 1 110 ? 0.267   -16.069 1.286   1.00 21.95 ? 110  THR A CA    1 
ATOM   843  C  C     . THR A 1 110 ? 0.622   -14.752 1.966   1.00 20.10 ? 110  THR A C     1 
ATOM   844  O  O     . THR A 1 110 ? 1.739   -14.627 2.479   1.00 20.27 ? 110  THR A O     1 
ATOM   845  C  CB    . THR A 1 110 ? 1.238   -16.310 0.118   1.00 21.83 ? 110  THR A CB    1 
ATOM   846  O  OG1   . THR A 1 110 ? 0.986   -15.358 -0.925  1.00 20.26 ? 110  THR A OG1   1 
ATOM   847  C  CG2   . THR A 1 110 ? 1.072   -17.711 -0.437  1.00 24.48 ? 110  THR A CG2   1 
ATOM   848  N  N     . THR A 1 111 ? -0.276  -13.768 1.979   1.00 20.87 ? 111  THR A N     1 
ATOM   849  C  CA    . THR A 1 111 ? 0.064   -12.465 2.535   1.00 17.21 ? 111  THR A CA    1 
ATOM   850  C  C     . THR A 1 111 ? 0.403   -12.577 4.016   1.00 19.60 ? 111  THR A C     1 
ATOM   851  O  O     . THR A 1 111 ? -0.404  -13.060 4.819   1.00 22.25 ? 111  THR A O     1 
ATOM   852  C  CB    . THR A 1 111 ? -1.086  -11.482 2.327   1.00 19.94 ? 111  THR A CB    1 
ATOM   853  O  OG1   . THR A 1 111 ? -1.630  -11.667 1.011   1.00 21.32 ? 111  THR A OG1   1 
ATOM   854  C  CG2   . THR A 1 111 ? -0.582  -10.055 2.448   1.00 19.78 ? 111  THR A CG2   1 
ATOM   855  N  N     . TYR A 1 112 ? 1.603   -12.126 4.369   1.00 16.21 ? 112  TYR A N     1 
ATOM   856  C  CA    . TYR A 1 112 ? 2.054   -12.138 5.748   1.00 17.08 ? 112  TYR A CA    1 
ATOM   857  C  C     . TYR A 1 112 ? 1.683   -10.864 6.491   1.00 16.45 ? 112  TYR A C     1 
ATOM   858  O  O     . TYR A 1 112 ? 1.506   -10.898 7.713   1.00 20.48 ? 112  TYR A O     1 
ATOM   859  C  CB    . TYR A 1 112 ? 3.573   -12.307 5.761   1.00 15.90 ? 112  TYR A CB    1 
ATOM   860  C  CG    A TYR A 1 112 ? 4.206   -12.456 7.114   0.54 18.35 ? 112  TYR A CG    1 
ATOM   861  C  CG    B TYR A 1 112 ? 4.050   -13.738 5.621   0.46 17.84 ? 112  TYR A CG    1 
ATOM   862  C  CD1   A TYR A 1 112 ? 4.123   -13.652 7.800   0.54 18.34 ? 112  TYR A CD1   1 
ATOM   863  C  CD1   B TYR A 1 112 ? 4.258   -14.303 4.372   0.46 17.86 ? 112  TYR A CD1   1 
ATOM   864  C  CD2   A TYR A 1 112 ? 4.939   -11.419 7.678   0.54 17.93 ? 112  TYR A CD2   1 
ATOM   865  C  CD2   B TYR A 1 112 ? 4.297   -14.522 6.745   0.46 19.06 ? 112  TYR A CD2   1 
ATOM   866  C  CE1   A TYR A 1 112 ? 4.720   -13.811 9.031   0.54 21.74 ? 112  TYR A CE1   1 
ATOM   867  C  CE1   B TYR A 1 112 ? 4.700   -15.606 4.240   0.46 20.61 ? 112  TYR A CE1   1 
ATOM   868  C  CE2   A TYR A 1 112 ? 5.539   -11.565 8.910   0.54 18.21 ? 112  TYR A CE2   1 
ATOM   869  C  CE2   B TYR A 1 112 ? 4.740   -15.831 6.622   0.46 19.64 ? 112  TYR A CE2   1 
ATOM   870  C  CZ    A TYR A 1 112 ? 5.423   -12.766 9.584   0.54 20.00 ? 112  TYR A CZ    1 
ATOM   871  C  CZ    B TYR A 1 112 ? 4.935   -16.366 5.367   0.46 18.55 ? 112  TYR A CZ    1 
ATOM   872  O  OH    A TYR A 1 112 ? 6.020   -12.925 10.812  0.54 24.98 ? 112  TYR A OH    1 
ATOM   873  O  OH    B TYR A 1 112 ? 5.375   -17.664 5.230   0.46 24.21 ? 112  TYR A OH    1 
ATOM   874  N  N     . TYR A 1 113 ? 1.583   -9.731  5.794   1.00 14.57 ? 113  TYR A N     1 
ATOM   875  C  CA    . TYR A 1 113 ? 1.353   -8.453  6.458   1.00 15.75 ? 113  TYR A CA    1 
ATOM   876  C  C     . TYR A 1 113 ? 0.523   -7.572  5.536   1.00 15.64 ? 113  TYR A C     1 
ATOM   877  O  O     . TYR A 1 113 ? 0.917   -7.337  4.386   1.00 15.35 ? 113  TYR A O     1 
ATOM   878  C  CB    . TYR A 1 113 ? 2.697   -7.789  6.773   1.00 15.51 ? 113  TYR A CB    1 
ATOM   879  C  CG    . TYR A 1 113 ? 2.616   -6.473  7.522   1.00 16.44 ? 113  TYR A CG    1 
ATOM   880  C  CD1   . TYR A 1 113 ? 1.913   -6.363  8.719   1.00 17.85 ? 113  TYR A CD1   1 
ATOM   881  C  CD2   . TYR A 1 113 ? 3.295   -5.350  7.054   1.00 15.22 ? 113  TYR A CD2   1 
ATOM   882  C  CE1   . TYR A 1 113 ? 1.866   -5.151  9.413   1.00 17.60 ? 113  TYR A CE1   1 
ATOM   883  C  CE2   . TYR A 1 113 ? 3.251   -4.140  7.741   1.00 17.48 ? 113  TYR A CE2   1 
ATOM   884  C  CZ    . TYR A 1 113 ? 2.545   -4.047  8.920   1.00 19.96 ? 113  TYR A CZ    1 
ATOM   885  O  OH    . TYR A 1 113 ? 2.524   -2.836  9.589   1.00 20.73 ? 113  TYR A OH    1 
ATOM   886  N  N     . ILE A 1 114 ? -0.608  -7.090  6.052   1.00 13.14 ? 114  ILE A N     1 
ATOM   887  C  CA    . ILE A 1 114 ? -1.486  -6.140  5.372   1.00 13.70 ? 114  ILE A CA    1 
ATOM   888  C  C     . ILE A 1 114 ? -1.450  -4.832  6.149   1.00 16.68 ? 114  ILE A C     1 
ATOM   889  O  O     . ILE A 1 114 ? -1.775  -4.809  7.344   1.00 17.67 ? 114  ILE A O     1 
ATOM   890  C  CB    . ILE A 1 114 ? -2.925  -6.672  5.291   1.00 14.59 ? 114  ILE A CB    1 
ATOM   891  C  CG1   . ILE A 1 114 ? -2.942  -7.955  4.471   1.00 14.04 ? 114  ILE A CG1   1 
ATOM   892  C  CG2   . ILE A 1 114 ? -3.861  -5.642  4.671   1.00 17.62 ? 114  ILE A CG2   1 
ATOM   893  C  CD1   . ILE A 1 114 ? -4.282  -8.720  4.546   1.00 18.23 ? 114  ILE A CD1   1 
ATOM   894  N  N     . LEU A 1 115 ? -1.076  -3.740  5.475   1.00 13.53 ? 115  LEU A N     1 
ATOM   895  C  CA    . LEU A 1 115 ? -0.977  -2.421  6.091   1.00 14.73 ? 115  LEU A CA    1 
ATOM   896  C  C     . LEU A 1 115 ? -1.900  -1.440  5.373   1.00 14.45 ? 115  LEU A C     1 
ATOM   897  O  O     . LEU A 1 115 ? -1.715  -1.157  4.182   1.00 13.48 ? 115  LEU A O     1 
ATOM   898  C  CB    . LEU A 1 115 ? 0.475   -1.926  6.047   1.00 14.03 ? 115  LEU A CB    1 
ATOM   899  C  CG    . LEU A 1 115 ? 0.765   -0.559  6.673   1.00 13.65 ? 115  LEU A CG    1 
ATOM   900  C  CD1   . LEU A 1 115 ? 0.421   -0.563  8.155   1.00 17.24 ? 115  LEU A CD1   1 
ATOM   901  C  CD2   . LEU A 1 115 ? 2.224   -0.166  6.477   1.00 14.94 ? 115  LEU A CD2   1 
ATOM   902  N  N     . VAL A 1 116 ? -2.898  -0.922  6.093   1.00 14.67 ? 116  VAL A N     1 
ATOM   903  C  CA    . VAL A 1 116 ? -3.771  0.116   5.556   1.00 13.92 ? 116  VAL A CA    1 
ATOM   904  C  C     . VAL A 1 116 ? -3.059  1.452   5.684   1.00 14.96 ? 116  VAL A C     1 
ATOM   905  O  O     . VAL A 1 116 ? -2.549  1.795   6.754   1.00 18.04 ? 116  VAL A O     1 
ATOM   906  C  CB    . VAL A 1 116 ? -5.112  0.140   6.305   1.00 15.70 ? 116  VAL A CB    1 
ATOM   907  C  CG1   . VAL A 1 116 ? -5.962  1.305   5.820   1.00 17.29 ? 116  VAL A CG1   1 
ATOM   908  C  CG2   . VAL A 1 116 ? -5.832  -1.187  6.122   1.00 16.82 ? 116  VAL A CG2   1 
ATOM   909  N  N     . VAL A 1 117 ? -3.005  2.197   4.593   1.00 13.24 ? 117  VAL A N     1 
ATOM   910  C  CA    . VAL A 1 117 ? -2.345  3.496   4.572   1.00 13.71 ? 117  VAL A CA    1 
ATOM   911  C  C     . VAL A 1 117 ? -3.408  4.575   4.440   1.00 15.49 ? 117  VAL A C     1 
ATOM   912  O  O     . VAL A 1 117 ? -4.083  4.668   3.412   1.00 14.02 ? 117  VAL A O     1 
ATOM   913  C  CB    . VAL A 1 117 ? -1.325  3.596   3.434   1.00 13.56 ? 117  VAL A CB    1 
ATOM   914  C  CG1   . VAL A 1 117 ? -0.680  4.974   3.449   1.00 15.07 ? 117  VAL A CG1   1 
ATOM   915  C  CG2   . VAL A 1 117 ? -0.267  2.503   3.566   1.00 16.07 ? 117  VAL A CG2   1 
ATOM   916  N  N     . ALA A 1 118 ? -3.552  5.401   5.472   1.00 16.19 ? 118  ALA A N     1 
ATOM   917  C  CA    . ALA A 1 118 ? -4.454  6.549   5.427   1.00 15.10 ? 118  ALA A CA    1 
ATOM   918  C  C     . ALA A 1 118 ? -3.657  7.714   4.854   1.00 15.69 ? 118  ALA A C     1 
ATOM   919  O  O     . ALA A 1 118 ? -2.882  8.362   5.565   1.00 16.95 ? 118  ALA A O     1 
ATOM   920  C  CB    . ALA A 1 118 ? -4.989  6.843   6.825   1.00 17.51 ? 118  ALA A CB    1 
ATOM   921  N  N     . ASN A 1 119 ? -3.836  7.976   3.562   1.00 15.14 ? 119  ASN A N     1 
ATOM   922  C  CA    . ASN A 1 119 ? -2.983  8.887   2.812   1.00 14.98 ? 119  ASN A CA    1 
ATOM   923  C  C     . ASN A 1 119 ? -3.613  10.274  2.673   1.00 16.30 ? 119  ASN A C     1 
ATOM   924  O  O     . ASN A 1 119 ? -4.820  10.468  2.878   1.00 15.04 ? 119  ASN A O     1 
ATOM   925  C  CB    . ASN A 1 119 ? -2.676  8.314   1.422   1.00 14.12 ? 119  ASN A CB    1 
ATOM   926  C  CG    . ASN A 1 119 ? -1.478  8.979   0.765   1.00 13.80 ? 119  ASN A CG    1 
ATOM   927  O  OD1   . ASN A 1 119 ? -0.529  9.377   1.438   1.00 15.38 ? 119  ASN A OD1   1 
ATOM   928  N  ND2   . ASN A 1 119 ? -1.522  9.112   -0.554  1.00 16.32 ? 119  ASN A ND2   1 
ATOM   929  N  N     . LYS A 1 120 ? -2.756  11.236  2.312   1.00 16.15 ? 120  LYS A N     1 
ATOM   930  C  CA    . LYS A 1 120 ? -3.079  12.641  2.042   1.00 16.29 ? 120  LYS A CA    1 
ATOM   931  C  C     . LYS A 1 120 ? -3.275  13.461  3.312   1.00 18.59 ? 120  LYS A C     1 
ATOM   932  O  O     . LYS A 1 120 ? -4.043  14.429  3.314   1.00 17.58 ? 120  LYS A O     1 
ATOM   933  C  CB    . LYS A 1 120 ? -4.254  12.814  1.061   1.00 15.98 ? 120  LYS A CB    1 
ATOM   934  C  CG    . LYS A 1 120 ? -4.109  12.027  -0.242  1.00 12.73 ? 120  LYS A CG    1 
ATOM   935  C  CD    . LYS A 1 120 ? -4.962  12.590  -1.367  1.00 16.83 ? 120  LYS A CD    1 
ATOM   936  C  CE    . LYS A 1 120 ? -4.932  11.644  -2.569  1.00 15.68 ? 120  LYS A CE    1 
ATOM   937  N  NZ    . LYS A 1 120 ? -5.711  12.197  -3.720  1.00 18.04 ? 120  LYS A NZ    1 
ATOM   938  N  N     . ILE A 1 121 ? -2.542  13.123  4.381   1.00 16.01 ? 121  ILE A N     1 
ATOM   939  C  CA    . ILE A 1 121 ? -2.653  13.861  5.635   1.00 17.52 ? 121  ILE A CA    1 
ATOM   940  C  C     . ILE A 1 121 ? -2.131  15.286  5.536   1.00 19.89 ? 121  ILE A C     1 
ATOM   941  O  O     . ILE A 1 121 ? -2.299  16.058  6.487   1.00 22.88 ? 121  ILE A O     1 
ATOM   942  C  CB    . ILE A 1 121 ? -2.009  13.108  6.817   1.00 18.34 ? 121  ILE A CB    1 
ATOM   943  C  CG1   . ILE A 1 121 ? -0.496  13.013  6.627   1.00 17.91 ? 121  ILE A CG1   1 
ATOM   944  C  CG2   . ILE A 1 121 ? -2.638  11.723  6.951   1.00 16.58 ? 121  ILE A CG2   1 
ATOM   945  C  CD1   . ILE A 1 121 ? 0.227   12.261  7.739   1.00 17.85 ? 121  ILE A CD1   1 
ATOM   946  N  N     . ASP A 1 122 ? -1.487  15.649  4.423   1.00 19.71 ? 122  ASP A N     1 
ATOM   947  C  CA    . ASP A 1 122 ? -1.093  17.040  4.203   1.00 19.04 ? 122  ASP A CA    1 
ATOM   948  C  C     . ASP A 1 122 ? -2.291  17.964  4.034   1.00 21.18 ? 122  ASP A C     1 
ATOM   949  O  O     . ASP A 1 122 ? -2.145  19.183  4.194   1.00 21.51 ? 122  ASP A O     1 
ATOM   950  C  CB    . ASP A 1 122 ? -0.235  17.153  2.946   1.00 19.09 ? 122  ASP A CB    1 
ATOM   951  C  CG    . ASP A 1 122 ? -0.918  16.577  1.733   1.00 19.54 ? 122  ASP A CG    1 
ATOM   952  O  OD1   . ASP A 1 122 ? -1.008  15.333  1.636   1.00 17.76 ? 122  ASP A OD1   1 
ATOM   953  O  OD2   . ASP A 1 122 ? -1.382  17.354  0.876   1.00 19.79 ? 122  ASP A OD2   1 
ATOM   954  N  N     . ILE A 1 123 ? -3.450  17.427  3.688   1.00 19.33 ? 123  ILE A N     1 
ATOM   955  C  CA    . ILE A 1 123 ? -4.627  18.250  3.450   1.00 20.88 ? 123  ILE A CA    1 
ATOM   956  C  C     . ILE A 1 123 ? -5.204  18.696  4.783   1.00 20.64 ? 123  ILE A C     1 
ATOM   957  O  O     . ILE A 1 123 ? -5.167  17.954  5.770   1.00 21.11 ? 123  ILE A O     1 
ATOM   958  C  CB    . ILE A 1 123 ? -5.657  17.464  2.625   1.00 18.15 ? 123  ILE A CB    1 
ATOM   959  C  CG1   . ILE A 1 123 ? -5.042  17.049  1.290   1.00 19.83 ? 123  ILE A CG1   1 
ATOM   960  C  CG2   . ILE A 1 123 ? -6.949  18.279  2.426   1.00 20.35 ? 123  ILE A CG2   1 
ATOM   961  C  CD1   . ILE A 1 123 ? -6.010  16.323  0.373   1.00 22.74 ? 123  ILE A CD1   1 
ATOM   962  N  N     . ASP A 1 124 ? -5.734  19.921  4.808   1.00 21.68 ? 124  ASP A N     1 
ATOM   963  C  CA    . ASP A 1 124 ? -6.370  20.479  5.998   1.00 23.94 ? 124  ASP A CA    1 
ATOM   964  C  C     . ASP A 1 124 ? -7.314  19.463  6.629   1.00 22.19 ? 124  ASP A C     1 
ATOM   965  O  O     . ASP A 1 124 ? -8.137  18.850  5.943   1.00 20.28 ? 124  ASP A O     1 
ATOM   966  C  CB    . ASP A 1 124 ? -7.142  21.738  5.576   1.00 24.21 ? 124  ASP A CB    1 
ATOM   967  C  CG    . ASP A 1 124 ? -7.580  22.601  6.756   1.00 28.74 ? 124  ASP A CG    1 
ATOM   968  O  OD1   . ASP A 1 124 ? -8.106  22.068  7.755   1.00 25.51 ? 124  ASP A OD1   1 
ATOM   969  O  OD2   . ASP A 1 124 ? -7.388  23.835  6.676   1.00 36.33 ? 124  ASP A OD2   1 
ATOM   970  N  N     . LYS A 1 125 ? -7.182  19.276  7.948   1.00 21.51 ? 125  LYS A N     1 
ATOM   971  C  CA    . LYS A 1 125 ? -8.032  18.312  8.640   1.00 25.21 ? 125  LYS A CA    1 
ATOM   972  C  C     . LYS A 1 125 ? -9.513  18.647  8.526   1.00 23.21 ? 125  LYS A C     1 
ATOM   973  O  O     . LYS A 1 125 ? -10.355 17.756  8.698   1.00 23.26 ? 125  LYS A O     1 
ATOM   974  C  CB    . LYS A 1 125 ? -7.614  18.143  10.106  1.00 27.15 ? 125  LYS A CB    1 
ATOM   975  C  CG    . LYS A 1 125 ? -6.473  17.158  10.298  1.00 29.34 ? 125  LYS A CG    1 
ATOM   976  C  CD    . LYS A 1 125 ? -6.215  16.858  11.771  1.00 33.78 ? 125  LYS A CD    1 
ATOM   977  C  CE    . LYS A 1 125 ? -6.745  15.481  12.160  1.00 34.32 ? 125  LYS A CE    1 
ATOM   978  N  NZ    . LYS A 1 125 ? -8.172  15.286  11.777  1.00 35.85 ? 125  LYS A NZ    1 
ATOM   979  N  N     . ASN A 1 126 ? -9.860  19.902  8.222   1.00 22.45 ? 126  ASN A N     1 
ATOM   980  C  CA    . ASN A 1 126 ? -11.266 20.225  8.007   1.00 23.04 ? 126  ASN A CA    1 
ATOM   981  C  C     . ASN A 1 126 ? -11.861 19.444  6.846   1.00 24.33 ? 126  ASN A C     1 
ATOM   982  O  O     . ASN A 1 126 ? -13.083 19.267  6.792   1.00 25.45 ? 126  ASN A O     1 
ATOM   983  C  CB    . ASN A 1 126 ? -11.459 21.729  7.783   1.00 26.10 ? 126  ASN A CB    1 
ATOM   984  C  CG    . ASN A 1 126 ? -11.377 22.526  9.072   1.00 27.03 ? 126  ASN A CG    1 
ATOM   985  O  OD1   . ASN A 1 126 ? -11.508 21.972  10.165  1.00 32.02 ? 126  ASN A OD1   1 
ATOM   986  N  ND2   . ASN A 1 126 ? -11.184 23.833  8.950   1.00 34.12 ? 126  ASN A ND2   1 
ATOM   987  N  N     . ASN A 1 127 ? -11.024 18.943  5.936   1.00 21.62 ? 127  ASN A N     1 
ATOM   988  C  CA    . ASN A 1 127 ? -11.482 18.191  4.775   1.00 22.43 ? 127  ASN A CA    1 
ATOM   989  C  C     . ASN A 1 127 ? -11.433 16.681  4.972   1.00 24.64 ? 127  ASN A C     1 
ATOM   990  O  O     . ASN A 1 127 ? -11.848 15.947  4.069   1.00 24.41 ? 127  ASN A O     1 
ATOM   991  C  CB    . ASN A 1 127 ? -10.665 18.578  3.541   1.00 23.35 ? 127  ASN A CB    1 
ATOM   992  C  CG    . ASN A 1 127 ? -10.799 20.042  3.191   1.00 24.18 ? 127  ASN A CG    1 
ATOM   993  O  OD1   . ASN A 1 127 ? -9.808  20.726  2.950   1.00 33.29 ? 127  ASN A OD1   1 
ATOM   994  N  ND2   . ASN A 1 127 ? -12.031 20.535  3.172   1.00 31.22 ? 127  ASN A ND2   1 
ATOM   995  N  N     . TRP A 1 128 ? -10.950 16.198  6.119   1.00 21.11 ? 128  TRP A N     1 
ATOM   996  C  CA    . TRP A 1 128 ? -10.923 14.759  6.360   1.00 21.50 ? 128  TRP A CA    1 
ATOM   997  C  C     . TRP A 1 128 ? -12.338 14.242  6.572   1.00 24.67 ? 128  TRP A C     1 
ATOM   998  O  O     . TRP A 1 128 ? -13.185 14.930  7.150   1.00 26.22 ? 128  TRP A O     1 
ATOM   999  C  CB    . TRP A 1 128 ? -10.069 14.419  7.584   1.00 19.93 ? 128  TRP A CB    1 
ATOM   1000 C  CG    . TRP A 1 128 ? -8.595  14.699  7.445   1.00 20.39 ? 128  TRP A CG    1 
ATOM   1001 C  CD1   . TRP A 1 128 ? -7.996  15.593  6.606   1.00 22.48 ? 128  TRP A CD1   1 
ATOM   1002 C  CD2   . TRP A 1 128 ? -7.538  14.071  8.181   1.00 19.98 ? 128  TRP A CD2   1 
ATOM   1003 N  NE1   . TRP A 1 128 ? -6.630  15.565  6.775   1.00 20.58 ? 128  TRP A NE1   1 
ATOM   1004 C  CE2   . TRP A 1 128 ? -6.323  14.635  7.736   1.00 19.78 ? 128  TRP A CE2   1 
ATOM   1005 C  CE3   . TRP A 1 128 ? -7.503  13.081  9.167   1.00 23.09 ? 128  TRP A CE3   1 
ATOM   1006 C  CZ2   . TRP A 1 128 ? -5.084  14.250  8.254   1.00 23.35 ? 128  TRP A CZ2   1 
ATOM   1007 C  CZ3   . TRP A 1 128 ? -6.270  12.695  9.675   1.00 24.39 ? 128  TRP A CZ3   1 
ATOM   1008 C  CH2   . TRP A 1 128 ? -5.082  13.279  9.218   1.00 24.64 ? 128  TRP A CH2   1 
ATOM   1009 N  N     . ARG A 1 129 ? -12.592 13.019  6.098   1.00 23.68 ? 129  ARG A N     1 
ATOM   1010 C  CA    . ARG A 1 129 ? -13.902 12.386  6.229   1.00 25.10 ? 129  ARG A CA    1 
ATOM   1011 C  C     . ARG A 1 129 ? -13.842 11.090  7.030   1.00 25.87 ? 129  ARG A C     1 
ATOM   1012 O  O     . ARG A 1 129 ? -14.792 10.297  6.993   1.00 27.72 ? 129  ARG A O     1 
ATOM   1013 C  CB    . ARG A 1 129 ? -14.561 12.184  4.859   1.00 25.38 ? 129  ARG A CB    1 
ATOM   1014 C  CG    . ARG A 1 129 ? -14.985 13.487  4.214   1.00 31.94 ? 129  ARG A CG    1 
ATOM   1015 C  CD    . ARG A 1 129 ? -15.575 14.414  5.278   1.00 35.78 ? 129  ARG A CD    1 
ATOM   1016 N  NE    . ARG A 1 129 ? -16.082 15.668  4.745   1.00 41.61 ? 129  ARG A NE    1 
ATOM   1017 C  CZ    . ARG A 1 129 ? -15.771 16.863  5.243   1.00 38.53 ? 129  ARG A CZ    1 
ATOM   1018 N  NH1   . ARG A 1 129 ? -14.949 16.961  6.280   1.00 34.17 ? 129  ARG A NH1   1 
ATOM   1019 N  NH2   . ARG A 1 129 ? -16.277 17.970  4.705   1.00 39.83 ? 129  ARG A NH2   1 
ATOM   1020 N  N     . VAL A 1 130 ? -12.754 10.872  7.762   1.00 26.11 ? 130  VAL A N     1 
ATOM   1021 C  CA    . VAL A 1 130 ? -12.556 9.668   8.563   1.00 25.54 ? 130  VAL A CA    1 
ATOM   1022 C  C     . VAL A 1 130 ? -11.715 10.040  9.776   1.00 29.12 ? 130  VAL A C     1 
ATOM   1023 O  O     . VAL A 1 130 ? -10.831 10.898  9.693   1.00 26.87 ? 130  VAL A O     1 
ATOM   1024 C  CB    . VAL A 1 130 ? -11.911 8.541   7.722   1.00 29.01 ? 130  VAL A CB    1 
ATOM   1025 C  CG1   . VAL A 1 130 ? -10.472 8.885   7.366   1.00 30.10 ? 130  VAL A CG1   1 
ATOM   1026 C  CG2   . VAL A 1 130 ? -11.988 7.209   8.448   1.00 28.83 ? 130  VAL A CG2   1 
ATOM   1027 N  N     . SER A 1 131 ? -12.000 9.407   10.909  1.00 27.97 ? 131  SER A N     1 
ATOM   1028 C  CA    . SER A 1 131 ? -11.260 9.647   12.138  1.00 27.48 ? 131  SER A CA    1 
ATOM   1029 C  C     . SER A 1 131 ? -10.325 8.479   12.423  1.00 28.59 ? 131  SER A C     1 
ATOM   1030 O  O     . SER A 1 131 ? -10.515 7.367   11.920  1.00 27.86 ? 131  SER A O     1 
ATOM   1031 C  CB    . SER A 1 131 ? -12.215 9.832   13.321  1.00 30.92 ? 131  SER A CB    1 
ATOM   1032 O  OG    . SER A 1 131 ? -13.053 8.700   13.458  1.00 35.07 ? 131  SER A OG    1 
ATOM   1033 N  N     . GLU A 1 132 ? -9.307  8.740   13.251  1.00 31.11 ? 132  GLU A N     1 
ATOM   1034 C  CA    . GLU A 1 132 ? -8.392  7.670   13.629  1.00 27.27 ? 132  GLU A CA    1 
ATOM   1035 C  C     . GLU A 1 132 ? -9.114  6.552   14.371  1.00 29.45 ? 132  GLU A C     1 
ATOM   1036 O  O     . GLU A 1 132 ? -8.750  5.379   14.229  1.00 28.01 ? 132  GLU A O     1 
ATOM   1037 C  CB    . GLU A 1 132 ? -7.220  8.200   14.462  1.00 30.15 ? 132  GLU A CB    1 
ATOM   1038 C  CG    . GLU A 1 132 ? -6.247  7.103   14.858  1.00 28.99 ? 132  GLU A CG    1 
ATOM   1039 C  CD    . GLU A 1 132 ? -4.945  7.612   15.457  1.00 34.37 ? 132  GLU A CD    1 
ATOM   1040 O  OE1   . GLU A 1 132 ? -4.836  8.824   15.738  1.00 36.08 ? 132  GLU A OE1   1 
ATOM   1041 O  OE2   . GLU A 1 132 ? -4.024  6.787   15.647  1.00 37.79 ? 132  GLU A OE2   1 
ATOM   1042 N  N     . ASN A 1 133 ? -10.149 6.889   15.146  1.00 31.88 ? 133  ASN A N     1 
ATOM   1043 C  CA    . ASN A 1 133 ? -10.861 5.864   15.903  1.00 32.21 ? 133  ASN A CA    1 
ATOM   1044 C  C     . ASN A 1 133 ? -11.557 4.867   14.982  1.00 29.24 ? 133  ASN A C     1 
ATOM   1045 O  O     . ASN A 1 133 ? -11.576 3.662   15.269  1.00 31.93 ? 133  ASN A O     1 
ATOM   1046 C  CB    . ASN A 1 133 ? -11.848 6.512   16.876  1.00 34.72 ? 133  ASN A CB    1 
ATOM   1047 C  CG    . ASN A 1 133 ? -11.151 7.271   17.993  1.00 38.09 ? 133  ASN A CG    1 
ATOM   1048 O  OD1   . ASN A 1 133 ? -9.945  7.123   18.205  1.00 43.21 ? 133  ASN A OD1   1 
ATOM   1049 N  ND2   . ASN A 1 133 ? -11.910 8.086   18.716  1.00 43.71 ? 133  ASN A ND2   1 
ATOM   1050 N  N     . GLU A 1 134 ? -12.130 5.346   13.871  1.00 29.76 ? 134  GLU A N     1 
ATOM   1051 C  CA    . GLU A 1 134 ? -12.745 4.442   12.900  1.00 29.31 ? 134  GLU A CA    1 
ATOM   1052 C  C     . GLU A 1 134 ? -11.700 3.555   12.239  1.00 26.75 ? 134  GLU A C     1 
ATOM   1053 O  O     . GLU A 1 134 ? -11.939 2.364   12.009  1.00 27.08 ? 134  GLU A O     1 
ATOM   1054 C  CB    . GLU A 1 134 ? -13.477 5.235   11.820  1.00 30.44 ? 134  GLU A CB    1 
ATOM   1055 C  CG    . GLU A 1 134 ? -14.541 6.187   12.305  1.00 33.85 ? 134  GLU A CG    1 
ATOM   1056 C  CD    . GLU A 1 134 ? -15.145 6.972   11.158  1.00 38.13 ? 134  GLU A CD    1 
ATOM   1057 O  OE1   . GLU A 1 134 ? -15.884 6.371   10.348  1.00 34.31 ? 134  GLU A OE1   1 
ATOM   1058 O  OE2   . GLU A 1 134 ? -14.854 8.185   11.053  1.00 35.56 ? 134  GLU A OE2   1 
ATOM   1059 N  N     . ILE A 1 135 ? -10.541 4.123   11.901  1.00 25.36 ? 135  ILE A N     1 
ATOM   1060 C  CA    . ILE A 1 135 ? -9.488  3.315   11.301  1.00 26.76 ? 135  ILE A CA    1 
ATOM   1061 C  C     . ILE A 1 135 ? -8.999  2.257   12.283  1.00 25.12 ? 135  ILE A C     1 
ATOM   1062 O  O     . ILE A 1 135 ? -8.825  1.086   11.918  1.00 26.72 ? 135  ILE A O     1 
ATOM   1063 C  CB    . ILE A 1 135 ? -8.348  4.213   10.795  1.00 22.21 ? 135  ILE A CB    1 
ATOM   1064 C  CG1   . ILE A 1 135 ? -8.896  5.269   9.832   1.00 22.06 ? 135  ILE A CG1   1 
ATOM   1065 C  CG2   . ILE A 1 135 ? -7.269  3.373   10.124  1.00 25.53 ? 135  ILE A CG2   1 
ATOM   1066 C  CD1   . ILE A 1 135 ? -7.951  6.436   9.607   1.00 22.50 ? 135  ILE A CD1   1 
ATOM   1067 N  N     . LYS A 1 136 ? -8.762  2.653   13.540  1.00 28.67 ? 136  LYS A N     1 
ATOM   1068 C  CA    . LYS A 1 136 ? -8.364  1.693   14.566  1.00 27.69 ? 136  LYS A CA    1 
ATOM   1069 C  C     . LYS A 1 136 ? -9.374  0.562   14.673  1.00 27.00 ? 136  LYS A C     1 
ATOM   1070 O  O     . LYS A 1 136 ? -9.006  -0.618  14.669  1.00 27.11 ? 136  LYS A O     1 
ATOM   1071 C  CB    . LYS A 1 136 ? -8.242  2.386   15.926  1.00 30.70 ? 136  LYS A CB    1 
ATOM   1072 C  CG    . LYS A 1 136 ? -7.102  3.376   16.071  1.00 34.50 ? 136  LYS A CG    1 
ATOM   1073 C  CD    . LYS A 1 136 ? -6.824  3.662   17.552  1.00 36.45 ? 136  LYS A CD    1 
ATOM   1074 C  CE    . LYS A 1 136 ? -6.381  5.101   17.781  1.00 38.89 ? 136  LYS A CE    1 
ATOM   1075 N  NZ    . LYS A 1 136 ? -6.299  5.450   19.231  1.00 41.20 ? 136  LYS A NZ    1 
ATOM   1076 N  N     . LYS A 1 137 ? -10.659 0.909   14.779  1.00 26.27 ? 137  LYS A N     1 
ATOM   1077 C  CA    . LYS A 1 137 ? -11.692 -0.110  14.929  1.00 26.79 ? 137  LYS A CA    1 
ATOM   1078 C  C     . LYS A 1 137 ? -11.738 -1.027  13.717  1.00 28.29 ? 137  LYS A C     1 
ATOM   1079 O  O     . LYS A 1 137 ? -11.839 -2.252  13.862  1.00 27.47 ? 137  LYS A O     1 
ATOM   1080 C  CB    . LYS A 1 137 ? -13.053 0.550   15.159  1.00 28.10 ? 137  LYS A CB    1 
ATOM   1081 C  CG    . LYS A 1 137 ? -14.231 -0.423  15.229  1.00 32.87 ? 137  LYS A CG    1 
ATOM   1082 C  CD    . LYS A 1 137 ? -15.552 0.332   15.137  1.00 32.26 ? 137  LYS A CD    1 
ATOM   1083 C  CE    . LYS A 1 137 ? -16.751 -0.606  15.060  1.00 34.90 ? 137  LYS A CE    1 
ATOM   1084 N  NZ    . LYS A 1 137 ? -16.890 -1.438  16.286  1.00 40.63 ? 137  LYS A NZ    1 
ATOM   1085 N  N     . PHE A 1 138 ? -11.664 -0.455  12.512  1.00 24.83 ? 138  PHE A N     1 
ATOM   1086 C  CA    . PHE A 1 138 ? -11.707 -1.287  11.313  1.00 27.54 ? 138  PHE A CA    1 
ATOM   1087 C  C     . PHE A 1 138 ? -10.553 -2.277  11.291  1.00 26.25 ? 138  PHE A C     1 
ATOM   1088 O  O     . PHE A 1 138 ? -10.738 -3.448  10.941  1.00 25.45 ? 138  PHE A O     1 
ATOM   1089 C  CB    . PHE A 1 138 ? -11.692 -0.436  10.038  1.00 26.43 ? 138  PHE A CB    1 
ATOM   1090 C  CG    . PHE A 1 138 ? -11.543 -1.256  8.781   1.00 27.09 ? 138  PHE A CG    1 
ATOM   1091 C  CD1   . PHE A 1 138 ? -12.656 -1.766  8.136   1.00 27.59 ? 138  PHE A CD1   1 
ATOM   1092 C  CD2   . PHE A 1 138 ? -10.286 -1.561  8.274   1.00 24.29 ? 138  PHE A CD2   1 
ATOM   1093 C  CE1   . PHE A 1 138 ? -12.524 -2.540  6.997   1.00 26.03 ? 138  PHE A CE1   1 
ATOM   1094 C  CE2   . PHE A 1 138 ? -10.148 -2.340  7.138   1.00 23.60 ? 138  PHE A CE2   1 
ATOM   1095 C  CZ    . PHE A 1 138 ? -11.275 -2.826  6.498   1.00 26.45 ? 138  PHE A CZ    1 
ATOM   1096 N  N     . CYS A 1 139 ? -9.346  -1.818  11.635  1.00 24.38 ? 139  CYS A N     1 
ATOM   1097 C  CA    . CYS A 1 139 ? -8.184  -2.693  11.551  1.00 25.79 ? 139  CYS A CA    1 
ATOM   1098 C  C     . CYS A 1 139 ? -8.200  -3.753  12.643  1.00 26.63 ? 139  CYS A C     1 
ATOM   1099 O  O     . CYS A 1 139 ? -7.715  -4.870  12.432  1.00 24.47 ? 139  CYS A O     1 
ATOM   1100 C  CB    . CYS A 1 139 ? -6.891  -1.870  11.541  1.00 26.41 ? 139  CYS A CB    1 
ATOM   1101 S  SG    . CYS A 1 139 ? -6.739  -0.787  10.080  1.00 27.22 ? 139  CYS A SG    1 
ATOM   1102 N  N     . ARG A 1 140 ? -8.790  -3.439  13.795  1.00 28.01 ? 140  ARG A N     1 
ATOM   1103 C  CA    . ARG A 1 140 ? -8.999  -4.456  14.815  1.00 31.79 ? 140  ARG A CA    1 
ATOM   1104 C  C     . ARG A 1 140 ? -9.974  -5.521  14.328  1.00 31.65 ? 140  ARG A C     1 
ATOM   1105 O  O     . ARG A 1 140 ? -9.714  -6.723  14.458  1.00 33.37 ? 140  ARG A O     1 
ATOM   1106 C  CB    . ARG A 1 140 ? -9.493  -3.796  16.105  1.00 33.28 ? 140  ARG A CB    1 
ATOM   1107 C  CG    . ARG A 1 140 ? -9.733  -4.735  17.275  1.00 39.63 ? 140  ARG A CG    1 
ATOM   1108 C  CD    . ARG A 1 140 ? -8.474  -5.518  17.677  1.00 42.66 ? 140  ARG A CD    1 
ATOM   1109 N  NE    . ARG A 1 140 ? -7.221  -4.850  17.343  1.00 46.19 ? 140  ARG A NE    1 
ATOM   1110 C  CZ    . ARG A 1 140 ? -6.291  -5.376  16.550  1.00 46.59 ? 140  ARG A CZ    1 
ATOM   1111 N  NH1   . ARG A 1 140 ? -6.476  -6.577  16.015  1.00 48.53 ? 140  ARG A NH1   1 
ATOM   1112 N  NH2   . ARG A 1 140 ? -5.175  -4.702  16.286  1.00 43.59 ? 140  ARG A NH2   1 
ATOM   1113 N  N     . ASP A 1 141 ? -11.090 -5.098  13.739  1.00 28.09 ? 141  ASP A N     1 
ATOM   1114 C  CA    . ASP A 1 141 ? -12.092 -6.055  13.284  1.00 31.93 ? 141  ASP A CA    1 
ATOM   1115 C  C     . ASP A 1 141 ? -11.627 -6.871  12.083  1.00 31.99 ? 141  ASP A C     1 
ATOM   1116 O  O     . ASP A 1 141 ? -12.159 -7.962  11.847  1.00 32.47 ? 141  ASP A O     1 
ATOM   1117 C  CB    . ASP A 1 141 ? -13.398 -5.333  12.953  1.00 29.65 ? 141  ASP A CB    1 
ATOM   1118 C  CG    . ASP A 1 141 ? -13.998 -4.618  14.158  1.00 34.14 ? 141  ASP A CG    1 
ATOM   1119 O  OD1   . ASP A 1 141 ? -13.551 -4.870  15.299  1.00 36.31 ? 141  ASP A OD1   1 
ATOM   1120 O  OD2   . ASP A 1 141 ? -14.932 -3.813  13.959  1.00 35.54 ? 141  ASP A OD2   1 
ATOM   1121 N  N     . ASN A 1 142 ? -10.640 -6.385  11.327  1.00 27.54 ? 142  ASN A N     1 
ATOM   1122 C  CA    . ASN A 1 142 ? -10.277 -7.015  10.063  1.00 24.33 ? 142  ASN A CA    1 
ATOM   1123 C  C     . ASN A 1 142 ? -8.832  -7.496  10.027  1.00 26.66 ? 142  ASN A C     1 
ATOM   1124 O  O     . ASN A 1 142 ? -8.307  -7.787  8.946   1.00 25.42 ? 142  ASN A O     1 
ATOM   1125 C  CB    . ASN A 1 142 ? -10.611 -6.099  8.885   1.00 27.15 ? 142  ASN A CB    1 
ATOM   1126 C  CG    . ASN A 1 142 ? -12.106 -5.908  8.715   1.00 28.90 ? 142  ASN A CG    1 
ATOM   1127 O  OD1   . ASN A 1 142 ? -12.785 -6.752  8.131   1.00 31.23 ? 142  ASN A OD1   1 
ATOM   1128 N  ND2   . ASN A 1 142 ? -12.629 -4.808  9.241   1.00 24.92 ? 142  ASN A ND2   1 
ATOM   1129 N  N     . ASP A 1 143 ? -8.184  -7.593  11.187  1.00 25.70 ? 143  ASP A N     1 
ATOM   1130 C  CA    . ASP A 1 143 ? -6.871  -8.222  11.328  1.00 24.85 ? 143  ASP A CA    1 
ATOM   1131 C  C     . ASP A 1 143 ? -5.832  -7.620  10.376  1.00 25.98 ? 143  ASP A C     1 
ATOM   1132 O  O     . ASP A 1 143 ? -5.185  -8.313  9.587   1.00 25.38 ? 143  ASP A O     1 
ATOM   1133 C  CB    . ASP A 1 143 ? -6.961  -9.743  11.173  1.00 29.54 ? 143  ASP A CB    1 
ATOM   1134 C  CG    . ASP A 1 143 ? -5.701  -10.454 11.639  1.00 37.32 ? 143  ASP A CG    1 
ATOM   1135 O  OD1   . ASP A 1 143 ? -5.128  -10.039 12.670  1.00 40.01 ? 143  ASP A OD1   1 
ATOM   1136 O  OD2   . ASP A 1 143 ? -5.282  -11.427 10.974  1.00 42.39 ? 143  ASP A OD2   1 
ATOM   1137 N  N     . CYS A 1 144 ? -5.668  -6.307  10.469  1.00 21.19 ? 144  CYS A N     1 
ATOM   1138 C  CA    . CYS A 1 144 ? -4.619  -5.636  9.715   1.00 20.88 ? 144  CYS A CA    1 
ATOM   1139 C  C     . CYS A 1 144 ? -4.078  -4.477  10.543  1.00 20.23 ? 144  CYS A C     1 
ATOM   1140 O  O     . CYS A 1 144 ? -4.563  -4.183  11.635  1.00 21.99 ? 144  CYS A O     1 
ATOM   1141 C  CB    . CYS A 1 144 ? -5.114  -5.199  8.334   1.00 22.36 ? 144  CYS A CB    1 
ATOM   1142 S  SG    . CYS A 1 144 ? -6.531  -4.125  8.412   1.00 24.18 ? 144  CYS A SG    1 
ATOM   1143 N  N     . ASP A 1 145 ? -3.030  -3.846  10.028  1.00 17.60 ? 145  ASP A N     1 
ATOM   1144 C  CA    . ASP A 1 145 ? -2.376  -2.711  10.662  1.00 19.20 ? 145  ASP A CA    1 
ATOM   1145 C  C     . ASP A 1 145 ? -2.730  -1.446  9.883   1.00 18.59 ? 145  ASP A C     1 
ATOM   1146 O  O     . ASP A 1 145 ? -3.315  -1.508  8.799   1.00 18.37 ? 145  ASP A O     1 
ATOM   1147 C  CB    . ASP A 1 145 ? -0.857  -2.938  10.659  1.00 19.35 ? 145  ASP A CB    1 
ATOM   1148 C  CG    . ASP A 1 145 ? -0.129  -2.129  11.724  1.00 23.77 ? 145  ASP A CG    1 
ATOM   1149 O  OD1   . ASP A 1 145 ? -0.790  -1.379  12.478  1.00 24.36 ? 145  ASP A OD1   1 
ATOM   1150 O  OD2   . ASP A 1 145 ? 1.118   -2.232  11.792  1.00 23.27 ? 145  ASP A OD2   1 
ATOM   1151 N  N     . TYR A 1 146 ? -2.386  -0.284  10.446  1.00 17.34 ? 146  TYR A N     1 
ATOM   1152 C  CA    . TYR A 1 146 ? -2.624  0.978   9.750   1.00 17.53 ? 146  TYR A CA    1 
ATOM   1153 C  C     . TYR A 1 146 ? -1.510  1.974   10.056  1.00 17.74 ? 146  TYR A C     1 
ATOM   1154 O  O     . TYR A 1 146 ? -0.793  1.854   11.054  1.00 21.67 ? 146  TYR A O     1 
ATOM   1155 C  CB    . TYR A 1 146 ? -3.997  1.587   10.091  1.00 18.77 ? 146  TYR A CB    1 
ATOM   1156 C  CG    . TYR A 1 146 ? -4.052  2.207   11.468  1.00 22.46 ? 146  TYR A CG    1 
ATOM   1157 C  CD1   . TYR A 1 146 ? -4.236  1.420   12.597  1.00 23.61 ? 146  TYR A CD1   1 
ATOM   1158 C  CD2   . TYR A 1 146 ? -3.917  3.579   11.641  1.00 25.28 ? 146  TYR A CD2   1 
ATOM   1159 C  CE1   . TYR A 1 146 ? -4.285  1.984   13.860  1.00 26.95 ? 146  TYR A CE1   1 
ATOM   1160 C  CE2   . TYR A 1 146 ? -3.959  4.150   12.901  1.00 25.06 ? 146  TYR A CE2   1 
ATOM   1161 C  CZ    . TYR A 1 146 ? -4.141  3.348   14.003  1.00 28.93 ? 146  TYR A CZ    1 
ATOM   1162 O  OH    . TYR A 1 146 ? -4.181  3.917   15.256  1.00 34.64 ? 146  TYR A OH    1 
ATOM   1163 N  N     . VAL A 1 147 ? -1.372  2.961   9.163   1.00 16.11 ? 147  VAL A N     1 
ATOM   1164 C  CA    . VAL A 1 147 ? -0.498  4.117   9.357   1.00 15.98 ? 147  VAL A CA    1 
ATOM   1165 C  C     . VAL A 1 147 ? -1.127  5.299   8.648   1.00 17.60 ? 147  VAL A C     1 
ATOM   1166 O  O     . VAL A 1 147 ? -1.904  5.140   7.711   1.00 17.28 ? 147  VAL A O     1 
ATOM   1167 C  CB    . VAL A 1 147 ? 0.917   3.937   8.760   1.00 21.26 ? 147  VAL A CB    1 
ATOM   1168 C  CG1   . VAL A 1 147 ? 1.720   2.988   9.576   1.00 24.52 ? 147  VAL A CG1   1 
ATOM   1169 C  CG2   . VAL A 1 147 ? 0.829   3.482   7.301   1.00 19.14 ? 147  VAL A CG2   1 
ATOM   1170 N  N     . PHE A 1 148 ? -0.724  6.498   9.060   1.00 17.89 ? 148  PHE A N     1 
ATOM   1171 C  CA    . PHE A 1 148 ? -1.060  7.727   8.357   1.00 18.30 ? 148  PHE A CA    1 
ATOM   1172 C  C     . PHE A 1 148 ? 0.132   8.162   7.523   1.00 15.54 ? 148  PHE A C     1 
ATOM   1173 O  O     . PHE A 1 148 ? 1.284   8.022   7.953   1.00 18.41 ? 148  PHE A O     1 
ATOM   1174 C  CB    . PHE A 1 148 ? -1.393  8.832   9.359   1.00 19.76 ? 148  PHE A CB    1 
ATOM   1175 C  CG    . PHE A 1 148 ? -2.696  8.621   10.066  1.00 20.68 ? 148  PHE A CG    1 
ATOM   1176 C  CD1   . PHE A 1 148 ? -3.880  9.045   9.492   1.00 20.92 ? 148  PHE A CD1   1 
ATOM   1177 C  CD2   . PHE A 1 148 ? -2.741  7.987   11.296  1.00 22.39 ? 148  PHE A CD2   1 
ATOM   1178 C  CE1   . PHE A 1 148 ? -5.087  8.851   10.134  1.00 24.02 ? 148  PHE A CE1   1 
ATOM   1179 C  CE2   . PHE A 1 148 ? -3.952  7.787   11.942  1.00 28.31 ? 148  PHE A CE2   1 
ATOM   1180 C  CZ    . PHE A 1 148 ? -5.123  8.222   11.357  1.00 25.14 ? 148  PHE A CZ    1 
ATOM   1181 N  N     . ALA A 1 149 ? -0.137  8.709   6.336   1.00 14.97 ? 149  ALA A N     1 
ATOM   1182 C  CA    . ALA A 1 149 ? 0.960   9.115   5.467   1.00 16.95 ? 149  ALA A CA    1 
ATOM   1183 C  C     . ALA A 1 149 ? 0.543   10.256  4.544   1.00 16.20 ? 149  ALA A C     1 
ATOM   1184 O  O     . ALA A 1 149 ? -0.639  10.565  4.384   1.00 15.05 ? 149  ALA A O     1 
ATOM   1185 C  CB    . ALA A 1 149 ? 1.490   7.936   4.634   1.00 15.86 ? 149  ALA A CB    1 
ATOM   1186 N  N     . SER A 1 150 ? 1.549   10.879  3.935   1.00 14.84 ? 150  SER A N     1 
ATOM   1187 C  CA    . SER A 1 150 ? 1.365   11.744  2.779   1.00 14.99 ? 150  SER A CA    1 
ATOM   1188 C  C     . SER A 1 150 ? 2.512   11.462  1.826   1.00 16.87 ? 150  SER A C     1 
ATOM   1189 O  O     . SER A 1 150 ? 3.672   11.385  2.256   1.00 16.47 ? 150  SER A O     1 
ATOM   1190 C  CB    . SER A 1 150 ? 1.393   13.230  3.172   1.00 17.19 ? 150  SER A CB    1 
ATOM   1191 O  OG    . SER A 1 150 ? 1.536   14.038  2.021   1.00 17.95 ? 150  SER A OG    1 
ATOM   1192 N  N     . SER A 1 151 ? 2.198   11.316  0.537   1.00 15.63 ? 151  SER A N     1 
ATOM   1193 C  CA    . SER A 1 151 ? 3.263   11.108  -0.437  1.00 17.63 ? 151  SER A CA    1 
ATOM   1194 C  C     . SER A 1 151 ? 4.223   12.292  -0.491  1.00 18.85 ? 151  SER A C     1 
ATOM   1195 O  O     . SER A 1 151 ? 5.330   12.154  -1.023  1.00 20.40 ? 151  SER A O     1 
ATOM   1196 C  CB    . SER A 1 151 ? 2.699   10.838  -1.835  1.00 19.42 ? 151  SER A CB    1 
ATOM   1197 O  OG    A SER A 1 151 ? 1.550   10.010  -1.816  0.56 16.24 ? 151  SER A OG    1 
ATOM   1198 O  OG    B SER A 1 151 ? 2.280   12.025  -2.457  0.44 16.25 ? 151  SER A OG    1 
ATOM   1199 N  N     . PHE A 1 152 ? 3.820   13.448  0.039   1.00 16.43 ? 152  PHE A N     1 
ATOM   1200 C  CA    . PHE A 1 152 ? 4.659   14.641  0.060   1.00 17.25 ? 152  PHE A CA    1 
ATOM   1201 C  C     . PHE A 1 152 ? 5.500   14.752  1.323   1.00 19.68 ? 152  PHE A C     1 
ATOM   1202 O  O     . PHE A 1 152 ? 6.316   15.678  1.430   1.00 23.29 ? 152  PHE A O     1 
ATOM   1203 C  CB    . PHE A 1 152 ? 3.788   15.894  -0.081  1.00 19.15 ? 152  PHE A CB    1 
ATOM   1204 C  CG    . PHE A 1 152 ? 2.915   15.895  -1.304  1.00 20.28 ? 152  PHE A CG    1 
ATOM   1205 C  CD1   . PHE A 1 152 ? 3.395   15.446  -2.523  1.00 22.10 ? 152  PHE A CD1   1 
ATOM   1206 C  CD2   . PHE A 1 152 ? 1.601   16.336  -1.230  1.00 18.30 ? 152  PHE A CD2   1 
ATOM   1207 C  CE1   . PHE A 1 152 ? 2.579   15.448  -3.647  1.00 26.89 ? 152  PHE A CE1   1 
ATOM   1208 C  CE2   . PHE A 1 152 ? 0.777   16.347  -2.357  1.00 18.95 ? 152  PHE A CE2   1 
ATOM   1209 C  CZ    . PHE A 1 152 ? 1.268   15.894  -3.559  1.00 21.02 ? 152  PHE A CZ    1 
ATOM   1210 N  N     . GLU A 1 153 ? 5.326   13.849  2.281   1.00 17.60 ? 153  GLU A N     1 
ATOM   1211 C  CA    . GLU A 1 153 ? 6.080   13.858  3.533   1.00 17.45 ? 153  GLU A CA    1 
ATOM   1212 C  C     . GLU A 1 153 ? 6.951   12.604  3.565   1.00 17.48 ? 153  GLU A C     1 
ATOM   1213 O  O     . GLU A 1 153 ? 6.472   11.514  3.907   1.00 17.64 ? 153  GLU A O     1 
ATOM   1214 C  CB    . GLU A 1 153 ? 5.145   13.938  4.735   1.00 20.34 ? 153  GLU A CB    1 
ATOM   1215 C  CG    . GLU A 1 153 ? 4.215   15.150  4.718   1.00 24.21 ? 153  GLU A CG    1 
ATOM   1216 C  CD    . GLU A 1 153 ? 3.366   15.258  5.974   1.00 30.59 ? 153  GLU A CD    1 
ATOM   1217 O  OE1   . GLU A 1 153 ? 3.565   14.451  6.911   1.00 33.57 ? 153  GLU A OE1   1 
ATOM   1218 O  OE2   . GLU A 1 153 ? 2.483   16.144  6.017   1.00 31.14 ? 153  GLU A OE2   1 
ATOM   1219 N  N     . SER A 1 154 ? 8.237   12.767  3.230   1.00 19.62 ? 154  SER A N     1 
ATOM   1220 C  CA    . SER A 1 154 ? 9.109   11.616  3.023   1.00 18.45 ? 154  SER A CA    1 
ATOM   1221 C  C     . SER A 1 154 ? 9.223   10.759  4.273   1.00 18.77 ? 154  SER A C     1 
ATOM   1222 O  O     . SER A 1 154 ? 9.374   9.533   4.178   1.00 17.35 ? 154  SER A O     1 
ATOM   1223 C  CB    . SER A 1 154 ? 10.501  12.087  2.597   1.00 20.36 ? 154  SER A CB    1 
ATOM   1224 O  OG    . SER A 1 154 ? 11.036  12.992  3.547   1.00 30.04 ? 154  SER A OG    1 
ATOM   1225 N  N     . ASP A 1 155 ? 9.168   11.376  5.454   1.00 18.65 ? 155  ASP A N     1 
ATOM   1226 C  CA    . ASP A 1 155 ? 9.296   10.594  6.679   1.00 18.54 ? 155  ASP A CA    1 
ATOM   1227 C  C     . ASP A 1 155 ? 8.152   9.598   6.822   1.00 17.27 ? 155  ASP A C     1 
ATOM   1228 O  O     . ASP A 1 155 ? 8.354   8.475   7.297   1.00 19.31 ? 155  ASP A O     1 
ATOM   1229 C  CB    . ASP A 1 155 ? 9.378   11.518  7.896   1.00 22.36 ? 155  ASP A CB    1 
ATOM   1230 C  CG    . ASP A 1 155 ? 10.765  12.140  8.071   1.00 34.46 ? 155  ASP A CG    1 
ATOM   1231 O  OD1   . ASP A 1 155 ? 11.013  12.767  9.125   1.00 41.41 ? 155  ASP A OD1   1 
ATOM   1232 O  OD2   . ASP A 1 155 ? 11.610  11.999  7.162   1.00 36.77 ? 155  ASP A OD2   1 
ATOM   1233 N  N     . THR A 1 156 ? 6.940   9.985   6.409   1.00 16.66 ? 156  THR A N     1 
ATOM   1234 C  CA    . THR A 1 156 ? 5.806   9.067   6.530   1.00 16.03 ? 156  THR A CA    1 
ATOM   1235 C  C     . THR A 1 156 ? 5.930   7.909   5.556   1.00 15.51 ? 156  THR A C     1 
ATOM   1236 O  O     . THR A 1 156 ? 5.483   6.789   5.857   1.00 15.09 ? 156  THR A O     1 
ATOM   1237 C  CB    . THR A 1 156 ? 4.459   9.791   6.349   1.00 16.11 ? 156  THR A CB    1 
ATOM   1238 O  OG1   . THR A 1 156 ? 4.236   10.136  4.970   1.00 15.90 ? 156  THR A OG1   1 
ATOM   1239 C  CG2   . THR A 1 156 ? 4.398   11.045  7.221   1.00 20.29 ? 156  THR A CG2   1 
ATOM   1240 N  N     . VAL A 1 157 ? 6.517   8.160   4.385   1.00 14.79 ? 157  VAL A N     1 
ATOM   1241 C  CA    . VAL A 1 157 ? 6.687   7.088   3.413   1.00 15.61 ? 157  VAL A CA    1 
ATOM   1242 C  C     . VAL A 1 157 ? 7.785   6.133   3.866   1.00 14.76 ? 157  VAL A C     1 
ATOM   1243 O  O     . VAL A 1 157 ? 7.648   4.911   3.747   1.00 16.24 ? 157  VAL A O     1 
ATOM   1244 C  CB    . VAL A 1 157 ? 6.913   7.649   1.999   1.00 14.37 ? 157  VAL A CB    1 
ATOM   1245 C  CG1   . VAL A 1 157 ? 7.269   6.530   1.032   1.00 18.06 ? 157  VAL A CG1   1 
ATOM   1246 C  CG2   . VAL A 1 157 ? 5.653   8.379   1.524   1.00 16.77 ? 157  VAL A CG2   1 
ATOM   1247 N  N     . ASN A 1 158 ? 8.885   6.671   4.416   1.00 15.18 ? 158  ASN A N     1 
ATOM   1248 C  CA    . ASN A 1 158 ? 9.903   5.809   5.008   1.00 15.74 ? 158  ASN A CA    1 
ATOM   1249 C  C     . ASN A 1 158 ? 9.333   4.991   6.160   1.00 14.16 ? 158  ASN A C     1 
ATOM   1250 O  O     . ASN A 1 158 ? 9.692   3.820   6.337   1.00 17.33 ? 158  ASN A O     1 
ATOM   1251 C  CB    . ASN A 1 158 ? 11.094  6.647   5.488   1.00 16.86 ? 158  ASN A CB    1 
ATOM   1252 C  CG    . ASN A 1 158 ? 11.863  7.277   4.352   1.00 22.59 ? 158  ASN A CG    1 
ATOM   1253 O  OD1   . ASN A 1 158 ? 11.805  6.813   3.214   1.00 26.35 ? 158  ASN A OD1   1 
ATOM   1254 N  ND2   . ASN A 1 158 ? 12.598  8.336   4.657   1.00 26.05 ? 158  ASN A ND2   1 
ATOM   1255 N  N     . ASN A 1 159 ? 8.445   5.591   6.955   1.00 15.64 ? 159  ASN A N     1 
ATOM   1256 C  CA    . ASN A 1 159 ? 7.855   4.876   8.082   1.00 16.19 ? 159  ASN A CA    1 
ATOM   1257 C  C     . ASN A 1 159 ? 7.007   3.699   7.609   1.00 15.59 ? 159  ASN A C     1 
ATOM   1258 O  O     . ASN A 1 159 ? 7.115   2.587   8.139   1.00 17.59 ? 159  ASN A O     1 
ATOM   1259 C  CB    . ASN A 1 159 ? 7.015   5.834   8.927   1.00 16.90 ? 159  ASN A CB    1 
ATOM   1260 C  CG    . ASN A 1 159 ? 6.352   5.143   10.097  1.00 21.37 ? 159  ASN A CG    1 
ATOM   1261 O  OD1   . ASN A 1 159 ? 7.027   4.578   10.960  1.00 22.76 ? 159  ASN A OD1   1 
ATOM   1262 N  ND2   . ASN A 1 159 ? 5.030   5.176   10.130  1.00 20.96 ? 159  ASN A ND2   1 
ATOM   1263 N  N     . LEU A 1 160 ? 6.135   3.928   6.623   1.00 15.45 ? 160  LEU A N     1 
ATOM   1264 C  CA    . LEU A 1 160 ? 5.250   2.847   6.192   1.00 14.56 ? 160  LEU A CA    1 
ATOM   1265 C  C     . LEU A 1 160 ? 6.026   1.720   5.510   1.00 15.20 ? 160  LEU A C     1 
ATOM   1266 O  O     . LEU A 1 160 ? 5.758   0.540   5.764   1.00 14.94 ? 160  LEU A O     1 
ATOM   1267 C  CB    . LEU A 1 160 ? 4.103   3.390   5.332   1.00 15.80 ? 160  LEU A CB    1 
ATOM   1268 C  CG    . LEU A 1 160 ? 4.307   3.833   3.883   1.00 14.81 ? 160  LEU A CG    1 
ATOM   1269 C  CD1   . LEU A 1 160 ? 4.094   2.640   2.948   1.00 15.81 ? 160  LEU A CD1   1 
ATOM   1270 C  CD2   . LEU A 1 160 ? 3.349   4.969   3.516   1.00 14.26 ? 160  LEU A CD2   1 
ATOM   1271 N  N     . PHE A 1 161 ? 7.003   2.051   4.655   1.00 14.34 ? 161  PHE A N     1 
ATOM   1272 C  CA    . PHE A 1 161 ? 7.809   0.980   4.069   1.00 13.74 ? 161  PHE A CA    1 
ATOM   1273 C  C     . PHE A 1 161 ? 8.700   0.317   5.104   1.00 15.08 ? 161  PHE A C     1 
ATOM   1274 O  O     . PHE A 1 161 ? 8.946   -0.895  5.018   1.00 14.94 ? 161  PHE A O     1 
ATOM   1275 C  CB    . PHE A 1 161 ? 8.607   1.477   2.863   1.00 13.84 ? 161  PHE A CB    1 
ATOM   1276 C  CG    . PHE A 1 161 ? 7.813   1.460   1.587   1.00 14.77 ? 161  PHE A CG    1 
ATOM   1277 C  CD1   . PHE A 1 161 ? 7.686   0.295   0.845   1.00 17.43 ? 161  PHE A CD1   1 
ATOM   1278 C  CD2   . PHE A 1 161 ? 7.172   2.606   1.142   1.00 17.08 ? 161  PHE A CD2   1 
ATOM   1279 C  CE1   . PHE A 1 161 ? 6.941   0.271   -0.326  1.00 18.93 ? 161  PHE A CE1   1 
ATOM   1280 C  CE2   . PHE A 1 161 ? 6.428   2.590   -0.024  1.00 14.76 ? 161  PHE A CE2   1 
ATOM   1281 C  CZ    . PHE A 1 161 ? 6.310   1.419   -0.758  1.00 14.42 ? 161  PHE A CZ    1 
ATOM   1282 N  N     . GLY A 1 162 ? 9.174   1.080   6.092   1.00 16.79 ? 162  GLY A N     1 
ATOM   1283 C  CA    . GLY A 1 162 ? 9.931   0.470   7.176   1.00 15.52 ? 162  GLY A CA    1 
ATOM   1284 C  C     . GLY A 1 162 ? 9.128   -0.580  7.924   1.00 15.65 ? 162  GLY A C     1 
ATOM   1285 O  O     . GLY A 1 162 ? 9.627   -1.674  8.207   1.00 17.93 ? 162  GLY A O     1 
ATOM   1286 N  N     . LYS A 1 163 ? 7.868   -0.277  8.237   1.00 17.12 ? 163  LYS A N     1 
ATOM   1287 C  CA    . LYS A 1 163 ? 7.029   -1.277  8.895   1.00 14.50 ? 163  LYS A CA    1 
ATOM   1288 C  C     . LYS A 1 163 ? 6.862   -2.510  8.018   1.00 15.26 ? 163  LYS A C     1 
ATOM   1289 O  O     . LYS A 1 163 ? 6.901   -3.645  8.509   1.00 16.33 ? 163  LYS A O     1 
ATOM   1290 C  CB    . LYS A 1 163 ? 5.665   -0.681  9.235   1.00 18.93 ? 163  LYS A CB    1 
ATOM   1291 C  CG    . LYS A 1 163 ? 5.729   0.415   10.280  1.00 21.22 ? 163  LYS A CG    1 
ATOM   1292 C  CD    . LYS A 1 163 ? 4.395   1.096   10.442  1.00 22.84 ? 163  LYS A CD    1 
ATOM   1293 C  CE    . LYS A 1 163 ? 3.314   0.126   10.850  1.00 23.17 ? 163  LYS A CE    1 
ATOM   1294 N  NZ    . LYS A 1 163 ? 3.603   -0.480  12.176  1.00 29.75 ? 163  LYS A NZ    1 
ATOM   1295 N  N     . MET A 1 164 ? 6.660   -2.300  6.711   1.00 15.05 ? 164  MET A N     1 
ATOM   1296 C  CA    . MET A 1 164 ? 6.536   -3.425  5.792   1.00 14.52 ? 164  MET A CA    1 
ATOM   1297 C  C     . MET A 1 164 ? 7.832   -4.231  5.719   1.00 14.06 ? 164  MET A C     1 
ATOM   1298 O  O     . MET A 1 164 ? 7.799   -5.467  5.744   1.00 13.75 ? 164  MET A O     1 
ATOM   1299 C  CB    . MET A 1 164 ? 6.123   -2.907  4.407   1.00 13.68 ? 164  MET A CB    1 
ATOM   1300 C  CG    . MET A 1 164 ? 6.024   -3.983  3.318   1.00 15.96 ? 164  MET A CG    1 
ATOM   1301 S  SD    . MET A 1 164 ? 4.726   -5.201  3.614   1.00 15.35 ? 164  MET A SD    1 
ATOM   1302 C  CE    . MET A 1 164 ? 3.289   -4.131  3.598   1.00 17.35 ? 164  MET A CE    1 
ATOM   1303 N  N     . ILE A 1 165 ? 8.979   -3.546  5.607   1.00 14.21 ? 165  ILE A N     1 
ATOM   1304 C  CA    . ILE A 1 165 ? 10.275  -4.226  5.507   1.00 14.52 ? 165  ILE A CA    1 
ATOM   1305 C  C     . ILE A 1 165 ? 10.554  -5.030  6.762   1.00 15.91 ? 165  ILE A C     1 
ATOM   1306 O  O     . ILE A 1 165 ? 11.013  -6.173  6.691   1.00 16.10 ? 165  ILE A O     1 
ATOM   1307 C  CB    . ILE A 1 165 ? 11.392  -3.204  5.218   1.00 13.48 ? 165  ILE A CB    1 
ATOM   1308 C  CG1   . ILE A 1 165 ? 11.278  -2.687  3.787   1.00 15.20 ? 165  ILE A CG1   1 
ATOM   1309 C  CG2   . ILE A 1 165 ? 12.783  -3.802  5.488   1.00 15.02 ? 165  ILE A CG2   1 
ATOM   1310 C  CD1   . ILE A 1 165 ? 12.040  -1.407  3.545   1.00 15.28 ? 165  ILE A CD1   1 
ATOM   1311 N  N     . ASP A 1 166 ? 10.256  -4.464  7.928   1.00 13.36 ? 166  ASP A N     1 
ATOM   1312 C  CA    . ASP A 1 166 ? 10.534  -5.209  9.149   1.00 19.60 ? 166  ASP A CA    1 
ATOM   1313 C  C     . ASP A 1 166 ? 9.670   -6.458  9.253   1.00 16.61 ? 166  ASP A C     1 
ATOM   1314 O  O     . ASP A 1 166 ? 10.167  -7.517  9.652   1.00 17.09 ? 166  ASP A O     1 
ATOM   1315 C  CB    . ASP A 1 166 ? 10.448  -4.307  10.370  1.00 22.02 ? 166  ASP A CB    1 
ATOM   1316 C  CG    . ASP A 1 166 ? 11.652  -3.375  10.471  1.00 28.11 ? 166  ASP A CG    1 
ATOM   1317 O  OD1   . ASP A 1 166 ? 12.743  -3.736  9.950   1.00 31.33 ? 166  ASP A OD1   1 
ATOM   1318 O  OD2   . ASP A 1 166 ? 11.514  -2.283  11.060  1.00 36.73 ? 166  ASP A OD2   1 
ATOM   1319 N  N     . LYS A 1 167 ? 8.392   -6.377  8.858   1.00 16.08 ? 167  LYS A N     1 
ATOM   1320 C  CA    . LYS A 1 167 ? 7.566   -7.580  8.817   1.00 16.14 ? 167  LYS A CA    1 
ATOM   1321 C  C     . LYS A 1 167 ? 8.104   -8.599  7.816   1.00 14.01 ? 167  LYS A C     1 
ATOM   1322 O  O     . LYS A 1 167 ? 8.184   -9.794  8.121   1.00 15.39 ? 167  LYS A O     1 
ATOM   1323 C  CB    . LYS A 1 167 ? 6.110   -7.211  8.516   1.00 16.00 ? 167  LYS A CB    1 
ATOM   1324 C  CG    . LYS A 1 167 ? 5.373   -6.628  9.712   1.00 18.40 ? 167  LYS A CG    1 
ATOM   1325 C  CD    . LYS A 1 167 ? 5.349   -7.631  10.859  1.00 22.44 ? 167  LYS A CD    1 
ATOM   1326 C  CE    . LYS A 1 167 ? 4.386   -7.226  11.958  1.00 28.41 ? 167  LYS A CE    1 
ATOM   1327 N  NZ    . LYS A 1 167 ? 4.771   -5.927  12.555  1.00 34.73 ? 167  LYS A NZ    1 
ATOM   1328 N  N     . MET A 1 168 ? 8.490   -8.152  6.614   1.00 13.17 ? 168  MET A N     1 
ATOM   1329 C  CA    . MET A 1 168 ? 9.027   -9.084  5.628   1.00 13.14 ? 168  MET A CA    1 
ATOM   1330 C  C     . MET A 1 168 ? 10.296  -9.754  6.144   1.00 15.18 ? 168  MET A C     1 
ATOM   1331 O  O     . MET A 1 168 ? 10.537  -10.936 5.880   1.00 15.75 ? 168  MET A O     1 
ATOM   1332 C  CB    . MET A 1 168 ? 9.329   -8.352  4.317   1.00 13.68 ? 168  MET A CB    1 
ATOM   1333 C  CG    . MET A 1 168 ? 8.120   -7.769  3.581   1.00 14.83 ? 168  MET A CG    1 
ATOM   1334 S  SD    . MET A 1 168 ? 6.841   -8.975  3.127   1.00 16.06 ? 168  MET A SD    1 
ATOM   1335 C  CE    . MET A 1 168 ? 5.715   -8.787  4.501   1.00 15.90 ? 168  MET A CE    1 
ATOM   1336 N  N     . SER A 1 169 ? 11.111  -9.016  6.900   1.00 17.00 ? 169  SER A N     1 
ATOM   1337 C  CA    . SER A 1 169 ? 12.374  -9.562  7.381   1.00 15.59 ? 169  SER A CA    1 
ATOM   1338 C  C     . SER A 1 169 ? 12.193  -10.658 8.414   1.00 17.46 ? 169  SER A C     1 
ATOM   1339 O  O     . SER A 1 169 ? 13.179  -11.336 8.732   1.00 18.02 ? 169  SER A O     1 
ATOM   1340 C  CB    . SER A 1 169 ? 13.234  -8.465  8.002   1.00 16.42 ? 169  SER A CB    1 
ATOM   1341 O  OG    . SER A 1 169 ? 12.753  -8.097  9.283   1.00 17.54 ? 169  SER A OG    1 
ATOM   1342 N  N     . GLU A 1 170 ? 10.989  -10.815 8.963   1.00 16.64 ? 170  GLU A N     1 
ATOM   1343 C  CA    . GLU A 1 170 ? 10.705  -11.859 9.934   1.00 18.40 ? 170  GLU A CA    1 
ATOM   1344 C  C     . GLU A 1 170 ? 10.241  -13.159 9.293   1.00 19.99 ? 170  GLU A C     1 
ATOM   1345 O  O     . GLU A 1 170 ? 10.149  -14.173 9.994   1.00 23.10 ? 170  GLU A O     1 
ATOM   1346 C  CB    . GLU A 1 170 ? 9.694   -11.345 10.970  1.00 20.78 ? 170  GLU A CB    1 
ATOM   1347 C  CG    . GLU A 1 170 ? 10.261  -10.200 11.804  1.00 27.21 ? 170  GLU A CG    1 
ATOM   1348 C  CD    . GLU A 1 170 ? 9.215   -9.433  12.592  1.00 32.10 ? 170  GLU A CD    1 
ATOM   1349 O  OE1   . GLU A 1 170 ? 8.008   -9.632  12.354  1.00 33.20 ? 170  GLU A OE1   1 
ATOM   1350 O  OE2   . GLU A 1 170 ? 9.614   -8.612  13.451  1.00 41.62 ? 170  GLU A OE2   1 
ATOM   1351 N  N     . ILE A 1 171 ? 9.984   -13.168 7.985   1.00 19.76 ? 171  ILE A N     1 
ATOM   1352 C  CA    . ILE A 1 171 ? 9.485   -14.371 7.324   1.00 18.86 ? 171  ILE A CA    1 
ATOM   1353 C  C     . ILE A 1 171 ? 10.604  -15.398 7.241   1.00 22.35 ? 171  ILE A C     1 
ATOM   1354 O  O     . ILE A 1 171 ? 11.717  -15.087 6.796   1.00 22.30 ? 171  ILE A O     1 
ATOM   1355 C  CB    . ILE A 1 171 ? 8.947   -14.030 5.925   1.00 20.43 ? 171  ILE A CB    1 
ATOM   1356 C  CG1   . ILE A 1 171 ? 7.753   -13.078 6.014   1.00 16.88 ? 171  ILE A CG1   1 
ATOM   1357 C  CG2   . ILE A 1 171 ? 8.587   -15.303 5.144   1.00 21.01 ? 171  ILE A CG2   1 
ATOM   1358 C  CD1   . ILE A 1 171 ? 7.281   -12.581 4.666   1.00 17.38 ? 171  ILE A CD1   1 
ATOM   1359 N  N     . LYS A 1 172 ? 10.314  -16.626 7.676   1.00 28.35 ? 172  LYS A N     1 
ATOM   1360 C  CA    . LYS A 1 172 ? 11.262  -17.733 7.549   1.00 30.73 ? 172  LYS A CA    1 
ATOM   1361 C  C     . LYS A 1 172 ? 10.993  -18.516 6.268   1.00 33.03 ? 172  LYS A C     1 
ATOM   1362 O  O     . LYS A 1 172 ? 11.716  -18.377 5.282   1.00 42.98 ? 172  LYS A O     1 
ATOM   1363 C  CB    . LYS A 1 172 ? 11.170  -18.674 8.755   1.00 36.37 ? 172  LYS A CB    1 
ATOM   1364 C  CG    . LYS A 1 172 ? 11.644  -18.076 10.075  1.00 36.26 ? 172  LYS A CG    1 
ATOM   1365 C  CD    . LYS A 1 172 ? 13.158  -17.895 10.093  1.00 36.88 ? 172  LYS A CD    1 
ATOM   1366 C  CE    . LYS A 1 172 ? 13.661  -17.508 11.482  1.00 35.63 ? 172  LYS A CE    1 
ATOM   1367 N  NZ    . LYS A 1 172 ? 12.917  -18.226 12.561  1.00 33.63 ? 172  LYS A NZ    1 
HETATM 1368 P  PB    . GDP B 2 .   ? -3.362  6.316   -7.597  1.00 13.66 ? 1200 GDP A PB    1 
HETATM 1369 O  O1B   . GDP B 2 .   ? -3.846  5.747   -6.310  1.00 12.84 ? 1200 GDP A O1B   1 
HETATM 1370 O  O2B   . GDP B 2 .   ? -2.102  5.684   -8.163  1.00 13.68 ? 1200 GDP A O2B   1 
HETATM 1371 O  O3B   . GDP B 2 .   ? -4.484  6.386   -8.611  1.00 14.93 ? 1200 GDP A O3B   1 
HETATM 1372 O  O3A   . GDP B 2 .   ? -3.012  7.852   -7.202  1.00 13.51 ? 1200 GDP A O3A   1 
HETATM 1373 P  PA    . GDP B 2 .   ? -1.861  8.806   -7.769  1.00 14.98 ? 1200 GDP A PA    1 
HETATM 1374 O  O1A   . GDP B 2 .   ? -0.542  8.474   -7.128  1.00 14.93 ? 1200 GDP A O1A   1 
HETATM 1375 O  O2A   . GDP B 2 .   ? -1.842  8.776   -9.270  1.00 16.79 ? 1200 GDP A O2A   1 
HETATM 1376 O  "O5'" . GDP B 2 .   ? -2.322  10.232  -7.199  1.00 15.11 ? 1200 GDP A "O5'" 1 
HETATM 1377 C  "C5'" . GDP B 2 .   ? -3.516  10.845  -7.697  1.00 16.62 ? 1200 GDP A "C5'" 1 
HETATM 1378 C  "C4'" . GDP B 2 .   ? -3.356  12.344  -7.457  1.00 16.75 ? 1200 GDP A "C4'" 1 
HETATM 1379 O  "O4'" . GDP B 2 .   ? -3.323  12.605  -6.046  1.00 16.53 ? 1200 GDP A "O4'" 1 
HETATM 1380 C  "C3'" . GDP B 2 .   ? -2.058  12.891  -8.026  1.00 18.42 ? 1200 GDP A "C3'" 1 
HETATM 1381 O  "O3'" . GDP B 2 .   ? -2.328  14.226  -8.478  1.00 21.98 ? 1200 GDP A "O3'" 1 
HETATM 1382 C  "C2'" . GDP B 2 .   ? -1.137  12.942  -6.832  1.00 17.28 ? 1200 GDP A "C2'" 1 
HETATM 1383 O  "O2'" . GDP B 2 .   ? -0.053  13.880  -6.935  1.00 18.70 ? 1200 GDP A "O2'" 1 
HETATM 1384 C  "C1'" . GDP B 2 .   ? -2.125  13.287  -5.729  1.00 15.82 ? 1200 GDP A "C1'" 1 
HETATM 1385 N  N9    . GDP B 2 .   ? -1.581  12.796  -4.454  1.00 15.46 ? 1200 GDP A N9    1 
HETATM 1386 C  C8    . GDP B 2 .   ? -0.926  11.623  -4.224  1.00 16.10 ? 1200 GDP A C8    1 
HETATM 1387 N  N7    . GDP B 2 .   ? -0.582  11.522  -2.922  1.00 16.16 ? 1200 GDP A N7    1 
HETATM 1388 C  C5    . GDP B 2 .   ? -0.989  12.663  -2.306  1.00 16.42 ? 1200 GDP A C5    1 
HETATM 1389 C  C6    . GDP B 2 .   ? -0.932  13.203  -0.932  1.00 15.29 ? 1200 GDP A C6    1 
HETATM 1390 O  O6    . GDP B 2 .   ? -0.387  12.582  0.003   1.00 17.89 ? 1200 GDP A O6    1 
HETATM 1391 N  N1    . GDP B 2 .   ? -1.493  14.407  -0.732  1.00 14.81 ? 1200 GDP A N1    1 
HETATM 1392 C  C2    . GDP B 2 .   ? -2.103  15.099  -1.714  1.00 18.22 ? 1200 GDP A C2    1 
HETATM 1393 N  N2    . GDP B 2 .   ? -2.645  16.311  -1.431  1.00 17.41 ? 1200 GDP A N2    1 
HETATM 1394 N  N3    . GDP B 2 .   ? -2.193  14.670  -2.985  1.00 14.46 ? 1200 GDP A N3    1 
HETATM 1395 C  C4    . GDP B 2 .   ? -1.664  13.465  -3.318  1.00 16.44 ? 1200 GDP A C4    1 
HETATM 1396 MG MG    . MG  C 3 .   ? -1.617  4.738   -9.861  1.00 13.62 ? 1201 MG  A MG    1 
HETATM 1397 O  O     . HOH D 4 .   ? 6.507   -11.063 11.979  1.00 30.75 ? 1301 HOH A O     1 
HETATM 1398 O  O     . HOH D 4 .   ? 1.783   -7.244  -19.799 1.00 20.51 ? 1302 HOH A O     1 
HETATM 1399 O  O     . HOH D 4 .   ? -11.528 -10.979 -7.344  1.00 22.89 ? 1303 HOH A O     1 
HETATM 1400 O  O     . HOH D 4 .   ? -11.311 -9.978  5.052   1.00 28.81 ? 1304 HOH A O     1 
HETATM 1401 O  O     . HOH D 4 .   ? 4.236   3.330   -9.583  1.00 21.83 ? 1305 HOH A O     1 
HETATM 1402 O  O     . HOH D 4 .   ? -1.344  19.937  0.504   1.00 20.86 ? 1306 HOH A O     1 
HETATM 1403 O  O     . HOH D 4 .   ? -8.102  13.918  -2.828  1.00 29.42 ? 1307 HOH A O     1 
HETATM 1404 O  O     . HOH D 4 .   ? -4.041  -12.444 1.700   1.00 27.32 ? 1308 HOH A O     1 
HETATM 1405 O  O     . HOH D 4 .   ? -1.628  2.880   -9.020  1.00 13.46 ? 1309 HOH A O     1 
HETATM 1406 O  O     . HOH D 4 .   ? 0.137   9.982   -10.533 1.00 25.92 ? 1310 HOH A O     1 
HETATM 1407 O  O     . HOH D 4 .   ? -16.137 -2.086  0.810   1.00 28.98 ? 1311 HOH A O     1 
HETATM 1408 O  O     . HOH D 4 .   ? -3.659  4.559   -10.372 1.00 16.12 ? 1312 HOH A O     1 
HETATM 1409 O  O     . HOH D 4 .   ? -17.744 2.712   -2.153  1.00 30.25 ? 1313 HOH A O     1 
HETATM 1410 O  O     . HOH D 4 .   ? -14.122 5.043   -4.431  1.00 35.42 ? 1314 HOH A O     1 
HETATM 1411 O  O     . HOH D 4 .   ? 7.161   12.760  -3.832  1.00 28.82 ? 1315 HOH A O     1 
HETATM 1412 O  O     . HOH D 4 .   ? -3.425  18.428  7.755   1.00 33.81 ? 1316 HOH A O     1 
HETATM 1413 O  O     . HOH D 4 .   ? 3.719   8.871   -13.333 1.00 29.25 ? 1317 HOH A O     1 
HETATM 1414 O  O     . HOH D 4 .   ? -1.522  6.581   -10.789 1.00 17.20 ? 1318 HOH A O     1 
HETATM 1415 O  O     . HOH D 4 .   ? 1.402   -13.011 9.372   1.00 30.62 ? 1319 HOH A O     1 
HETATM 1416 O  O     . HOH D 4 .   ? 13.401  -7.515  -10.462 1.00 26.74 ? 1320 HOH A O     1 
HETATM 1417 O  O     . HOH D 4 .   ? 12.563  -12.700 5.577   1.00 20.14 ? 1321 HOH A O     1 
HETATM 1418 O  O     . HOH D 4 .   ? 2.655   8.869   10.122  1.00 28.51 ? 1322 HOH A O     1 
HETATM 1419 O  O     . HOH D 4 .   ? -6.573  -1.426  -6.108  1.00 22.48 ? 1323 HOH A O     1 
HETATM 1420 O  O     . HOH D 4 .   ? 0.189   20.605  4.239   1.00 31.11 ? 1324 HOH A O     1 
HETATM 1421 O  O     . HOH D 4 .   ? -16.335 -7.632  0.150   1.00 30.84 ? 1325 HOH A O     1 
HETATM 1422 O  O     . HOH D 4 .   ? -15.318 -4.310  9.090   1.00 33.99 ? 1326 HOH A O     1 
HETATM 1423 O  O     . HOH D 4 .   ? -4.926  8.291   -10.546 1.00 25.45 ? 1327 HOH A O     1 
HETATM 1424 O  O     . HOH D 4 .   ? 7.781   -17.101 8.643   1.00 31.32 ? 1328 HOH A O     1 
HETATM 1425 O  O     . HOH D 4 .   ? 14.206  -6.359  10.850  1.00 20.25 ? 1329 HOH A O     1 
HETATM 1426 O  O     . HOH D 4 .   ? -4.780  0.001   -17.306 1.00 34.29 ? 1330 HOH A O     1 
HETATM 1427 O  O     . HOH D 4 .   ? 14.337  0.699   -7.468  1.00 30.37 ? 1331 HOH A O     1 
HETATM 1428 O  O     . HOH D 4 .   ? 15.992  -12.467 2.279   1.00 25.31 ? 1332 HOH A O     1 
HETATM 1429 O  O     . HOH D 4 .   ? 15.090  10.320  -8.401  1.00 28.02 ? 1333 HOH A O     1 
HETATM 1430 O  O     . HOH D 4 .   ? 5.269   -2.868  -14.389 1.00 19.11 ? 1334 HOH A O     1 
HETATM 1431 O  O     . HOH D 4 .   ? 3.994   4.768   -11.773 1.00 26.43 ? 1335 HOH A O     1 
HETATM 1432 O  O     . HOH D 4 .   ? 8.496   -11.861 -5.841  1.00 24.89 ? 1336 HOH A O     1 
HETATM 1433 O  O     . HOH D 4 .   ? 3.638   6.309   7.898   1.00 22.42 ? 1337 HOH A O     1 
HETATM 1434 O  O     . HOH D 4 .   ? -13.100 7.120   -4.282  1.00 31.43 ? 1338 HOH A O     1 
HETATM 1435 O  O     . HOH D 4 .   ? -1.078  3.919   -11.644 1.00 17.02 ? 1339 HOH A O     1 
HETATM 1436 O  O     . HOH D 4 .   ? -16.842 -0.767  -1.573  1.00 30.34 ? 1340 HOH A O     1 
HETATM 1437 O  O     . HOH D 4 .   ? 6.400   15.071  -11.662 1.00 33.98 ? 1341 HOH A O     1 
HETATM 1438 O  O     . HOH D 4 .   ? 1.410   -5.030  -13.202 1.00 22.86 ? 1342 HOH A O     1 
HETATM 1439 O  O     . HOH D 4 .   ? 19.172  -0.441  6.988   1.00 27.44 ? 1343 HOH A O     1 
HETATM 1440 O  O     . HOH D 4 .   ? -9.111  2.684   -1.261  1.00 15.92 ? 1344 HOH A O     1 
HETATM 1441 O  O     . HOH D 4 .   ? -6.875  -15.675 2.542   1.00 29.96 ? 1345 HOH A O     1 
HETATM 1442 O  O     . HOH D 4 .   ? -13.885 -0.037  4.857   1.00 28.24 ? 1346 HOH A O     1 
HETATM 1443 O  O     . HOH D 4 .   ? -10.723 -5.851  -8.117  1.00 31.26 ? 1347 HOH A O     1 
HETATM 1444 O  O     . HOH D 4 .   ? -9.286  -11.277 -8.950  1.00 25.23 ? 1348 HOH A O     1 
HETATM 1445 O  O     . HOH D 4 .   ? 3.325   -3.146  -11.260 1.00 15.70 ? 1349 HOH A O     1 
HETATM 1446 O  O     . HOH D 4 .   ? -4.699  -6.266  -12.638 1.00 18.86 ? 1350 HOH A O     1 
HETATM 1447 O  O     . HOH D 4 .   ? -4.924  -12.341 5.699   1.00 27.26 ? 1351 HOH A O     1 
HETATM 1448 O  O     . HOH D 4 .   ? 17.527  0.555   0.197   1.00 23.24 ? 1352 HOH A O     1 
HETATM 1449 O  O     . HOH D 4 .   ? -9.035  9.905   -3.750  1.00 28.61 ? 1353 HOH A O     1 
HETATM 1450 O  O     . HOH D 4 .   ? -0.483  -3.176  -12.939 1.00 24.41 ? 1354 HOH A O     1 
HETATM 1451 O  O     . HOH D 4 .   ? -14.272 -7.907  -1.966  1.00 24.71 ? 1355 HOH A O     1 
HETATM 1452 O  O     . HOH D 4 .   ? -2.194  -9.637  -14.451 1.00 18.57 ? 1356 HOH A O     1 
HETATM 1453 O  O     . HOH D 4 .   ? 5.497   11.052  -5.408  1.00 24.76 ? 1357 HOH A O     1 
HETATM 1454 O  O     . HOH D 4 .   ? 6.830   -3.564  11.404  1.00 30.28 ? 1358 HOH A O     1 
HETATM 1455 O  O     . HOH D 4 .   ? -7.690  -18.319 -7.181  1.00 24.06 ? 1359 HOH A O     1 
HETATM 1456 O  O     . HOH D 4 .   ? 15.626  -11.206 -1.314  1.00 21.04 ? 1360 HOH A O     1 
HETATM 1457 O  O     . HOH D 4 .   ? 22.884  -10.638 0.461   1.00 24.33 ? 1361 HOH A O     1 
HETATM 1458 O  O     . HOH D 4 .   ? 7.150   -13.040 -3.174  1.00 24.97 ? 1362 HOH A O     1 
HETATM 1459 O  O     . HOH D 4 .   ? -4.823  14.954  -4.203  1.00 19.04 ? 1363 HOH A O     1 
HETATM 1460 O  O     . HOH D 4 .   ? 15.299  -0.802  5.351   1.00 28.31 ? 1364 HOH A O     1 
HETATM 1461 O  O     . HOH D 4 .   ? 3.896   12.875  -4.744  1.00 27.61 ? 1365 HOH A O     1 
HETATM 1462 O  O     . HOH D 4 .   ? 2.824   13.335  -6.704  1.00 27.79 ? 1366 HOH A O     1 
HETATM 1463 O  O     . HOH D 4 .   ? 16.398  7.191   -6.144  1.00 33.54 ? 1367 HOH A O     1 
HETATM 1464 O  O     . HOH D 4 .   ? -11.312 2.473   -7.692  1.00 26.98 ? 1368 HOH A O     1 
HETATM 1465 O  O     . HOH D 4 .   ? 18.097  -0.358  3.014   1.00 20.89 ? 1369 HOH A O     1 
HETATM 1466 O  O     . HOH D 4 .   ? 3.716   -12.730 -9.278  1.00 29.21 ? 1370 HOH A O     1 
HETATM 1467 O  O     . HOH D 4 .   ? 2.953   14.269  9.812   1.00 38.29 ? 1371 HOH A O     1 
HETATM 1468 O  O     . HOH D 4 .   ? -1.470  -8.198  8.673   1.00 25.77 ? 1372 HOH A O     1 
HETATM 1469 O  O     . HOH D 4 .   ? 1.146   6.628   11.368  1.00 29.40 ? 1373 HOH A O     1 
HETATM 1470 O  O     . HOH D 4 .   ? 10.372  8.617   1.293   1.00 23.48 ? 1374 HOH A O     1 
HETATM 1471 O  O     . HOH D 4 .   ? 12.084  2.493   5.161   1.00 27.72 ? 1375 HOH A O     1 
HETATM 1472 O  O     . HOH D 4 .   ? -11.777 -9.530  7.740   1.00 31.78 ? 1376 HOH A O     1 
HETATM 1473 O  O     . HOH D 4 .   ? 11.484  15.889  2.983   1.00 36.21 ? 1377 HOH A O     1 
HETATM 1474 O  O     . HOH D 4 .   ? -4.728  15.456  -7.185  1.00 26.33 ? 1378 HOH A O     1 
HETATM 1475 O  O     . HOH D 4 .   ? 7.181   -10.268 -8.028  1.00 21.80 ? 1379 HOH A O     1 
HETATM 1476 O  O     . HOH D 4 .   ? -0.950  -16.669 -3.253  1.00 24.91 ? 1380 HOH A O     1 
HETATM 1477 O  O     . HOH D 4 .   ? 4.123   -8.313  -18.579 1.00 30.81 ? 1381 HOH A O     1 
HETATM 1478 O  O     . HOH D 4 .   ? 15.393  -11.032 13.563  1.00 26.58 ? 1382 HOH A O     1 
HETATM 1479 O  O     . HOH D 4 .   ? 3.263   4.399   12.555  1.00 33.59 ? 1383 HOH A O     1 
HETATM 1480 O  O     . HOH D 4 .   ? -6.964  -12.942 8.838   1.00 38.75 ? 1384 HOH A O     1 
HETATM 1481 O  O     . HOH D 4 .   ? 8.434   14.278  6.311   1.00 32.73 ? 1385 HOH A O     1 
HETATM 1482 O  O     . HOH D 4 .   ? -1.572  -7.149  -13.671 1.00 19.96 ? 1386 HOH A O     1 
HETATM 1483 O  O     . HOH D 4 .   ? 2.330   -12.248 -14.118 1.00 31.12 ? 1387 HOH A O     1 
HETATM 1484 O  O     . HOH D 4 .   ? 1.505   5.611   -12.278 1.00 23.86 ? 1388 HOH A O     1 
HETATM 1485 O  O     . HOH D 4 .   ? -10.259 -10.938 9.292   1.00 35.00 ? 1389 HOH A O     1 
HETATM 1486 O  O     . HOH D 4 .   ? -1.417  -6.887  11.250  1.00 34.44 ? 1390 HOH A O     1 
HETATM 1487 O  O     . HOH D 4 .   ? -1.505  4.474   -14.212 1.00 29.98 ? 1391 HOH A O     1 
HETATM 1488 O  O     . HOH D 4 .   ? 9.023   -9.546  -9.675  1.00 32.06 ? 1392 HOH A O     1 
HETATM 1489 O  O     . HOH D 4 .   ? 13.812  0.874   -9.667  1.00 28.81 ? 1393 HOH A O     1 
HETATM 1490 O  O     . HOH D 4 .   ? -11.560 -12.661 4.268   1.00 29.35 ? 1394 HOH A O     1 
HETATM 1491 O  O     . HOH D 4 .   ? 17.972  -13.810 3.500   1.00 25.29 ? 1395 HOH A O     1 
HETATM 1492 O  O     . HOH D 4 .   ? 2.075   8.078   -11.556 1.00 29.61 ? 1396 HOH A O     1 
HETATM 1493 O  O     . HOH D 4 .   ? 14.356  -8.961  14.600  1.00 36.49 ? 1397 HOH A O     1 
HETATM 1494 O  O     . HOH D 4 .   ? -2.409  12.526  11.496  1.00 37.11 ? 1398 HOH A O     1 
# 
loop_
_pdbx_poly_seq_scheme.asym_id 
_pdbx_poly_seq_scheme.entity_id 
_pdbx_poly_seq_scheme.seq_id 
_pdbx_poly_seq_scheme.mon_id 
_pdbx_poly_seq_scheme.ndb_seq_num 
_pdbx_poly_seq_scheme.pdb_seq_num 
_pdbx_poly_seq_scheme.auth_seq_num 
_pdbx_poly_seq_scheme.pdb_mon_id 
_pdbx_poly_seq_scheme.auth_mon_id 
_pdbx_poly_seq_scheme.pdb_strand_id 
_pdbx_poly_seq_scheme.pdb_ins_code 
_pdbx_poly_seq_scheme.hetero 
A 1 1   MET 1   1   ?   ?   ?   A . n 
A 1 2   GLU 2   2   ?   ?   ?   A . n 
A 1 3   ASN 3   3   ?   ?   ?   A . n 
A 1 4   ASN 4   4   ?   ?   ?   A . n 
A 1 5   GLY 5   5   5   GLY GLY A . n 
A 1 6   TYR 6   6   6   TYR TYR A . n 
A 1 7   LYS 7   7   7   LYS LYS A . n 
A 1 8   ILE 8   8   8   ILE ILE A . n 
A 1 9   ILE 9   9   9   ILE ILE A . n 
A 1 10  LEU 10  10  10  LEU LEU A . n 
A 1 11  ILE 11  11  11  ILE ILE A . n 
A 1 12  GLY 12  12  12  GLY GLY A . n 
A 1 13  SER 13  13  13  SER SER A . n 
A 1 14  SER 14  14  14  SER SER A . n 
A 1 15  GLY 15  15  15  GLY GLY A . n 
A 1 16  VAL 16  16  16  VAL VAL A . n 
A 1 17  GLY 17  17  17  GLY GLY A . n 
A 1 18  LYS 18  18  18  LYS LYS A . n 
A 1 19  SER 19  19  19  SER SER A . n 
A 1 20  SER 20  20  20  SER SER A . n 
A 1 21  ILE 21  21  21  ILE ILE A . n 
A 1 22  VAL 22  22  22  VAL VAL A . n 
A 1 23  HIS 23  23  23  HIS HIS A . n 
A 1 24  GLN 24  24  24  GLN GLN A . n 
A 1 25  PHE 25  25  25  PHE PHE A . n 
A 1 26  LEU 26  26  26  LEU LEU A . n 
A 1 27  PHE 27  27  27  PHE PHE A . n 
A 1 28  ASN 28  28  28  ASN ASN A . n 
A 1 29  ARG 29  29  29  ARG ARG A . n 
A 1 30  LYS 30  30  30  LYS LYS A . n 
A 1 31  ILE 31  31  31  ILE ILE A . n 
A 1 32  SER 32  32  32  SER SER A . n 
A 1 33  ASN 33  33  33  ASN ASN A . n 
A 1 34  VAL 34  34  34  VAL VAL A . n 
A 1 35  SER 35  35  35  SER SER A . n 
A 1 36  PRO 36  36  36  PRO PRO A . n 
A 1 37  THR 37  37  37  THR THR A . n 
A 1 38  ILE 38  38  38  ILE ILE A . n 
A 1 39  GLY 39  39  39  GLY GLY A . n 
A 1 40  ALA 40  40  40  ALA ALA A . n 
A 1 41  ALA 41  41  41  ALA ALA A . n 
A 1 42  PHE 42  42  42  PHE PHE A . n 
A 1 43  ALA 43  43  43  ALA ALA A . n 
A 1 44  SER 44  44  44  SER SER A . n 
A 1 45  LYS 45  45  45  LYS LYS A . n 
A 1 46  GLN 46  46  46  GLN GLN A . n 
A 1 47  VAL 47  47  47  VAL VAL A . n 
A 1 48  ILE 48  48  48  ILE ILE A . n 
A 1 49  ALA 49  49  49  ALA ALA A . n 
A 1 50  LYS 50  50  50  LYS LYS A . n 
A 1 51  ASN 51  51  51  ASN ASN A . n 
A 1 52  GLY 52  52  52  GLY GLY A . n 
A 1 53  LYS 53  53  53  LYS LYS A . n 
A 1 54  THR 54  54  54  THR THR A . n 
A 1 55  LEU 55  55  55  LEU LEU A . n 
A 1 56  LYS 56  56  56  LYS LYS A . n 
A 1 57  LEU 57  57  57  LEU LEU A . n 
A 1 58  ASN 58  58  58  ASN ASN A . n 
A 1 59  ILE 59  59  59  ILE ILE A . n 
A 1 60  TRP 60  60  60  TRP TRP A . n 
A 1 61  ASP 61  61  61  ASP ASP A . n 
A 1 62  THR 62  62  62  THR THR A . n 
A 1 63  ALA 63  63  63  ALA ALA A . n 
A 1 64  GLY 64  64  64  GLY GLY A . n 
A 1 65  GLN 65  65  65  GLN GLN A . n 
A 1 66  GLU 66  66  66  GLU GLU A . n 
A 1 67  ARG 67  67  67  ARG ARG A . n 
A 1 68  PHE 68  68  68  PHE PHE A . n 
A 1 69  ARG 69  69  69  ARG ARG A . n 
A 1 70  SER 70  70  70  SER SER A . n 
A 1 71  ILE 71  71  71  ILE ILE A . n 
A 1 72  THR 72  72  72  THR THR A . n 
A 1 73  LYS 73  73  73  LYS LYS A . n 
A 1 74  MET 74  74  74  MET MET A . n 
A 1 75  TYR 75  75  75  TYR TYR A . n 
A 1 76  TYR 76  76  76  TYR TYR A . n 
A 1 77  THR 77  77  77  THR THR A . n 
A 1 78  ASN 78  78  78  ASN ASN A . n 
A 1 79  SER 79  79  79  SER SER A . n 
A 1 80  LEU 80  80  80  LEU LEU A . n 
A 1 81  GLY 81  81  81  GLY GLY A . n 
A 1 82  CYS 82  82  82  CYS CYS A . n 
A 1 83  LEU 83  83  83  LEU LEU A . n 
A 1 84  VAL 84  84  84  VAL VAL A . n 
A 1 85  VAL 85  85  85  VAL VAL A . n 
A 1 86  PHE 86  86  86  PHE PHE A . n 
A 1 87  ASP 87  87  87  ASP ASP A . n 
A 1 88  VAL 88  88  88  VAL VAL A . n 
A 1 89  THR 89  89  89  THR THR A . n 
A 1 90  ASP 90  90  90  ASP ASP A . n 
A 1 91  ARG 91  91  91  ARG ARG A . n 
A 1 92  GLU 92  92  92  GLU GLU A . n 
A 1 93  SER 93  93  93  SER SER A . n 
A 1 94  PHE 94  94  94  PHE PHE A . n 
A 1 95  ASP 95  95  95  ASP ASP A . n 
A 1 96  ASP 96  96  96  ASP ASP A . n 
A 1 97  VAL 97  97  97  VAL VAL A . n 
A 1 98  TYR 98  98  98  TYR TYR A . n 
A 1 99  TYR 99  99  99  TYR TYR A . n 
A 1 100 TRP 100 100 100 TRP TRP A . n 
A 1 101 ILE 101 101 101 ILE ILE A . n 
A 1 102 ASN 102 102 102 ASN ASN A . n 
A 1 103 ASP 103 103 103 ASP ASP A . n 
A 1 104 LEU 104 104 104 LEU LEU A . n 
A 1 105 ARG 105 105 105 ARG ARG A . n 
A 1 106 ILE 106 106 106 ILE ILE A . n 
A 1 107 ASN 107 107 107 ASN ASN A . n 
A 1 108 CYS 108 108 108 CYS CYS A . n 
A 1 109 HIS 109 109 109 HIS HIS A . n 
A 1 110 THR 110 110 110 THR THR A . n 
A 1 111 THR 111 111 111 THR THR A . n 
A 1 112 TYR 112 112 112 TYR TYR A . n 
A 1 113 TYR 113 113 113 TYR TYR A . n 
A 1 114 ILE 114 114 114 ILE ILE A . n 
A 1 115 LEU 115 115 115 LEU LEU A . n 
A 1 116 VAL 116 116 116 VAL VAL A . n 
A 1 117 VAL 117 117 117 VAL VAL A . n 
A 1 118 ALA 118 118 118 ALA ALA A . n 
A 1 119 ASN 119 119 119 ASN ASN A . n 
A 1 120 LYS 120 120 120 LYS LYS A . n 
A 1 121 ILE 121 121 121 ILE ILE A . n 
A 1 122 ASP 122 122 122 ASP ASP A . n 
A 1 123 ILE 123 123 123 ILE ILE A . n 
A 1 124 ASP 124 124 124 ASP ASP A . n 
A 1 125 LYS 125 125 125 LYS LYS A . n 
A 1 126 ASN 126 126 126 ASN ASN A . n 
A 1 127 ASN 127 127 127 ASN ASN A . n 
A 1 128 TRP 128 128 128 TRP TRP A . n 
A 1 129 ARG 129 129 129 ARG ARG A . n 
A 1 130 VAL 130 130 130 VAL VAL A . n 
A 1 131 SER 131 131 131 SER SER A . n 
A 1 132 GLU 132 132 132 GLU GLU A . n 
A 1 133 ASN 133 133 133 ASN ASN A . n 
A 1 134 GLU 134 134 134 GLU GLU A . n 
A 1 135 ILE 135 135 135 ILE ILE A . n 
A 1 136 LYS 136 136 136 LYS LYS A . n 
A 1 137 LYS 137 137 137 LYS LYS A . n 
A 1 138 PHE 138 138 138 PHE PHE A . n 
A 1 139 CYS 139 139 139 CYS CYS A . n 
A 1 140 ARG 140 140 140 ARG ARG A . n 
A 1 141 ASP 141 141 141 ASP ASP A . n 
A 1 142 ASN 142 142 142 ASN ASN A . n 
A 1 143 ASP 143 143 143 ASP ASP A . n 
A 1 144 CYS 144 144 144 CYS CYS A . n 
A 1 145 ASP 145 145 145 ASP ASP A . n 
A 1 146 TYR 146 146 146 TYR TYR A . n 
A 1 147 VAL 147 147 147 VAL VAL A . n 
A 1 148 PHE 148 148 148 PHE PHE A . n 
A 1 149 ALA 149 149 149 ALA ALA A . n 
A 1 150 SER 150 150 150 SER SER A . n 
A 1 151 SER 151 151 151 SER SER A . n 
A 1 152 PHE 152 152 152 PHE PHE A . n 
A 1 153 GLU 153 153 153 GLU GLU A . n 
A 1 154 SER 154 154 154 SER SER A . n 
A 1 155 ASP 155 155 155 ASP ASP A . n 
A 1 156 THR 156 156 156 THR THR A . n 
A 1 157 VAL 157 157 157 VAL VAL A . n 
A 1 158 ASN 158 158 158 ASN ASN A . n 
A 1 159 ASN 159 159 159 ASN ASN A . n 
A 1 160 LEU 160 160 160 LEU LEU A . n 
A 1 161 PHE 161 161 161 PHE PHE A . n 
A 1 162 GLY 162 162 162 GLY GLY A . n 
A 1 163 LYS 163 163 163 LYS LYS A . n 
A 1 164 MET 164 164 164 MET MET A . n 
A 1 165 ILE 165 165 165 ILE ILE A . n 
A 1 166 ASP 166 166 166 ASP ASP A . n 
A 1 167 LYS 167 167 167 LYS LYS A . n 
A 1 168 MET 168 168 168 MET MET A . n 
A 1 169 SER 169 169 169 SER SER A . n 
A 1 170 GLU 170 170 170 GLU GLU A . n 
A 1 171 ILE 171 171 171 ILE ILE A . n 
A 1 172 LYS 172 172 172 LYS LYS A . n 
A 1 173 ILE 173 173 ?   ?   ?   A . n 
A 1 174 ASN 174 174 ?   ?   ?   A . n 
A 1 175 PRO 175 175 ?   ?   ?   A . n 
A 1 176 ASP 176 176 ?   ?   ?   A . n 
# 
loop_
_pdbx_nonpoly_scheme.asym_id 
_pdbx_nonpoly_scheme.entity_id 
_pdbx_nonpoly_scheme.mon_id 
_pdbx_nonpoly_scheme.ndb_seq_num 
_pdbx_nonpoly_scheme.pdb_seq_num 
_pdbx_nonpoly_scheme.auth_seq_num 
_pdbx_nonpoly_scheme.pdb_mon_id 
_pdbx_nonpoly_scheme.auth_mon_id 
_pdbx_nonpoly_scheme.pdb_strand_id 
_pdbx_nonpoly_scheme.pdb_ins_code 
B 2 GDP 1  1200 1200 GDP GDP A . 
C 3 MG  1  1201 1201 MG  MG  A . 
D 4 HOH 1  1301 383  HOH HOH A . 
D 4 HOH 2  1302 387  HOH HOH A . 
D 4 HOH 3  1303 339  HOH HOH A . 
D 4 HOH 4  1304 378  HOH HOH A . 
D 4 HOH 5  1305 327  HOH HOH A . 
D 4 HOH 6  1306 310  HOH HOH A . 
D 4 HOH 7  1307 369  HOH HOH A . 
D 4 HOH 8  1308 391  HOH HOH A . 
D 4 HOH 9  1309 301  HOH HOH A . 
D 4 HOH 10 1310 324  HOH HOH A . 
D 4 HOH 11 1311 376  HOH HOH A . 
D 4 HOH 12 1312 304  HOH HOH A . 
D 4 HOH 13 1313 363  HOH HOH A . 
D 4 HOH 14 1314 314  HOH HOH A . 
D 4 HOH 15 1315 355  HOH HOH A . 
D 4 HOH 16 1316 375  HOH HOH A . 
D 4 HOH 17 1317 347  HOH HOH A . 
D 4 HOH 18 1318 302  HOH HOH A . 
D 4 HOH 19 1319 372  HOH HOH A . 
D 4 HOH 20 1320 336  HOH HOH A . 
D 4 HOH 21 1321 323  HOH HOH A . 
D 4 HOH 22 1322 358  HOH HOH A . 
D 4 HOH 23 1323 338  HOH HOH A . 
D 4 HOH 24 1324 370  HOH HOH A . 
D 4 HOH 25 1325 386  HOH HOH A . 
D 4 HOH 26 1326 394  HOH HOH A . 
D 4 HOH 27 1327 305  HOH HOH A . 
D 4 HOH 28 1328 379  HOH HOH A . 
D 4 HOH 29 1329 316  HOH HOH A . 
D 4 HOH 30 1330 374  HOH HOH A . 
D 4 HOH 31 1331 340  HOH HOH A . 
D 4 HOH 32 1332 360  HOH HOH A . 
D 4 HOH 33 1333 368  HOH HOH A . 
D 4 HOH 34 1334 318  HOH HOH A . 
D 4 HOH 35 1335 348  HOH HOH A . 
D 4 HOH 36 1336 333  HOH HOH A . 
D 4 HOH 37 1337 335  HOH HOH A . 
D 4 HOH 38 1338 357  HOH HOH A . 
D 4 HOH 39 1339 303  HOH HOH A . 
D 4 HOH 40 1340 373  HOH HOH A . 
D 4 HOH 41 1341 398  HOH HOH A . 
D 4 HOH 42 1342 351  HOH HOH A . 
D 4 HOH 43 1343 359  HOH HOH A . 
D 4 HOH 44 1344 307  HOH HOH A . 
D 4 HOH 45 1345 331  HOH HOH A . 
D 4 HOH 46 1346 344  HOH HOH A . 
D 4 HOH 47 1347 362  HOH HOH A . 
D 4 HOH 48 1348 390  HOH HOH A . 
D 4 HOH 49 1349 306  HOH HOH A . 
D 4 HOH 50 1350 309  HOH HOH A . 
D 4 HOH 51 1351 361  HOH HOH A . 
D 4 HOH 52 1352 330  HOH HOH A . 
D 4 HOH 53 1353 326  HOH HOH A . 
D 4 HOH 54 1354 315  HOH HOH A . 
D 4 HOH 55 1355 366  HOH HOH A . 
D 4 HOH 56 1356 313  HOH HOH A . 
D 4 HOH 57 1357 321  HOH HOH A . 
D 4 HOH 58 1358 342  HOH HOH A . 
D 4 HOH 59 1359 365  HOH HOH A . 
D 4 HOH 60 1360 311  HOH HOH A . 
D 4 HOH 61 1361 350  HOH HOH A . 
D 4 HOH 62 1362 312  HOH HOH A . 
D 4 HOH 63 1363 317  HOH HOH A . 
D 4 HOH 64 1364 354  HOH HOH A . 
D 4 HOH 65 1365 377  HOH HOH A . 
D 4 HOH 66 1366 352  HOH HOH A . 
D 4 HOH 67 1367 371  HOH HOH A . 
D 4 HOH 68 1368 346  HOH HOH A . 
D 4 HOH 69 1369 320  HOH HOH A . 
D 4 HOH 70 1370 332  HOH HOH A . 
D 4 HOH 71 1371 392  HOH HOH A . 
D 4 HOH 72 1372 319  HOH HOH A . 
D 4 HOH 73 1373 356  HOH HOH A . 
D 4 HOH 74 1374 329  HOH HOH A . 
D 4 HOH 75 1375 353  HOH HOH A . 
D 4 HOH 76 1376 334  HOH HOH A . 
D 4 HOH 77 1377 385  HOH HOH A . 
D 4 HOH 78 1378 341  HOH HOH A . 
D 4 HOH 79 1379 328  HOH HOH A . 
D 4 HOH 80 1380 325  HOH HOH A . 
D 4 HOH 81 1381 349  HOH HOH A . 
D 4 HOH 82 1382 337  HOH HOH A . 
D 4 HOH 83 1383 397  HOH HOH A . 
D 4 HOH 84 1384 395  HOH HOH A . 
D 4 HOH 85 1385 367  HOH HOH A . 
D 4 HOH 86 1386 308  HOH HOH A . 
D 4 HOH 87 1387 380  HOH HOH A . 
D 4 HOH 88 1388 345  HOH HOH A . 
D 4 HOH 89 1389 396  HOH HOH A . 
D 4 HOH 90 1390 384  HOH HOH A . 
D 4 HOH 91 1391 389  HOH HOH A . 
D 4 HOH 92 1392 381  HOH HOH A . 
D 4 HOH 93 1393 382  HOH HOH A . 
D 4 HOH 94 1394 364  HOH HOH A . 
D 4 HOH 95 1395 322  HOH HOH A . 
D 4 HOH 96 1396 343  HOH HOH A . 
D 4 HOH 97 1397 388  HOH HOH A . 
D 4 HOH 98 1398 393  HOH HOH A . 
# 
_pdbx_struct_assembly.id                   1 
_pdbx_struct_assembly.details              author_and_software_defined_assembly 
_pdbx_struct_assembly.method_details       PISA 
_pdbx_struct_assembly.oligomeric_details   monomeric 
_pdbx_struct_assembly.oligomeric_count     1 
# 
_pdbx_struct_assembly_gen.assembly_id       1 
_pdbx_struct_assembly_gen.oper_expression   1 
_pdbx_struct_assembly_gen.asym_id_list      A,B,C,D 
# 
loop_
_pdbx_struct_assembly_prop.biol_id 
_pdbx_struct_assembly_prop.type 
_pdbx_struct_assembly_prop.value 
_pdbx_struct_assembly_prop.details 
1 'ABSA (A^2)' 800  ? 
1 MORE         -16  ? 
1 'SSA (A^2)'  8400 ? 
# 
_pdbx_struct_oper_list.id                   1 
_pdbx_struct_oper_list.type                 'identity operation' 
_pdbx_struct_oper_list.name                 1_555 
_pdbx_struct_oper_list.symmetry_operation   x,y,z 
_pdbx_struct_oper_list.matrix[1][1]         1.0000000000 
_pdbx_struct_oper_list.matrix[1][2]         0.0000000000 
_pdbx_struct_oper_list.matrix[1][3]         0.0000000000 
_pdbx_struct_oper_list.vector[1]            0.0000000000 
_pdbx_struct_oper_list.matrix[2][1]         0.0000000000 
_pdbx_struct_oper_list.matrix[2][2]         1.0000000000 
_pdbx_struct_oper_list.matrix[2][3]         0.0000000000 
_pdbx_struct_oper_list.vector[2]            0.0000000000 
_pdbx_struct_oper_list.matrix[3][1]         0.0000000000 
_pdbx_struct_oper_list.matrix[3][2]         0.0000000000 
_pdbx_struct_oper_list.matrix[3][3]         1.0000000000 
_pdbx_struct_oper_list.vector[3]            0.0000000000 
# 
loop_
_pdbx_struct_conn_angle.id 
_pdbx_struct_conn_angle.ptnr1_label_atom_id 
_pdbx_struct_conn_angle.ptnr1_label_alt_id 
_pdbx_struct_conn_angle.ptnr1_label_asym_id 
_pdbx_struct_conn_angle.ptnr1_label_comp_id 
_pdbx_struct_conn_angle.ptnr1_label_seq_id 
_pdbx_struct_conn_angle.ptnr1_auth_atom_id 
_pdbx_struct_conn_angle.ptnr1_auth_asym_id 
_pdbx_struct_conn_angle.ptnr1_auth_comp_id 
_pdbx_struct_conn_angle.ptnr1_auth_seq_id 
_pdbx_struct_conn_angle.ptnr1_PDB_ins_code 
_pdbx_struct_conn_angle.ptnr1_symmetry 
_pdbx_struct_conn_angle.ptnr2_label_atom_id 
_pdbx_struct_conn_angle.ptnr2_label_alt_id 
_pdbx_struct_conn_angle.ptnr2_label_asym_id 
_pdbx_struct_conn_angle.ptnr2_label_comp_id 
_pdbx_struct_conn_angle.ptnr2_label_seq_id 
_pdbx_struct_conn_angle.ptnr2_auth_atom_id 
_pdbx_struct_conn_angle.ptnr2_auth_asym_id 
_pdbx_struct_conn_angle.ptnr2_auth_comp_id 
_pdbx_struct_conn_angle.ptnr2_auth_seq_id 
_pdbx_struct_conn_angle.ptnr2_PDB_ins_code 
_pdbx_struct_conn_angle.ptnr2_symmetry 
_pdbx_struct_conn_angle.ptnr3_label_atom_id 
_pdbx_struct_conn_angle.ptnr3_label_alt_id 
_pdbx_struct_conn_angle.ptnr3_label_asym_id 
_pdbx_struct_conn_angle.ptnr3_label_comp_id 
_pdbx_struct_conn_angle.ptnr3_label_seq_id 
_pdbx_struct_conn_angle.ptnr3_auth_atom_id 
_pdbx_struct_conn_angle.ptnr3_auth_asym_id 
_pdbx_struct_conn_angle.ptnr3_auth_comp_id 
_pdbx_struct_conn_angle.ptnr3_auth_seq_id 
_pdbx_struct_conn_angle.ptnr3_PDB_ins_code 
_pdbx_struct_conn_angle.ptnr3_symmetry 
_pdbx_struct_conn_angle.value 
_pdbx_struct_conn_angle.value_esd 
1  OG  ? A SER 19 ? A SER 19   ? 1_555 MG ? C MG . ? A MG 1201 ? 1_555 O2B ? B GDP . ? A GDP 1200 ? 1_555 91.4  ? 
2  OG  ? A SER 19 ? A SER 19   ? 1_555 MG ? C MG . ? A MG 1201 ? 1_555 O   ? D HOH . ? A HOH 1309 ? 1_555 86.8  ? 
3  O2B ? B GDP .  ? A GDP 1200 ? 1_555 MG ? C MG . ? A MG 1201 ? 1_555 O   ? D HOH . ? A HOH 1309 ? 1_555 94.5  ? 
4  OG  ? A SER 19 ? A SER 19   ? 1_555 MG ? C MG . ? A MG 1201 ? 1_555 O   ? D HOH . ? A HOH 1312 ? 1_555 177.1 ? 
5  O2B ? B GDP .  ? A GDP 1200 ? 1_555 MG ? C MG . ? A MG 1201 ? 1_555 O   ? D HOH . ? A HOH 1312 ? 1_555 90.7  ? 
6  O   ? D HOH .  ? A HOH 1309 ? 1_555 MG ? C MG . ? A MG 1201 ? 1_555 O   ? D HOH . ? A HOH 1312 ? 1_555 91.0  ? 
7  OG  ? A SER 19 ? A SER 19   ? 1_555 MG ? C MG . ? A MG 1201 ? 1_555 O   ? D HOH . ? A HOH 1318 ? 1_555 91.4  ? 
8  O2B ? B GDP .  ? A GDP 1200 ? 1_555 MG ? C MG . ? A MG 1201 ? 1_555 O   ? D HOH . ? A HOH 1318 ? 1_555 88.3  ? 
9  O   ? D HOH .  ? A HOH 1309 ? 1_555 MG ? C MG . ? A MG 1201 ? 1_555 O   ? D HOH . ? A HOH 1318 ? 1_555 176.7 ? 
10 O   ? D HOH .  ? A HOH 1312 ? 1_555 MG ? C MG . ? A MG 1201 ? 1_555 O   ? D HOH . ? A HOH 1318 ? 1_555 90.7  ? 
11 OG  ? A SER 19 ? A SER 19   ? 1_555 MG ? C MG . ? A MG 1201 ? 1_555 O   ? D HOH . ? A HOH 1339 ? 1_555 87.5  ? 
12 O2B ? B GDP .  ? A GDP 1200 ? 1_555 MG ? C MG . ? A MG 1201 ? 1_555 O   ? D HOH . ? A HOH 1339 ? 1_555 175.5 ? 
13 O   ? D HOH .  ? A HOH 1309 ? 1_555 MG ? C MG . ? A MG 1201 ? 1_555 O   ? D HOH . ? A HOH 1339 ? 1_555 89.8  ? 
14 O   ? D HOH .  ? A HOH 1312 ? 1_555 MG ? C MG . ? A MG 1201 ? 1_555 O   ? D HOH . ? A HOH 1339 ? 1_555 90.6  ? 
15 O   ? D HOH .  ? A HOH 1318 ? 1_555 MG ? C MG . ? A MG 1201 ? 1_555 O   ? D HOH . ? A HOH 1339 ? 1_555 87.3  ? 
# 
loop_
_pdbx_audit_revision_history.ordinal 
_pdbx_audit_revision_history.data_content_type 
_pdbx_audit_revision_history.major_revision 
_pdbx_audit_revision_history.minor_revision 
_pdbx_audit_revision_history.revision_date 
1 'Structure model' 1 0 2017-10-25 
2 'Structure model' 1 1 2023-11-22 
# 
_pdbx_audit_revision_details.ordinal             1 
_pdbx_audit_revision_details.revision_ordinal    1 
_pdbx_audit_revision_details.data_content_type   'Structure model' 
_pdbx_audit_revision_details.provider            repository 
_pdbx_audit_revision_details.type                'Initial release' 
_pdbx_audit_revision_details.description         ? 
_pdbx_audit_revision_details.details             ? 
# 
loop_
_pdbx_audit_revision_group.ordinal 
_pdbx_audit_revision_group.revision_ordinal 
_pdbx_audit_revision_group.data_content_type 
_pdbx_audit_revision_group.group 
1 2 'Structure model' 'Data collection'        
2 2 'Structure model' 'Database references'    
3 2 'Structure model' 'Derived calculations'   
4 2 'Structure model' 'Refinement description' 
# 
loop_
_pdbx_audit_revision_category.ordinal 
_pdbx_audit_revision_category.revision_ordinal 
_pdbx_audit_revision_category.data_content_type 
_pdbx_audit_revision_category.category 
1 2 'Structure model' chem_comp_atom                
2 2 'Structure model' chem_comp_bond                
3 2 'Structure model' database_2                    
4 2 'Structure model' pdbx_initial_refinement_model 
5 2 'Structure model' pdbx_struct_conn_angle        
6 2 'Structure model' struct_conn                   
# 
loop_
_pdbx_audit_revision_item.ordinal 
_pdbx_audit_revision_item.revision_ordinal 
_pdbx_audit_revision_item.data_content_type 
_pdbx_audit_revision_item.item 
1 2 'Structure model' '_database_2.pdbx_DOI'                      
2 2 'Structure model' '_database_2.pdbx_database_accession'       
3 2 'Structure model' '_pdbx_struct_conn_angle.ptnr1_auth_seq_id' 
4 2 'Structure model' '_pdbx_struct_conn_angle.ptnr3_auth_seq_id' 
5 2 'Structure model' '_pdbx_struct_conn_angle.value'             
6 2 'Structure model' '_struct_conn.pdbx_dist_value'              
7 2 'Structure model' '_struct_conn.ptnr2_auth_seq_id'            
# 
loop_
_software.citation_id 
_software.classification 
_software.compiler_name 
_software.compiler_version 
_software.contact_author 
_software.contact_author_email 
_software.date 
_software.description 
_software.dependencies 
_software.hardware 
_software.language 
_software.location 
_software.mods 
_software.name 
_software.os 
_software.os_version 
_software.type 
_software.version 
_software.pdbx_ordinal 
? refinement       ? ? ? ? ? ? ? ? ? ? ? PHENIX   ? ? ? '(1.10.1_2155: ???)' 1 
? 'data reduction' ? ? ? ? ? ? ? ? ? ? ? HKL-2000 ? ? ? .                    2 
? 'data scaling'   ? ? ? ? ? ? ? ? ? ? ? HKL-2000 ? ? ? .                    3 
? phasing          ? ? ? ? ? ? ? ? ? ? ? PHASER   ? ? ? .                    4 
# 
_pdbx_validate_close_contact.id               1 
_pdbx_validate_close_contact.PDB_model_num    1 
_pdbx_validate_close_contact.auth_atom_id_1   OE1 
_pdbx_validate_close_contact.auth_asym_id_1   A 
_pdbx_validate_close_contact.auth_comp_id_1   GLU 
_pdbx_validate_close_contact.auth_seq_id_1    170 
_pdbx_validate_close_contact.PDB_ins_code_1   ? 
_pdbx_validate_close_contact.label_alt_id_1   ? 
_pdbx_validate_close_contact.auth_atom_id_2   O 
_pdbx_validate_close_contact.auth_asym_id_2   A 
_pdbx_validate_close_contact.auth_comp_id_2   HOH 
_pdbx_validate_close_contact.auth_seq_id_2    1301 
_pdbx_validate_close_contact.PDB_ins_code_2   ? 
_pdbx_validate_close_contact.label_alt_id_2   ? 
_pdbx_validate_close_contact.dist             2.11 
# 
_pdbx_validate_torsion.id              1 
_pdbx_validate_torsion.PDB_model_num   1 
_pdbx_validate_torsion.auth_comp_id    LYS 
_pdbx_validate_torsion.auth_asym_id    A 
_pdbx_validate_torsion.auth_seq_id     120 
_pdbx_validate_torsion.PDB_ins_code    ? 
_pdbx_validate_torsion.label_alt_id    ? 
_pdbx_validate_torsion.phi             78.07 
_pdbx_validate_torsion.psi             32.73 
# 
_pdbx_distant_solvent_atoms.id                                1 
_pdbx_distant_solvent_atoms.PDB_model_num                     1 
_pdbx_distant_solvent_atoms.auth_atom_id                      O 
_pdbx_distant_solvent_atoms.label_alt_id                      ? 
_pdbx_distant_solvent_atoms.auth_asym_id                      A 
_pdbx_distant_solvent_atoms.auth_comp_id                      HOH 
_pdbx_distant_solvent_atoms.auth_seq_id                       1398 
_pdbx_distant_solvent_atoms.PDB_ins_code                      ? 
_pdbx_distant_solvent_atoms.neighbor_macromolecule_distance   6.13 
_pdbx_distant_solvent_atoms.neighbor_ligand_distance          . 
# 
loop_
_pdbx_unobs_or_zero_occ_residues.id 
_pdbx_unobs_or_zero_occ_residues.PDB_model_num 
_pdbx_unobs_or_zero_occ_residues.polymer_flag 
_pdbx_unobs_or_zero_occ_residues.occupancy_flag 
_pdbx_unobs_or_zero_occ_residues.auth_asym_id 
_pdbx_unobs_or_zero_occ_residues.auth_comp_id 
_pdbx_unobs_or_zero_occ_residues.auth_seq_id 
_pdbx_unobs_or_zero_occ_residues.PDB_ins_code 
_pdbx_unobs_or_zero_occ_residues.label_asym_id 
_pdbx_unobs_or_zero_occ_residues.label_comp_id 
_pdbx_unobs_or_zero_occ_residues.label_seq_id 
1 1 Y 1 A MET 1   ? A MET 1   
2 1 Y 1 A GLU 2   ? A GLU 2   
3 1 Y 1 A ASN 3   ? A ASN 3   
4 1 Y 1 A ASN 4   ? A ASN 4   
5 1 Y 1 A ILE 173 ? A ILE 173 
6 1 Y 1 A ASN 174 ? A ASN 174 
7 1 Y 1 A PRO 175 ? A PRO 175 
8 1 Y 1 A ASP 176 ? A ASP 176 
# 
loop_
_chem_comp_atom.comp_id 
_chem_comp_atom.atom_id 
_chem_comp_atom.type_symbol 
_chem_comp_atom.pdbx_aromatic_flag 
_chem_comp_atom.pdbx_stereo_config 
_chem_comp_atom.pdbx_ordinal 
ALA N      N  N N 1   
ALA CA     C  N S 2   
ALA C      C  N N 3   
ALA O      O  N N 4   
ALA CB     C  N N 5   
ALA OXT    O  N N 6   
ALA H      H  N N 7   
ALA H2     H  N N 8   
ALA HA     H  N N 9   
ALA HB1    H  N N 10  
ALA HB2    H  N N 11  
ALA HB3    H  N N 12  
ALA HXT    H  N N 13  
ARG N      N  N N 14  
ARG CA     C  N S 15  
ARG C      C  N N 16  
ARG O      O  N N 17  
ARG CB     C  N N 18  
ARG CG     C  N N 19  
ARG CD     C  N N 20  
ARG NE     N  N N 21  
ARG CZ     C  N N 22  
ARG NH1    N  N N 23  
ARG NH2    N  N N 24  
ARG OXT    O  N N 25  
ARG H      H  N N 26  
ARG H2     H  N N 27  
ARG HA     H  N N 28  
ARG HB2    H  N N 29  
ARG HB3    H  N N 30  
ARG HG2    H  N N 31  
ARG HG3    H  N N 32  
ARG HD2    H  N N 33  
ARG HD3    H  N N 34  
ARG HE     H  N N 35  
ARG HH11   H  N N 36  
ARG HH12   H  N N 37  
ARG HH21   H  N N 38  
ARG HH22   H  N N 39  
ARG HXT    H  N N 40  
ASN N      N  N N 41  
ASN CA     C  N S 42  
ASN C      C  N N 43  
ASN O      O  N N 44  
ASN CB     C  N N 45  
ASN CG     C  N N 46  
ASN OD1    O  N N 47  
ASN ND2    N  N N 48  
ASN OXT    O  N N 49  
ASN H      H  N N 50  
ASN H2     H  N N 51  
ASN HA     H  N N 52  
ASN HB2    H  N N 53  
ASN HB3    H  N N 54  
ASN HD21   H  N N 55  
ASN HD22   H  N N 56  
ASN HXT    H  N N 57  
ASP N      N  N N 58  
ASP CA     C  N S 59  
ASP C      C  N N 60  
ASP O      O  N N 61  
ASP CB     C  N N 62  
ASP CG     C  N N 63  
ASP OD1    O  N N 64  
ASP OD2    O  N N 65  
ASP OXT    O  N N 66  
ASP H      H  N N 67  
ASP H2     H  N N 68  
ASP HA     H  N N 69  
ASP HB2    H  N N 70  
ASP HB3    H  N N 71  
ASP HD2    H  N N 72  
ASP HXT    H  N N 73  
CYS N      N  N N 74  
CYS CA     C  N R 75  
CYS C      C  N N 76  
CYS O      O  N N 77  
CYS CB     C  N N 78  
CYS SG     S  N N 79  
CYS OXT    O  N N 80  
CYS H      H  N N 81  
CYS H2     H  N N 82  
CYS HA     H  N N 83  
CYS HB2    H  N N 84  
CYS HB3    H  N N 85  
CYS HG     H  N N 86  
CYS HXT    H  N N 87  
GDP PB     P  N N 88  
GDP O1B    O  N N 89  
GDP O2B    O  N N 90  
GDP O3B    O  N N 91  
GDP O3A    O  N N 92  
GDP PA     P  N N 93  
GDP O1A    O  N N 94  
GDP O2A    O  N N 95  
GDP "O5'"  O  N N 96  
GDP "C5'"  C  N N 97  
GDP "C4'"  C  N R 98  
GDP "O4'"  O  N N 99  
GDP "C3'"  C  N S 100 
GDP "O3'"  O  N N 101 
GDP "C2'"  C  N R 102 
GDP "O2'"  O  N N 103 
GDP "C1'"  C  N R 104 
GDP N9     N  Y N 105 
GDP C8     C  Y N 106 
GDP N7     N  Y N 107 
GDP C5     C  Y N 108 
GDP C6     C  N N 109 
GDP O6     O  N N 110 
GDP N1     N  N N 111 
GDP C2     C  N N 112 
GDP N2     N  N N 113 
GDP N3     N  N N 114 
GDP C4     C  Y N 115 
GDP HOB2   H  N N 116 
GDP HOB3   H  N N 117 
GDP HOA2   H  N N 118 
GDP "H5'"  H  N N 119 
GDP "H5''" H  N N 120 
GDP "H4'"  H  N N 121 
GDP "H3'"  H  N N 122 
GDP "HO3'" H  N N 123 
GDP "H2'"  H  N N 124 
GDP "HO2'" H  N N 125 
GDP "H1'"  H  N N 126 
GDP H8     H  N N 127 
GDP HN1    H  N N 128 
GDP HN21   H  N N 129 
GDP HN22   H  N N 130 
GLN N      N  N N 131 
GLN CA     C  N S 132 
GLN C      C  N N 133 
GLN O      O  N N 134 
GLN CB     C  N N 135 
GLN CG     C  N N 136 
GLN CD     C  N N 137 
GLN OE1    O  N N 138 
GLN NE2    N  N N 139 
GLN OXT    O  N N 140 
GLN H      H  N N 141 
GLN H2     H  N N 142 
GLN HA     H  N N 143 
GLN HB2    H  N N 144 
GLN HB3    H  N N 145 
GLN HG2    H  N N 146 
GLN HG3    H  N N 147 
GLN HE21   H  N N 148 
GLN HE22   H  N N 149 
GLN HXT    H  N N 150 
GLU N      N  N N 151 
GLU CA     C  N S 152 
GLU C      C  N N 153 
GLU O      O  N N 154 
GLU CB     C  N N 155 
GLU CG     C  N N 156 
GLU CD     C  N N 157 
GLU OE1    O  N N 158 
GLU OE2    O  N N 159 
GLU OXT    O  N N 160 
GLU H      H  N N 161 
GLU H2     H  N N 162 
GLU HA     H  N N 163 
GLU HB2    H  N N 164 
GLU HB3    H  N N 165 
GLU HG2    H  N N 166 
GLU HG3    H  N N 167 
GLU HE2    H  N N 168 
GLU HXT    H  N N 169 
GLY N      N  N N 170 
GLY CA     C  N N 171 
GLY C      C  N N 172 
GLY O      O  N N 173 
GLY OXT    O  N N 174 
GLY H      H  N N 175 
GLY H2     H  N N 176 
GLY HA2    H  N N 177 
GLY HA3    H  N N 178 
GLY HXT    H  N N 179 
HIS N      N  N N 180 
HIS CA     C  N S 181 
HIS C      C  N N 182 
HIS O      O  N N 183 
HIS CB     C  N N 184 
HIS CG     C  Y N 185 
HIS ND1    N  Y N 186 
HIS CD2    C  Y N 187 
HIS CE1    C  Y N 188 
HIS NE2    N  Y N 189 
HIS OXT    O  N N 190 
HIS H      H  N N 191 
HIS H2     H  N N 192 
HIS HA     H  N N 193 
HIS HB2    H  N N 194 
HIS HB3    H  N N 195 
HIS HD1    H  N N 196 
HIS HD2    H  N N 197 
HIS HE1    H  N N 198 
HIS HE2    H  N N 199 
HIS HXT    H  N N 200 
HOH O      O  N N 201 
HOH H1     H  N N 202 
HOH H2     H  N N 203 
ILE N      N  N N 204 
ILE CA     C  N S 205 
ILE C      C  N N 206 
ILE O      O  N N 207 
ILE CB     C  N S 208 
ILE CG1    C  N N 209 
ILE CG2    C  N N 210 
ILE CD1    C  N N 211 
ILE OXT    O  N N 212 
ILE H      H  N N 213 
ILE H2     H  N N 214 
ILE HA     H  N N 215 
ILE HB     H  N N 216 
ILE HG12   H  N N 217 
ILE HG13   H  N N 218 
ILE HG21   H  N N 219 
ILE HG22   H  N N 220 
ILE HG23   H  N N 221 
ILE HD11   H  N N 222 
ILE HD12   H  N N 223 
ILE HD13   H  N N 224 
ILE HXT    H  N N 225 
LEU N      N  N N 226 
LEU CA     C  N S 227 
LEU C      C  N N 228 
LEU O      O  N N 229 
LEU CB     C  N N 230 
LEU CG     C  N N 231 
LEU CD1    C  N N 232 
LEU CD2    C  N N 233 
LEU OXT    O  N N 234 
LEU H      H  N N 235 
LEU H2     H  N N 236 
LEU HA     H  N N 237 
LEU HB2    H  N N 238 
LEU HB3    H  N N 239 
LEU HG     H  N N 240 
LEU HD11   H  N N 241 
LEU HD12   H  N N 242 
LEU HD13   H  N N 243 
LEU HD21   H  N N 244 
LEU HD22   H  N N 245 
LEU HD23   H  N N 246 
LEU HXT    H  N N 247 
LYS N      N  N N 248 
LYS CA     C  N S 249 
LYS C      C  N N 250 
LYS O      O  N N 251 
LYS CB     C  N N 252 
LYS CG     C  N N 253 
LYS CD     C  N N 254 
LYS CE     C  N N 255 
LYS NZ     N  N N 256 
LYS OXT    O  N N 257 
LYS H      H  N N 258 
LYS H2     H  N N 259 
LYS HA     H  N N 260 
LYS HB2    H  N N 261 
LYS HB3    H  N N 262 
LYS HG2    H  N N 263 
LYS HG3    H  N N 264 
LYS HD2    H  N N 265 
LYS HD3    H  N N 266 
LYS HE2    H  N N 267 
LYS HE3    H  N N 268 
LYS HZ1    H  N N 269 
LYS HZ2    H  N N 270 
LYS HZ3    H  N N 271 
LYS HXT    H  N N 272 
MET N      N  N N 273 
MET CA     C  N S 274 
MET C      C  N N 275 
MET O      O  N N 276 
MET CB     C  N N 277 
MET CG     C  N N 278 
MET SD     S  N N 279 
MET CE     C  N N 280 
MET OXT    O  N N 281 
MET H      H  N N 282 
MET H2     H  N N 283 
MET HA     H  N N 284 
MET HB2    H  N N 285 
MET HB3    H  N N 286 
MET HG2    H  N N 287 
MET HG3    H  N N 288 
MET HE1    H  N N 289 
MET HE2    H  N N 290 
MET HE3    H  N N 291 
MET HXT    H  N N 292 
MG  MG     MG N N 293 
PHE N      N  N N 294 
PHE CA     C  N S 295 
PHE C      C  N N 296 
PHE O      O  N N 297 
PHE CB     C  N N 298 
PHE CG     C  Y N 299 
PHE CD1    C  Y N 300 
PHE CD2    C  Y N 301 
PHE CE1    C  Y N 302 
PHE CE2    C  Y N 303 
PHE CZ     C  Y N 304 
PHE OXT    O  N N 305 
PHE H      H  N N 306 
PHE H2     H  N N 307 
PHE HA     H  N N 308 
PHE HB2    H  N N 309 
PHE HB3    H  N N 310 
PHE HD1    H  N N 311 
PHE HD2    H  N N 312 
PHE HE1    H  N N 313 
PHE HE2    H  N N 314 
PHE HZ     H  N N 315 
PHE HXT    H  N N 316 
PRO N      N  N N 317 
PRO CA     C  N S 318 
PRO C      C  N N 319 
PRO O      O  N N 320 
PRO CB     C  N N 321 
PRO CG     C  N N 322 
PRO CD     C  N N 323 
PRO OXT    O  N N 324 
PRO H      H  N N 325 
PRO HA     H  N N 326 
PRO HB2    H  N N 327 
PRO HB3    H  N N 328 
PRO HG2    H  N N 329 
PRO HG3    H  N N 330 
PRO HD2    H  N N 331 
PRO HD3    H  N N 332 
PRO HXT    H  N N 333 
SER N      N  N N 334 
SER CA     C  N S 335 
SER C      C  N N 336 
SER O      O  N N 337 
SER CB     C  N N 338 
SER OG     O  N N 339 
SER OXT    O  N N 340 
SER H      H  N N 341 
SER H2     H  N N 342 
SER HA     H  N N 343 
SER HB2    H  N N 344 
SER HB3    H  N N 345 
SER HG     H  N N 346 
SER HXT    H  N N 347 
THR N      N  N N 348 
THR CA     C  N S 349 
THR C      C  N N 350 
THR O      O  N N 351 
THR CB     C  N R 352 
THR OG1    O  N N 353 
THR CG2    C  N N 354 
THR OXT    O  N N 355 
THR H      H  N N 356 
THR H2     H  N N 357 
THR HA     H  N N 358 
THR HB     H  N N 359 
THR HG1    H  N N 360 
THR HG21   H  N N 361 
THR HG22   H  N N 362 
THR HG23   H  N N 363 
THR HXT    H  N N 364 
TRP N      N  N N 365 
TRP CA     C  N S 366 
TRP C      C  N N 367 
TRP O      O  N N 368 
TRP CB     C  N N 369 
TRP CG     C  Y N 370 
TRP CD1    C  Y N 371 
TRP CD2    C  Y N 372 
TRP NE1    N  Y N 373 
TRP CE2    C  Y N 374 
TRP CE3    C  Y N 375 
TRP CZ2    C  Y N 376 
TRP CZ3    C  Y N 377 
TRP CH2    C  Y N 378 
TRP OXT    O  N N 379 
TRP H      H  N N 380 
TRP H2     H  N N 381 
TRP HA     H  N N 382 
TRP HB2    H  N N 383 
TRP HB3    H  N N 384 
TRP HD1    H  N N 385 
TRP HE1    H  N N 386 
TRP HE3    H  N N 387 
TRP HZ2    H  N N 388 
TRP HZ3    H  N N 389 
TRP HH2    H  N N 390 
TRP HXT    H  N N 391 
TYR N      N  N N 392 
TYR CA     C  N S 393 
TYR C      C  N N 394 
TYR O      O  N N 395 
TYR CB     C  N N 396 
TYR CG     C  Y N 397 
TYR CD1    C  Y N 398 
TYR CD2    C  Y N 399 
TYR CE1    C  Y N 400 
TYR CE2    C  Y N 401 
TYR CZ     C  Y N 402 
TYR OH     O  N N 403 
TYR OXT    O  N N 404 
TYR H      H  N N 405 
TYR H2     H  N N 406 
TYR HA     H  N N 407 
TYR HB2    H  N N 408 
TYR HB3    H  N N 409 
TYR HD1    H  N N 410 
TYR HD2    H  N N 411 
TYR HE1    H  N N 412 
TYR HE2    H  N N 413 
TYR HH     H  N N 414 
TYR HXT    H  N N 415 
VAL N      N  N N 416 
VAL CA     C  N S 417 
VAL C      C  N N 418 
VAL O      O  N N 419 
VAL CB     C  N N 420 
VAL CG1    C  N N 421 
VAL CG2    C  N N 422 
VAL OXT    O  N N 423 
VAL H      H  N N 424 
VAL H2     H  N N 425 
VAL HA     H  N N 426 
VAL HB     H  N N 427 
VAL HG11   H  N N 428 
VAL HG12   H  N N 429 
VAL HG13   H  N N 430 
VAL HG21   H  N N 431 
VAL HG22   H  N N 432 
VAL HG23   H  N N 433 
VAL HXT    H  N N 434 
# 
loop_
_chem_comp_bond.comp_id 
_chem_comp_bond.atom_id_1 
_chem_comp_bond.atom_id_2 
_chem_comp_bond.value_order 
_chem_comp_bond.pdbx_aromatic_flag 
_chem_comp_bond.pdbx_stereo_config 
_chem_comp_bond.pdbx_ordinal 
ALA N     CA     sing N N 1   
ALA N     H      sing N N 2   
ALA N     H2     sing N N 3   
ALA CA    C      sing N N 4   
ALA CA    CB     sing N N 5   
ALA CA    HA     sing N N 6   
ALA C     O      doub N N 7   
ALA C     OXT    sing N N 8   
ALA CB    HB1    sing N N 9   
ALA CB    HB2    sing N N 10  
ALA CB    HB3    sing N N 11  
ALA OXT   HXT    sing N N 12  
ARG N     CA     sing N N 13  
ARG N     H      sing N N 14  
ARG N     H2     sing N N 15  
ARG CA    C      sing N N 16  
ARG CA    CB     sing N N 17  
ARG CA    HA     sing N N 18  
ARG C     O      doub N N 19  
ARG C     OXT    sing N N 20  
ARG CB    CG     sing N N 21  
ARG CB    HB2    sing N N 22  
ARG CB    HB3    sing N N 23  
ARG CG    CD     sing N N 24  
ARG CG    HG2    sing N N 25  
ARG CG    HG3    sing N N 26  
ARG CD    NE     sing N N 27  
ARG CD    HD2    sing N N 28  
ARG CD    HD3    sing N N 29  
ARG NE    CZ     sing N N 30  
ARG NE    HE     sing N N 31  
ARG CZ    NH1    sing N N 32  
ARG CZ    NH2    doub N N 33  
ARG NH1   HH11   sing N N 34  
ARG NH1   HH12   sing N N 35  
ARG NH2   HH21   sing N N 36  
ARG NH2   HH22   sing N N 37  
ARG OXT   HXT    sing N N 38  
ASN N     CA     sing N N 39  
ASN N     H      sing N N 40  
ASN N     H2     sing N N 41  
ASN CA    C      sing N N 42  
ASN CA    CB     sing N N 43  
ASN CA    HA     sing N N 44  
ASN C     O      doub N N 45  
ASN C     OXT    sing N N 46  
ASN CB    CG     sing N N 47  
ASN CB    HB2    sing N N 48  
ASN CB    HB3    sing N N 49  
ASN CG    OD1    doub N N 50  
ASN CG    ND2    sing N N 51  
ASN ND2   HD21   sing N N 52  
ASN ND2   HD22   sing N N 53  
ASN OXT   HXT    sing N N 54  
ASP N     CA     sing N N 55  
ASP N     H      sing N N 56  
ASP N     H2     sing N N 57  
ASP CA    C      sing N N 58  
ASP CA    CB     sing N N 59  
ASP CA    HA     sing N N 60  
ASP C     O      doub N N 61  
ASP C     OXT    sing N N 62  
ASP CB    CG     sing N N 63  
ASP CB    HB2    sing N N 64  
ASP CB    HB3    sing N N 65  
ASP CG    OD1    doub N N 66  
ASP CG    OD2    sing N N 67  
ASP OD2   HD2    sing N N 68  
ASP OXT   HXT    sing N N 69  
CYS N     CA     sing N N 70  
CYS N     H      sing N N 71  
CYS N     H2     sing N N 72  
CYS CA    C      sing N N 73  
CYS CA    CB     sing N N 74  
CYS CA    HA     sing N N 75  
CYS C     O      doub N N 76  
CYS C     OXT    sing N N 77  
CYS CB    SG     sing N N 78  
CYS CB    HB2    sing N N 79  
CYS CB    HB3    sing N N 80  
CYS SG    HG     sing N N 81  
CYS OXT   HXT    sing N N 82  
GDP PB    O1B    doub N N 83  
GDP PB    O2B    sing N N 84  
GDP PB    O3B    sing N N 85  
GDP PB    O3A    sing N N 86  
GDP O2B   HOB2   sing N N 87  
GDP O3B   HOB3   sing N N 88  
GDP O3A   PA     sing N N 89  
GDP PA    O1A    doub N N 90  
GDP PA    O2A    sing N N 91  
GDP PA    "O5'"  sing N N 92  
GDP O2A   HOA2   sing N N 93  
GDP "O5'" "C5'"  sing N N 94  
GDP "C5'" "C4'"  sing N N 95  
GDP "C5'" "H5'"  sing N N 96  
GDP "C5'" "H5''" sing N N 97  
GDP "C4'" "O4'"  sing N N 98  
GDP "C4'" "C3'"  sing N N 99  
GDP "C4'" "H4'"  sing N N 100 
GDP "O4'" "C1'"  sing N N 101 
GDP "C3'" "O3'"  sing N N 102 
GDP "C3'" "C2'"  sing N N 103 
GDP "C3'" "H3'"  sing N N 104 
GDP "O3'" "HO3'" sing N N 105 
GDP "C2'" "O2'"  sing N N 106 
GDP "C2'" "C1'"  sing N N 107 
GDP "C2'" "H2'"  sing N N 108 
GDP "O2'" "HO2'" sing N N 109 
GDP "C1'" N9     sing N N 110 
GDP "C1'" "H1'"  sing N N 111 
GDP N9    C8     sing Y N 112 
GDP N9    C4     sing Y N 113 
GDP C8    N7     doub Y N 114 
GDP C8    H8     sing N N 115 
GDP N7    C5     sing Y N 116 
GDP C5    C6     sing N N 117 
GDP C5    C4     doub Y N 118 
GDP C6    O6     doub N N 119 
GDP C6    N1     sing N N 120 
GDP N1    C2     sing N N 121 
GDP N1    HN1    sing N N 122 
GDP C2    N2     sing N N 123 
GDP C2    N3     doub N N 124 
GDP N2    HN21   sing N N 125 
GDP N2    HN22   sing N N 126 
GDP N3    C4     sing N N 127 
GLN N     CA     sing N N 128 
GLN N     H      sing N N 129 
GLN N     H2     sing N N 130 
GLN CA    C      sing N N 131 
GLN CA    CB     sing N N 132 
GLN CA    HA     sing N N 133 
GLN C     O      doub N N 134 
GLN C     OXT    sing N N 135 
GLN CB    CG     sing N N 136 
GLN CB    HB2    sing N N 137 
GLN CB    HB3    sing N N 138 
GLN CG    CD     sing N N 139 
GLN CG    HG2    sing N N 140 
GLN CG    HG3    sing N N 141 
GLN CD    OE1    doub N N 142 
GLN CD    NE2    sing N N 143 
GLN NE2   HE21   sing N N 144 
GLN NE2   HE22   sing N N 145 
GLN OXT   HXT    sing N N 146 
GLU N     CA     sing N N 147 
GLU N     H      sing N N 148 
GLU N     H2     sing N N 149 
GLU CA    C      sing N N 150 
GLU CA    CB     sing N N 151 
GLU CA    HA     sing N N 152 
GLU C     O      doub N N 153 
GLU C     OXT    sing N N 154 
GLU CB    CG     sing N N 155 
GLU CB    HB2    sing N N 156 
GLU CB    HB3    sing N N 157 
GLU CG    CD     sing N N 158 
GLU CG    HG2    sing N N 159 
GLU CG    HG3    sing N N 160 
GLU CD    OE1    doub N N 161 
GLU CD    OE2    sing N N 162 
GLU OE2   HE2    sing N N 163 
GLU OXT   HXT    sing N N 164 
GLY N     CA     sing N N 165 
GLY N     H      sing N N 166 
GLY N     H2     sing N N 167 
GLY CA    C      sing N N 168 
GLY CA    HA2    sing N N 169 
GLY CA    HA3    sing N N 170 
GLY C     O      doub N N 171 
GLY C     OXT    sing N N 172 
GLY OXT   HXT    sing N N 173 
HIS N     CA     sing N N 174 
HIS N     H      sing N N 175 
HIS N     H2     sing N N 176 
HIS CA    C      sing N N 177 
HIS CA    CB     sing N N 178 
HIS CA    HA     sing N N 179 
HIS C     O      doub N N 180 
HIS C     OXT    sing N N 181 
HIS CB    CG     sing N N 182 
HIS CB    HB2    sing N N 183 
HIS CB    HB3    sing N N 184 
HIS CG    ND1    sing Y N 185 
HIS CG    CD2    doub Y N 186 
HIS ND1   CE1    doub Y N 187 
HIS ND1   HD1    sing N N 188 
HIS CD2   NE2    sing Y N 189 
HIS CD2   HD2    sing N N 190 
HIS CE1   NE2    sing Y N 191 
HIS CE1   HE1    sing N N 192 
HIS NE2   HE2    sing N N 193 
HIS OXT   HXT    sing N N 194 
HOH O     H1     sing N N 195 
HOH O     H2     sing N N 196 
ILE N     CA     sing N N 197 
ILE N     H      sing N N 198 
ILE N     H2     sing N N 199 
ILE CA    C      sing N N 200 
ILE CA    CB     sing N N 201 
ILE CA    HA     sing N N 202 
ILE C     O      doub N N 203 
ILE C     OXT    sing N N 204 
ILE CB    CG1    sing N N 205 
ILE CB    CG2    sing N N 206 
ILE CB    HB     sing N N 207 
ILE CG1   CD1    sing N N 208 
ILE CG1   HG12   sing N N 209 
ILE CG1   HG13   sing N N 210 
ILE CG2   HG21   sing N N 211 
ILE CG2   HG22   sing N N 212 
ILE CG2   HG23   sing N N 213 
ILE CD1   HD11   sing N N 214 
ILE CD1   HD12   sing N N 215 
ILE CD1   HD13   sing N N 216 
ILE OXT   HXT    sing N N 217 
LEU N     CA     sing N N 218 
LEU N     H      sing N N 219 
LEU N     H2     sing N N 220 
LEU CA    C      sing N N 221 
LEU CA    CB     sing N N 222 
LEU CA    HA     sing N N 223 
LEU C     O      doub N N 224 
LEU C     OXT    sing N N 225 
LEU CB    CG     sing N N 226 
LEU CB    HB2    sing N N 227 
LEU CB    HB3    sing N N 228 
LEU CG    CD1    sing N N 229 
LEU CG    CD2    sing N N 230 
LEU CG    HG     sing N N 231 
LEU CD1   HD11   sing N N 232 
LEU CD1   HD12   sing N N 233 
LEU CD1   HD13   sing N N 234 
LEU CD2   HD21   sing N N 235 
LEU CD2   HD22   sing N N 236 
LEU CD2   HD23   sing N N 237 
LEU OXT   HXT    sing N N 238 
LYS N     CA     sing N N 239 
LYS N     H      sing N N 240 
LYS N     H2     sing N N 241 
LYS CA    C      sing N N 242 
LYS CA    CB     sing N N 243 
LYS CA    HA     sing N N 244 
LYS C     O      doub N N 245 
LYS C     OXT    sing N N 246 
LYS CB    CG     sing N N 247 
LYS CB    HB2    sing N N 248 
LYS CB    HB3    sing N N 249 
LYS CG    CD     sing N N 250 
LYS CG    HG2    sing N N 251 
LYS CG    HG3    sing N N 252 
LYS CD    CE     sing N N 253 
LYS CD    HD2    sing N N 254 
LYS CD    HD3    sing N N 255 
LYS CE    NZ     sing N N 256 
LYS CE    HE2    sing N N 257 
LYS CE    HE3    sing N N 258 
LYS NZ    HZ1    sing N N 259 
LYS NZ    HZ2    sing N N 260 
LYS NZ    HZ3    sing N N 261 
LYS OXT   HXT    sing N N 262 
MET N     CA     sing N N 263 
MET N     H      sing N N 264 
MET N     H2     sing N N 265 
MET CA    C      sing N N 266 
MET CA    CB     sing N N 267 
MET CA    HA     sing N N 268 
MET C     O      doub N N 269 
MET C     OXT    sing N N 270 
MET CB    CG     sing N N 271 
MET CB    HB2    sing N N 272 
MET CB    HB3    sing N N 273 
MET CG    SD     sing N N 274 
MET CG    HG2    sing N N 275 
MET CG    HG3    sing N N 276 
MET SD    CE     sing N N 277 
MET CE    HE1    sing N N 278 
MET CE    HE2    sing N N 279 
MET CE    HE3    sing N N 280 
MET OXT   HXT    sing N N 281 
PHE N     CA     sing N N 282 
PHE N     H      sing N N 283 
PHE N     H2     sing N N 284 
PHE CA    C      sing N N 285 
PHE CA    CB     sing N N 286 
PHE CA    HA     sing N N 287 
PHE C     O      doub N N 288 
PHE C     OXT    sing N N 289 
PHE CB    CG     sing N N 290 
PHE CB    HB2    sing N N 291 
PHE CB    HB3    sing N N 292 
PHE CG    CD1    doub Y N 293 
PHE CG    CD2    sing Y N 294 
PHE CD1   CE1    sing Y N 295 
PHE CD1   HD1    sing N N 296 
PHE CD2   CE2    doub Y N 297 
PHE CD2   HD2    sing N N 298 
PHE CE1   CZ     doub Y N 299 
PHE CE1   HE1    sing N N 300 
PHE CE2   CZ     sing Y N 301 
PHE CE2   HE2    sing N N 302 
PHE CZ    HZ     sing N N 303 
PHE OXT   HXT    sing N N 304 
PRO N     CA     sing N N 305 
PRO N     CD     sing N N 306 
PRO N     H      sing N N 307 
PRO CA    C      sing N N 308 
PRO CA    CB     sing N N 309 
PRO CA    HA     sing N N 310 
PRO C     O      doub N N 311 
PRO C     OXT    sing N N 312 
PRO CB    CG     sing N N 313 
PRO CB    HB2    sing N N 314 
PRO CB    HB3    sing N N 315 
PRO CG    CD     sing N N 316 
PRO CG    HG2    sing N N 317 
PRO CG    HG3    sing N N 318 
PRO CD    HD2    sing N N 319 
PRO CD    HD3    sing N N 320 
PRO OXT   HXT    sing N N 321 
SER N     CA     sing N N 322 
SER N     H      sing N N 323 
SER N     H2     sing N N 324 
SER CA    C      sing N N 325 
SER CA    CB     sing N N 326 
SER CA    HA     sing N N 327 
SER C     O      doub N N 328 
SER C     OXT    sing N N 329 
SER CB    OG     sing N N 330 
SER CB    HB2    sing N N 331 
SER CB    HB3    sing N N 332 
SER OG    HG     sing N N 333 
SER OXT   HXT    sing N N 334 
THR N     CA     sing N N 335 
THR N     H      sing N N 336 
THR N     H2     sing N N 337 
THR CA    C      sing N N 338 
THR CA    CB     sing N N 339 
THR CA    HA     sing N N 340 
THR C     O      doub N N 341 
THR C     OXT    sing N N 342 
THR CB    OG1    sing N N 343 
THR CB    CG2    sing N N 344 
THR CB    HB     sing N N 345 
THR OG1   HG1    sing N N 346 
THR CG2   HG21   sing N N 347 
THR CG2   HG22   sing N N 348 
THR CG2   HG23   sing N N 349 
THR OXT   HXT    sing N N 350 
TRP N     CA     sing N N 351 
TRP N     H      sing N N 352 
TRP N     H2     sing N N 353 
TRP CA    C      sing N N 354 
TRP CA    CB     sing N N 355 
TRP CA    HA     sing N N 356 
TRP C     O      doub N N 357 
TRP C     OXT    sing N N 358 
TRP CB    CG     sing N N 359 
TRP CB    HB2    sing N N 360 
TRP CB    HB3    sing N N 361 
TRP CG    CD1    doub Y N 362 
TRP CG    CD2    sing Y N 363 
TRP CD1   NE1    sing Y N 364 
TRP CD1   HD1    sing N N 365 
TRP CD2   CE2    doub Y N 366 
TRP CD2   CE3    sing Y N 367 
TRP NE1   CE2    sing Y N 368 
TRP NE1   HE1    sing N N 369 
TRP CE2   CZ2    sing Y N 370 
TRP CE3   CZ3    doub Y N 371 
TRP CE3   HE3    sing N N 372 
TRP CZ2   CH2    doub Y N 373 
TRP CZ2   HZ2    sing N N 374 
TRP CZ3   CH2    sing Y N 375 
TRP CZ3   HZ3    sing N N 376 
TRP CH2   HH2    sing N N 377 
TRP OXT   HXT    sing N N 378 
TYR N     CA     sing N N 379 
TYR N     H      sing N N 380 
TYR N     H2     sing N N 381 
TYR CA    C      sing N N 382 
TYR CA    CB     sing N N 383 
TYR CA    HA     sing N N 384 
TYR C     O      doub N N 385 
TYR C     OXT    sing N N 386 
TYR CB    CG     sing N N 387 
TYR CB    HB2    sing N N 388 
TYR CB    HB3    sing N N 389 
TYR CG    CD1    doub Y N 390 
TYR CG    CD2    sing Y N 391 
TYR CD1   CE1    sing Y N 392 
TYR CD1   HD1    sing N N 393 
TYR CD2   CE2    doub Y N 394 
TYR CD2   HD2    sing N N 395 
TYR CE1   CZ     doub Y N 396 
TYR CE1   HE1    sing N N 397 
TYR CE2   CZ     sing Y N 398 
TYR CE2   HE2    sing N N 399 
TYR CZ    OH     sing N N 400 
TYR OH    HH     sing N N 401 
TYR OXT   HXT    sing N N 402 
VAL N     CA     sing N N 403 
VAL N     H      sing N N 404 
VAL N     H2     sing N N 405 
VAL CA    C      sing N N 406 
VAL CA    CB     sing N N 407 
VAL CA    HA     sing N N 408 
VAL C     O      doub N N 409 
VAL C     OXT    sing N N 410 
VAL CB    CG1    sing N N 411 
VAL CB    CG2    sing N N 412 
VAL CB    HB     sing N N 413 
VAL CG1   HG11   sing N N 414 
VAL CG1   HG12   sing N N 415 
VAL CG1   HG13   sing N N 416 
VAL CG2   HG21   sing N N 417 
VAL CG2   HG22   sing N N 418 
VAL CG2   HG23   sing N N 419 
VAL OXT   HXT    sing N N 420 
# 
loop_
_pdbx_audit_support.funding_organization 
_pdbx_audit_support.country 
_pdbx_audit_support.grant_number 
_pdbx_audit_support.ordinal 
'National Research Foundation of Korea' 'Korea, Republic Of' 2015M3A9B5030308 1 
'National Research Foundation of Korea' 'Korea, Republic Of' 2016M3A6B2941317 2 
'KRIBB Research Initiative Programs'    'Korea, Republic Of' ?                3 
# 
loop_
_pdbx_entity_nonpoly.entity_id 
_pdbx_entity_nonpoly.name 
_pdbx_entity_nonpoly.comp_id 
2 "GUANOSINE-5'-DIPHOSPHATE" GDP 
3 'MAGNESIUM ION'            MG  
4 water                      HOH 
# 
_pdbx_initial_refinement_model.id               1 
_pdbx_initial_refinement_model.entity_id_list   ? 
_pdbx_initial_refinement_model.type             'experimental model' 
_pdbx_initial_refinement_model.source_name      PDB 
_pdbx_initial_refinement_model.accession_code   1TU4 
_pdbx_initial_refinement_model.details          ? 
# 
_pdbx_struct_assembly_auth_evidence.id                     1 
_pdbx_struct_assembly_auth_evidence.assembly_id            1 
_pdbx_struct_assembly_auth_evidence.experimental_support   'gel filtration' 
_pdbx_struct_assembly_auth_evidence.details                ? 
# 
